data_1X59
#
_entry.id   1X59
#
_entity_poly.entity_id   1
_entity_poly.type   'polypeptide(L)'
_entity_poly.pdbx_seq_one_letter_code
;GSSGSSGMAERAALEELVKLQGERVRGLKQQKASAELIEEEVAKLLKLKAQLGPDESKQKFVLKTPKSGPSSG
;
_entity_poly.pdbx_strand_id   A
#
# COMPACT_ATOMS: atom_id res chain seq x y z
N GLY A 1 -1.91 6.60 -7.05
CA GLY A 1 -1.90 7.13 -5.68
C GLY A 1 -3.12 6.67 -4.90
N SER A 2 -4.29 7.23 -5.22
CA SER A 2 -5.59 6.67 -4.91
C SER A 2 -6.48 6.97 -6.12
N SER A 3 -6.64 6.00 -7.02
CA SER A 3 -7.28 6.17 -8.31
C SER A 3 -7.75 4.80 -8.84
N GLY A 4 -8.68 4.84 -9.79
CA GLY A 4 -9.27 3.70 -10.49
C GLY A 4 -10.38 3.06 -9.69
N SER A 5 -11.18 2.20 -10.33
CA SER A 5 -12.00 1.24 -9.62
C SER A 5 -12.14 -0.02 -10.48
N SER A 6 -11.71 -1.16 -9.95
CA SER A 6 -11.67 -2.46 -10.61
C SER A 6 -11.06 -2.44 -12.03
N GLY A 7 -10.12 -1.54 -12.29
CA GLY A 7 -9.13 -1.71 -13.35
C GLY A 7 -8.22 -2.87 -12.95
N MET A 8 -8.05 -3.85 -13.84
CA MET A 8 -7.07 -4.91 -13.63
C MET A 8 -5.67 -4.32 -13.79
N ALA A 9 -5.44 -3.52 -14.83
CA ALA A 9 -4.15 -2.88 -15.06
C ALA A 9 -3.80 -1.93 -13.91
N GLU A 10 -4.77 -1.17 -13.39
CA GLU A 10 -4.55 -0.35 -12.21
C GLU A 10 -4.18 -1.21 -11.00
N ARG A 11 -4.81 -2.37 -10.81
CA ARG A 11 -4.46 -3.28 -9.73
C ARG A 11 -3.05 -3.82 -9.93
N ALA A 12 -2.66 -4.20 -11.15
CA ALA A 12 -1.30 -4.66 -11.43
C ALA A 12 -0.27 -3.57 -11.10
N ALA A 13 -0.52 -2.32 -11.47
CA ALA A 13 0.36 -1.20 -11.16
C ALA A 13 0.41 -0.91 -9.65
N LEU A 14 -0.70 -1.10 -8.94
CA LEU A 14 -0.77 -0.95 -7.49
C LEU A 14 0.03 -2.07 -6.82
N GLU A 15 -0.15 -3.30 -7.28
CA GLU A 15 0.55 -4.48 -6.81
C GLU A 15 2.06 -4.32 -7.09
N GLU A 16 2.42 -3.65 -8.18
CA GLU A 16 3.79 -3.25 -8.45
C GLU A 16 4.30 -2.36 -7.32
N LEU A 17 3.55 -1.34 -6.90
CA LEU A 17 3.94 -0.50 -5.77
C LEU A 17 4.10 -1.38 -4.53
N VAL A 18 3.18 -2.31 -4.27
CA VAL A 18 3.29 -3.20 -3.12
C VAL A 18 4.59 -4.01 -3.20
N LYS A 19 4.86 -4.65 -4.35
CA LYS A 19 6.04 -5.45 -4.59
C LYS A 19 7.28 -4.61 -4.37
N LEU A 20 7.42 -3.50 -5.08
CA LEU A 20 8.59 -2.66 -5.09
C LEU A 20 8.81 -2.03 -3.72
N GLN A 21 7.74 -1.62 -3.02
CA GLN A 21 7.83 -1.14 -1.65
C GLN A 21 8.35 -2.28 -0.75
N GLY A 22 7.79 -3.49 -0.86
CA GLY A 22 8.17 -4.63 -0.05
C GLY A 22 9.59 -5.12 -0.34
N GLU A 23 10.03 -5.08 -1.59
CA GLU A 23 11.40 -5.38 -2.00
C GLU A 23 12.35 -4.30 -1.48
N ARG A 24 12.01 -3.01 -1.65
CA ARG A 24 12.86 -1.94 -1.15
C ARG A 24 13.01 -2.06 0.36
N VAL A 25 11.92 -2.26 1.11
CA VAL A 25 11.94 -2.49 2.56
C VAL A 25 12.85 -3.66 2.92
N ARG A 26 12.80 -4.78 2.20
CA ARG A 26 13.63 -5.94 2.46
C ARG A 26 15.09 -5.53 2.26
N GLY A 27 15.38 -4.87 1.14
CA GLY A 27 16.68 -4.29 0.89
C GLY A 27 17.09 -3.37 2.03
N LEU A 28 16.26 -2.43 2.47
CA LEU A 28 16.64 -1.47 3.51
C LEU A 28 17.05 -2.17 4.80
N LYS A 29 16.30 -3.19 5.21
CA LYS A 29 16.59 -3.99 6.39
C LYS A 29 17.94 -4.68 6.24
N GLN A 30 18.27 -5.20 5.05
CA GLN A 30 19.57 -5.74 4.73
C GLN A 30 20.64 -4.64 4.74
N GLN A 31 20.37 -3.45 4.17
CA GLN A 31 21.36 -2.44 3.81
C GLN A 31 21.79 -1.62 5.02
N LYS A 32 21.28 -1.94 6.22
CA LYS A 32 21.36 -1.09 7.41
C LYS A 32 21.06 0.37 7.07
N ALA A 33 19.94 0.63 6.38
CA ALA A 33 19.44 1.99 6.25
C ALA A 33 18.90 2.46 7.61
N SER A 34 18.53 3.74 7.72
CA SER A 34 17.84 4.29 8.89
C SER A 34 16.67 3.38 9.27
N ALA A 35 16.67 2.86 10.50
CA ALA A 35 15.53 2.14 11.07
C ALA A 35 14.28 3.03 11.09
N GLU A 36 14.51 4.34 11.18
CA GLU A 36 13.50 5.38 11.19
C GLU A 36 12.81 5.57 9.82
N LEU A 37 13.53 5.29 8.74
CA LEU A 37 12.99 5.23 7.38
C LEU A 37 12.30 3.89 7.18
N ILE A 38 12.95 2.80 7.56
CA ILE A 38 12.42 1.44 7.46
C ILE A 38 10.99 1.40 7.97
N GLU A 39 10.71 1.76 9.23
CA GLU A 39 9.35 1.68 9.74
C GLU A 39 8.36 2.60 9.04
N GLU A 40 8.82 3.67 8.42
CA GLU A 40 7.99 4.60 7.67
C GLU A 40 7.64 4.01 6.31
N GLU A 41 8.61 3.36 5.67
CA GLU A 41 8.45 2.67 4.41
C GLU A 41 7.65 1.37 4.59
N VAL A 42 7.70 0.77 5.78
CA VAL A 42 6.88 -0.35 6.21
C VAL A 42 5.45 0.11 6.49
N ALA A 43 5.24 1.30 7.06
CA ALA A 43 3.93 1.89 7.24
C ALA A 43 3.31 2.20 5.88
N LYS A 44 4.09 2.69 4.91
CA LYS A 44 3.63 2.84 3.54
C LYS A 44 3.31 1.48 2.91
N LEU A 45 4.12 0.45 3.18
CA LEU A 45 3.83 -0.91 2.75
C LEU A 45 2.52 -1.42 3.37
N LEU A 46 2.17 -1.02 4.60
CA LEU A 46 0.89 -1.30 5.25
C LEU A 46 -0.24 -0.53 4.56
N LYS A 47 -0.12 0.79 4.43
CA LYS A 47 -1.12 1.68 3.82
C LYS A 47 -1.53 1.17 2.45
N LEU A 48 -0.55 0.98 1.56
CA LEU A 48 -0.82 0.49 0.20
C LEU A 48 -1.54 -0.86 0.24
N LYS A 49 -1.03 -1.88 0.94
CA LYS A 49 -1.74 -3.17 1.03
C LYS A 49 -3.16 -3.00 1.55
N ALA A 50 -3.38 -2.09 2.50
CA ALA A 50 -4.68 -1.79 3.07
C ALA A 50 -5.61 -1.06 2.09
N GLN A 51 -5.16 -0.71 0.88
CA GLN A 51 -6.00 -0.28 -0.22
C GLN A 51 -6.34 -1.45 -1.15
N LEU A 52 -5.37 -2.32 -1.45
CA LEU A 52 -5.59 -3.57 -2.20
C LEU A 52 -6.66 -4.43 -1.50
N GLY A 53 -6.48 -4.68 -0.20
CA GLY A 53 -7.32 -5.54 0.62
C GLY A 53 -6.62 -6.88 0.86
N PRO A 54 -5.80 -7.00 1.94
CA PRO A 54 -4.97 -8.18 2.16
C PRO A 54 -5.81 -9.39 2.61
N ASP A 55 -5.20 -10.58 2.64
CA ASP A 55 -5.86 -11.79 3.11
C ASP A 55 -6.05 -11.73 4.61
N GLU A 56 -7.11 -12.38 5.09
CA GLU A 56 -7.56 -12.41 6.48
C GLU A 56 -6.69 -13.34 7.32
N SER A 57 -5.42 -12.99 7.55
CA SER A 57 -4.51 -13.80 8.35
C SER A 57 -4.81 -13.61 9.85
N LYS A 58 -5.85 -14.32 10.31
CA LYS A 58 -6.52 -14.29 11.61
C LYS A 58 -7.19 -12.94 11.88
N GLN A 59 -8.22 -12.93 12.73
CA GLN A 59 -8.96 -11.75 13.12
C GLN A 59 -8.06 -10.75 13.86
N LYS A 60 -8.52 -9.50 13.99
CA LYS A 60 -7.75 -8.39 14.53
C LYS A 60 -8.67 -7.47 15.34
N PHE A 61 -9.57 -6.75 14.68
CA PHE A 61 -10.41 -5.72 15.31
C PHE A 61 -9.60 -4.66 16.09
N VAL A 62 -8.34 -4.42 15.70
CA VAL A 62 -7.60 -3.25 16.15
C VAL A 62 -8.35 -2.02 15.63
N LEU A 63 -8.70 -1.09 16.53
CA LEU A 63 -9.40 0.13 16.19
C LEU A 63 -8.50 1.05 15.36
N LYS A 64 -9.08 2.16 14.90
CA LYS A 64 -8.39 3.24 14.20
C LYS A 64 -8.86 4.60 14.71
N THR A 65 -8.11 5.62 14.32
CA THR A 65 -8.47 7.02 14.40
C THR A 65 -9.80 7.28 13.66
N PRO A 66 -10.50 8.40 13.94
CA PRO A 66 -11.84 8.64 13.44
C PRO A 66 -11.82 8.98 11.96
N LYS A 67 -11.89 7.97 11.09
CA LYS A 67 -11.86 8.07 9.63
C LYS A 67 -10.74 9.02 9.18
N SER A 68 -9.51 8.72 9.58
CA SER A 68 -8.35 9.54 9.28
C SER A 68 -8.15 9.80 7.79
N GLY A 69 -8.46 8.82 6.94
CA GLY A 69 -8.29 8.87 5.49
C GLY A 69 -6.87 9.26 5.04
N PRO A 70 -5.80 8.59 5.51
CA PRO A 70 -4.42 8.93 5.15
C PRO A 70 -4.15 8.56 3.69
N SER A 71 -4.29 9.55 2.82
CA SER A 71 -3.88 9.48 1.43
C SER A 71 -2.39 9.86 1.39
N SER A 72 -1.91 10.41 0.27
CA SER A 72 -0.56 10.87 0.08
C SER A 72 -0.55 11.79 -1.15
N GLY A 73 0.53 12.52 -1.35
CA GLY A 73 0.77 13.37 -2.51
C GLY A 73 1.61 14.56 -2.11
N GLY A 1 -5.42 0.67 -23.63
CA GLY A 1 -6.39 1.71 -23.27
C GLY A 1 -7.71 1.46 -23.98
N SER A 2 -8.75 1.15 -23.22
CA SER A 2 -10.10 0.88 -23.68
C SER A 2 -11.01 1.31 -22.53
N SER A 3 -11.52 2.54 -22.58
CA SER A 3 -12.45 3.04 -21.58
C SER A 3 -13.69 2.16 -21.62
N GLY A 4 -13.94 1.44 -20.52
CA GLY A 4 -14.92 0.38 -20.43
C GLY A 4 -14.53 -0.52 -19.27
N SER A 5 -15.20 -1.67 -19.16
CA SER A 5 -15.02 -2.67 -18.11
C SER A 5 -13.52 -2.95 -17.89
N SER A 6 -13.00 -2.55 -16.74
CA SER A 6 -11.59 -2.64 -16.38
C SER A 6 -11.47 -2.93 -14.88
N GLY A 7 -10.28 -3.32 -14.44
CA GLY A 7 -9.95 -3.51 -13.03
C GLY A 7 -8.79 -4.49 -12.82
N MET A 8 -8.54 -5.39 -13.76
CA MET A 8 -7.39 -6.29 -13.71
C MET A 8 -6.10 -5.45 -13.76
N ALA A 9 -6.00 -4.56 -14.75
CA ALA A 9 -4.86 -3.67 -14.90
C ALA A 9 -4.71 -2.74 -13.68
N GLU A 10 -5.83 -2.31 -13.12
CA GLU A 10 -5.86 -1.42 -11.97
C GLU A 10 -5.38 -2.14 -10.69
N ARG A 11 -5.54 -3.47 -10.62
CA ARG A 11 -4.97 -4.31 -9.57
C ARG A 11 -3.49 -4.52 -9.84
N ALA A 12 -3.08 -4.83 -11.07
CA ALA A 12 -1.69 -5.07 -11.42
C ALA A 12 -0.80 -3.88 -11.09
N ALA A 13 -1.31 -2.66 -11.33
CA ALA A 13 -0.63 -1.43 -10.96
C ALA A 13 -0.40 -1.33 -9.44
N LEU A 14 -1.36 -1.81 -8.64
CA LEU A 14 -1.29 -1.68 -7.19
C LEU A 14 -0.37 -2.76 -6.63
N GLU A 15 -0.43 -3.96 -7.20
CA GLU A 15 0.51 -5.04 -6.93
C GLU A 15 1.93 -4.59 -7.26
N GLU A 16 2.16 -3.84 -8.34
CA GLU A 16 3.47 -3.29 -8.65
C GLU A 16 3.98 -2.44 -7.49
N LEU A 17 3.17 -1.49 -7.02
CA LEU A 17 3.54 -0.60 -5.93
C LEU A 17 3.87 -1.41 -4.68
N VAL A 18 3.05 -2.40 -4.32
CA VAL A 18 3.27 -3.26 -3.16
C VAL A 18 4.55 -4.05 -3.31
N LYS A 19 4.76 -4.71 -4.44
CA LYS A 19 5.90 -5.54 -4.72
C LYS A 19 7.17 -4.74 -4.61
N LEU A 20 7.27 -3.61 -5.31
CA LEU A 20 8.40 -2.72 -5.33
C LEU A 20 8.62 -2.06 -3.98
N GLN A 21 7.57 -1.79 -3.21
CA GLN A 21 7.73 -1.30 -1.84
C GLN A 21 8.34 -2.40 -0.98
N GLY A 22 7.80 -3.62 -1.04
CA GLY A 22 8.28 -4.75 -0.26
C GLY A 22 9.71 -5.13 -0.63
N GLU A 23 10.05 -5.08 -1.93
CA GLU A 23 11.39 -5.33 -2.41
C GLU A 23 12.34 -4.32 -1.75
N ARG A 24 11.98 -3.02 -1.81
CA ARG A 24 12.76 -1.95 -1.24
C ARG A 24 12.97 -2.16 0.25
N VAL A 25 11.88 -2.39 1.00
CA VAL A 25 11.91 -2.57 2.44
C VAL A 25 12.85 -3.72 2.80
N ARG A 26 12.73 -4.87 2.14
CA ARG A 26 13.62 -6.00 2.42
C ARG A 26 15.07 -5.60 2.15
N GLY A 27 15.33 -4.83 1.10
CA GLY A 27 16.66 -4.30 0.82
C GLY A 27 17.10 -3.34 1.91
N LEU A 28 16.29 -2.34 2.29
CA LEU A 28 16.71 -1.33 3.27
C LEU A 28 17.01 -1.95 4.63
N LYS A 29 16.20 -2.95 5.04
CA LYS A 29 16.47 -3.73 6.24
C LYS A 29 17.82 -4.43 6.15
N GLN A 30 18.10 -5.11 5.05
CA GLN A 30 19.33 -5.86 4.81
C GLN A 30 20.54 -4.91 4.81
N GLN A 31 20.40 -3.74 4.19
CA GLN A 31 21.40 -2.66 4.11
C GLN A 31 21.67 -2.01 5.47
N LYS A 32 20.94 -2.43 6.50
CA LYS A 32 20.81 -1.81 7.81
C LYS A 32 20.73 -0.29 7.66
N ALA A 33 19.77 0.13 6.83
CA ALA A 33 19.34 1.53 6.78
C ALA A 33 18.74 1.96 8.12
N SER A 34 18.47 3.25 8.28
CA SER A 34 18.05 3.82 9.55
C SER A 34 16.71 3.23 10.02
N ALA A 35 16.57 3.07 11.35
CA ALA A 35 15.42 2.44 11.94
C ALA A 35 14.13 3.18 11.58
N GLU A 36 14.11 4.52 11.73
CA GLU A 36 12.95 5.34 11.45
C GLU A 36 12.59 5.37 9.96
N LEU A 37 13.58 5.23 9.06
CA LEU A 37 13.32 5.13 7.63
C LEU A 37 12.53 3.85 7.37
N ILE A 38 13.05 2.74 7.87
CA ILE A 38 12.44 1.43 7.67
C ILE A 38 11.00 1.45 8.19
N GLU A 39 10.74 2.03 9.37
CA GLU A 39 9.41 2.14 9.90
C GLU A 39 8.54 3.04 9.02
N GLU A 40 9.09 4.10 8.43
CA GLU A 40 8.39 4.94 7.48
C GLU A 40 7.90 4.11 6.29
N GLU A 41 8.80 3.40 5.61
CA GLU A 41 8.45 2.68 4.40
C GLU A 41 7.69 1.37 4.66
N VAL A 42 7.83 0.74 5.84
CA VAL A 42 6.98 -0.36 6.29
C VAL A 42 5.55 0.16 6.53
N ALA A 43 5.37 1.25 7.27
CA ALA A 43 4.06 1.81 7.47
C ALA A 43 3.44 2.26 6.14
N LYS A 44 4.24 2.77 5.18
CA LYS A 44 3.78 3.07 3.82
C LYS A 44 3.40 1.80 3.04
N LEU A 45 4.19 0.73 3.14
CA LEU A 45 3.83 -0.59 2.61
C LEU A 45 2.50 -1.05 3.20
N LEU A 46 2.29 -0.87 4.50
CA LEU A 46 1.00 -1.15 5.15
C LEU A 46 -0.11 -0.33 4.49
N LYS A 47 0.09 0.98 4.27
CA LYS A 47 -0.95 1.81 3.63
C LYS A 47 -1.33 1.25 2.26
N LEU A 48 -0.34 0.79 1.48
CA LEU A 48 -0.59 0.17 0.19
C LEU A 48 -1.35 -1.15 0.37
N LYS A 49 -0.85 -2.07 1.18
CA LYS A 49 -1.47 -3.38 1.37
C LYS A 49 -2.93 -3.25 1.82
N ALA A 50 -3.26 -2.21 2.58
CA ALA A 50 -4.62 -1.94 3.03
C ALA A 50 -5.60 -1.73 1.85
N GLN A 51 -5.11 -1.33 0.68
CA GLN A 51 -5.91 -1.09 -0.51
C GLN A 51 -6.15 -2.39 -1.27
N LEU A 52 -5.11 -3.23 -1.38
CA LEU A 52 -5.15 -4.57 -1.99
C LEU A 52 -6.08 -5.54 -1.24
N GLY A 53 -6.59 -5.16 -0.07
CA GLY A 53 -7.49 -5.96 0.73
C GLY A 53 -7.19 -5.67 2.20
N PRO A 54 -7.95 -4.79 2.87
CA PRO A 54 -7.67 -4.44 4.26
C PRO A 54 -7.89 -5.64 5.19
N ASP A 55 -8.80 -6.55 4.81
CA ASP A 55 -9.15 -7.85 5.39
C ASP A 55 -9.32 -7.93 6.90
N GLU A 56 -8.24 -7.78 7.68
CA GLU A 56 -8.25 -7.74 9.14
C GLU A 56 -8.90 -6.42 9.59
N SER A 57 -10.21 -6.32 9.46
CA SER A 57 -10.99 -5.21 9.95
C SER A 57 -11.43 -5.54 11.38
N LYS A 58 -11.64 -4.50 12.18
CA LYS A 58 -12.03 -4.54 13.59
C LYS A 58 -12.89 -3.30 13.84
N GLN A 59 -13.33 -3.04 15.07
CA GLN A 59 -14.01 -1.80 15.43
C GLN A 59 -13.36 -1.21 16.68
N LYS A 60 -12.69 -0.07 16.49
CA LYS A 60 -12.23 0.84 17.54
C LYS A 60 -12.55 2.27 17.08
N PHE A 61 -12.22 3.30 17.87
CA PHE A 61 -12.22 4.69 17.39
C PHE A 61 -11.11 5.57 17.97
N VAL A 62 -10.37 5.12 19.00
CA VAL A 62 -9.15 5.73 19.53
C VAL A 62 -9.26 7.27 19.67
N LEU A 63 -10.31 7.77 20.31
CA LEU A 63 -10.51 9.20 20.53
C LEU A 63 -11.44 9.39 21.74
N LYS A 64 -11.02 10.21 22.71
CA LYS A 64 -11.76 10.48 23.94
C LYS A 64 -13.06 11.28 23.76
N THR A 65 -13.49 11.56 22.54
CA THR A 65 -14.75 12.22 22.22
C THR A 65 -15.19 11.70 20.84
N PRO A 66 -16.49 11.53 20.59
CA PRO A 66 -17.00 11.02 19.32
C PRO A 66 -17.03 12.14 18.27
N LYS A 67 -17.53 11.85 17.07
CA LYS A 67 -17.62 12.81 15.98
C LYS A 67 -19.06 12.98 15.50
N SER A 68 -20.04 12.45 16.23
CA SER A 68 -21.47 12.37 15.94
C SER A 68 -21.95 13.38 14.88
N GLY A 69 -22.01 12.92 13.63
CA GLY A 69 -22.26 13.77 12.48
C GLY A 69 -22.31 12.94 11.21
N PRO A 70 -23.36 12.14 10.99
CA PRO A 70 -23.54 11.41 9.75
C PRO A 70 -23.81 12.40 8.62
N SER A 71 -23.14 12.22 7.48
CA SER A 71 -23.27 13.11 6.32
C SER A 71 -22.91 12.32 5.06
N SER A 72 -21.76 11.65 5.08
CA SER A 72 -21.42 10.58 4.15
C SER A 72 -21.19 11.07 2.71
N GLY A 73 -20.96 12.37 2.51
CA GLY A 73 -20.69 13.00 1.23
C GLY A 73 -20.97 14.48 1.39
N GLY A 1 -25.41 -7.09 -12.00
CA GLY A 1 -25.38 -5.77 -11.40
C GLY A 1 -24.21 -5.67 -10.45
N SER A 2 -23.06 -5.18 -10.93
CA SER A 2 -21.83 -5.05 -10.17
C SER A 2 -21.00 -3.91 -10.80
N SER A 3 -21.59 -2.71 -10.86
CA SER A 3 -20.95 -1.50 -11.35
C SER A 3 -19.94 -0.99 -10.32
N GLY A 4 -18.78 -1.65 -10.25
CA GLY A 4 -17.70 -1.30 -9.36
C GLY A 4 -16.58 -2.33 -9.39
N SER A 5 -15.64 -2.18 -8.47
CA SER A 5 -14.48 -3.05 -8.22
C SER A 5 -13.87 -3.64 -9.51
N SER A 6 -13.47 -2.76 -10.42
CA SER A 6 -12.72 -3.12 -11.62
C SER A 6 -11.73 -2.00 -11.94
N GLY A 7 -10.64 -2.36 -12.62
CA GLY A 7 -9.57 -1.47 -13.02
C GLY A 7 -8.26 -2.23 -13.01
N MET A 8 -8.07 -3.12 -13.99
CA MET A 8 -6.98 -4.08 -13.97
C MET A 8 -5.61 -3.43 -14.20
N ALA A 9 -5.54 -2.35 -14.98
CA ALA A 9 -4.28 -1.63 -15.18
C ALA A 9 -3.85 -0.99 -13.86
N GLU A 10 -4.79 -0.34 -13.19
CA GLU A 10 -4.64 0.22 -11.84
C GLU A 10 -4.16 -0.85 -10.87
N ARG A 11 -4.81 -2.03 -10.85
CA ARG A 11 -4.42 -3.09 -9.93
C ARG A 11 -2.96 -3.46 -10.14
N ALA A 12 -2.54 -3.70 -11.39
CA ALA A 12 -1.16 -4.04 -11.69
C ALA A 12 -0.20 -2.92 -11.29
N ALA A 13 -0.58 -1.65 -11.53
CA ALA A 13 0.23 -0.49 -11.16
C ALA A 13 0.43 -0.41 -9.65
N LEU A 14 -0.54 -0.88 -8.87
CA LEU A 14 -0.49 -0.85 -7.42
C LEU A 14 0.11 -2.11 -6.83
N GLU A 15 -0.03 -3.25 -7.51
CA GLU A 15 0.71 -4.46 -7.22
C GLU A 15 2.19 -4.15 -7.33
N GLU A 16 2.62 -3.41 -8.36
CA GLU A 16 3.97 -2.91 -8.50
C GLU A 16 4.40 -2.12 -7.27
N LEU A 17 3.60 -1.15 -6.83
CA LEU A 17 3.95 -0.33 -5.68
C LEU A 17 4.13 -1.21 -4.45
N VAL A 18 3.22 -2.14 -4.17
CA VAL A 18 3.36 -3.02 -3.02
C VAL A 18 4.63 -3.88 -3.17
N LYS A 19 4.79 -4.54 -4.32
CA LYS A 19 5.87 -5.45 -4.61
C LYS A 19 7.21 -4.76 -4.44
N LEU A 20 7.41 -3.60 -5.08
CA LEU A 20 8.63 -2.84 -5.00
C LEU A 20 8.83 -2.26 -3.61
N GLN A 21 7.80 -1.76 -2.94
CA GLN A 21 7.95 -1.24 -1.59
C GLN A 21 8.37 -2.38 -0.64
N GLY A 22 7.79 -3.58 -0.77
CA GLY A 22 8.13 -4.75 0.02
C GLY A 22 9.57 -5.19 -0.24
N GLU A 23 9.95 -5.28 -1.51
CA GLU A 23 11.30 -5.58 -1.97
C GLU A 23 12.28 -4.58 -1.36
N ARG A 24 12.03 -3.28 -1.56
CA ARG A 24 12.83 -2.18 -1.05
C ARG A 24 12.97 -2.26 0.45
N VAL A 25 11.91 -2.52 1.23
CA VAL A 25 12.03 -2.71 2.67
C VAL A 25 12.96 -3.89 2.98
N ARG A 26 12.77 -5.05 2.34
CA ARG A 26 13.57 -6.23 2.55
C ARG A 26 15.04 -5.95 2.19
N GLY A 27 15.28 -5.07 1.22
CA GLY A 27 16.59 -4.61 0.83
C GLY A 27 17.16 -3.56 1.78
N LEU A 28 16.36 -2.60 2.25
CA LEU A 28 16.80 -1.56 3.18
C LEU A 28 17.28 -2.21 4.49
N LYS A 29 16.56 -3.23 4.95
CA LYS A 29 16.97 -4.01 6.12
C LYS A 29 18.35 -4.63 5.88
N GLN A 30 18.57 -5.30 4.75
CA GLN A 30 19.89 -5.83 4.40
C GLN A 30 20.93 -4.70 4.34
N GLN A 31 20.60 -3.54 3.77
CA GLN A 31 21.54 -2.44 3.56
C GLN A 31 21.92 -1.78 4.89
N LYS A 32 21.25 -2.13 6.00
CA LYS A 32 21.32 -1.42 7.26
C LYS A 32 21.01 0.06 7.07
N ALA A 33 19.89 0.33 6.39
CA ALA A 33 19.29 1.65 6.42
C ALA A 33 18.74 1.94 7.81
N SER A 34 18.43 3.22 8.06
CA SER A 34 17.97 3.70 9.35
C SER A 34 16.61 3.10 9.74
N ALA A 35 16.41 2.91 11.04
CA ALA A 35 15.19 2.37 11.62
C ALA A 35 13.98 3.27 11.29
N GLU A 36 14.14 4.58 11.39
CA GLU A 36 13.06 5.53 11.10
C GLU A 36 12.59 5.42 9.66
N LEU A 37 13.53 5.32 8.72
CA LEU A 37 13.22 5.14 7.32
C LEU A 37 12.42 3.87 7.15
N ILE A 38 12.87 2.75 7.71
CA ILE A 38 12.22 1.47 7.57
C ILE A 38 10.83 1.50 8.19
N GLU A 39 10.62 2.11 9.36
CA GLU A 39 9.29 2.25 9.96
C GLU A 39 8.36 3.07 9.05
N GLU A 40 8.88 4.11 8.42
CA GLU A 40 8.09 4.90 7.48
C GLU A 40 7.73 4.08 6.26
N GLU A 41 8.72 3.40 5.68
CA GLU A 41 8.55 2.60 4.47
C GLU A 41 7.61 1.41 4.72
N VAL A 42 7.61 0.83 5.92
CA VAL A 42 6.71 -0.25 6.33
C VAL A 42 5.30 0.29 6.53
N ALA A 43 5.10 1.39 7.25
CA ALA A 43 3.79 2.00 7.39
C ALA A 43 3.21 2.33 6.01
N LYS A 44 4.03 2.93 5.14
CA LYS A 44 3.65 3.27 3.77
C LYS A 44 3.39 2.03 2.91
N LEU A 45 4.09 0.91 3.12
CA LEU A 45 3.79 -0.40 2.52
C LEU A 45 2.45 -0.92 3.02
N LEU A 46 2.23 -0.90 4.33
CA LEU A 46 1.08 -1.51 4.96
C LEU A 46 -0.20 -0.82 4.51
N LYS A 47 -0.22 0.51 4.55
CA LYS A 47 -1.43 1.23 4.16
C LYS A 47 -1.68 1.17 2.64
N LEU A 48 -0.63 0.95 1.83
CA LEU A 48 -0.78 0.58 0.42
C LEU A 48 -1.54 -0.75 0.34
N LYS A 49 -1.02 -1.81 0.97
CA LYS A 49 -1.61 -3.15 0.91
C LYS A 49 -3.08 -3.13 1.30
N ALA A 50 -3.47 -2.32 2.29
CA ALA A 50 -4.85 -2.27 2.76
C ALA A 50 -5.85 -1.79 1.68
N GLN A 51 -5.40 -1.14 0.61
CA GLN A 51 -6.21 -0.66 -0.50
C GLN A 51 -6.26 -1.67 -1.66
N LEU A 52 -5.21 -2.47 -1.80
CA LEU A 52 -5.28 -3.73 -2.53
C LEU A 52 -6.35 -4.60 -1.87
N GLY A 53 -6.19 -4.96 -0.59
CA GLY A 53 -7.13 -5.80 0.11
C GLY A 53 -6.71 -6.07 1.57
N PRO A 54 -7.23 -7.14 2.19
CA PRO A 54 -6.93 -7.48 3.58
C PRO A 54 -5.50 -7.99 3.74
N ASP A 55 -4.80 -7.54 4.79
CA ASP A 55 -3.52 -8.10 5.23
C ASP A 55 -3.68 -8.93 6.50
N GLU A 56 -4.69 -8.61 7.31
CA GLU A 56 -4.91 -9.14 8.66
C GLU A 56 -3.65 -9.07 9.54
N SER A 57 -3.22 -7.85 9.89
CA SER A 57 -2.40 -7.69 11.08
C SER A 57 -3.20 -8.20 12.28
N LYS A 58 -2.75 -9.27 12.92
CA LYS A 58 -3.20 -9.54 14.28
C LYS A 58 -2.59 -8.46 15.16
N GLN A 59 -3.37 -7.96 16.11
CA GLN A 59 -3.05 -6.79 16.91
C GLN A 59 -2.75 -5.58 15.99
N LYS A 60 -2.20 -4.52 16.59
CA LYS A 60 -1.71 -3.30 15.94
C LYS A 60 -2.67 -2.79 14.86
N PHE A 61 -3.91 -2.57 15.27
CA PHE A 61 -4.94 -1.99 14.41
C PHE A 61 -4.53 -0.57 14.04
N VAL A 62 -4.36 -0.31 12.74
CA VAL A 62 -4.09 1.03 12.22
C VAL A 62 -5.29 1.93 12.53
N LEU A 63 -5.07 3.24 12.64
CA LEU A 63 -6.12 4.17 13.03
C LEU A 63 -6.34 5.26 11.99
N LYS A 64 -7.33 5.02 11.13
CA LYS A 64 -7.72 5.93 10.08
C LYS A 64 -8.47 7.11 10.69
N THR A 65 -8.19 8.32 10.19
CA THR A 65 -8.85 9.56 10.56
C THR A 65 -8.89 10.40 9.28
N PRO A 66 -10.02 11.03 8.91
CA PRO A 66 -10.09 11.82 7.68
C PRO A 66 -9.30 13.12 7.85
N LYS A 67 -8.83 13.71 6.74
CA LYS A 67 -8.10 14.98 6.76
C LYS A 67 -8.52 15.86 5.59
N SER A 68 -9.76 16.35 5.64
CA SER A 68 -10.31 17.28 4.66
C SER A 68 -9.38 18.50 4.51
N GLY A 69 -9.38 19.13 3.34
CA GLY A 69 -8.55 20.29 3.04
C GLY A 69 -8.20 20.31 1.55
N PRO A 70 -7.65 21.44 1.05
CA PRO A 70 -7.48 21.71 -0.39
C PRO A 70 -6.36 20.90 -1.08
N SER A 71 -5.93 19.76 -0.53
CA SER A 71 -4.84 18.93 -1.03
C SER A 71 -5.00 18.67 -2.53
N SER A 72 -3.93 18.90 -3.28
CA SER A 72 -3.82 18.73 -4.72
C SER A 72 -3.89 17.25 -5.11
N GLY A 73 -4.91 16.88 -5.87
CA GLY A 73 -5.16 15.56 -6.41
C GLY A 73 -6.54 15.60 -7.03
N GLY A 1 -2.49 6.72 -14.10
CA GLY A 1 -3.66 7.16 -14.88
C GLY A 1 -4.82 6.20 -14.68
N SER A 2 -5.52 5.85 -15.77
CA SER A 2 -6.63 4.88 -15.79
C SER A 2 -7.84 5.28 -14.94
N SER A 3 -8.93 4.50 -15.03
CA SER A 3 -10.04 4.47 -14.08
C SER A 3 -10.80 3.16 -14.23
N GLY A 4 -11.56 2.75 -13.22
CA GLY A 4 -12.41 1.56 -13.24
C GLY A 4 -12.57 1.01 -11.82
N SER A 5 -13.25 -0.13 -11.68
CA SER A 5 -13.37 -0.83 -10.39
C SER A 5 -12.86 -2.28 -10.47
N SER A 6 -12.69 -2.84 -11.66
CA SER A 6 -11.98 -4.10 -11.87
C SER A 6 -11.33 -4.04 -13.26
N GLY A 7 -10.19 -4.70 -13.44
CA GLY A 7 -9.32 -4.51 -14.59
C GLY A 7 -7.91 -4.88 -14.18
N MET A 8 -7.48 -6.07 -14.58
CA MET A 8 -6.24 -6.68 -14.12
C MET A 8 -5.00 -5.84 -14.43
N ALA A 9 -5.03 -5.05 -15.51
CA ALA A 9 -3.93 -4.18 -15.90
C ALA A 9 -3.73 -3.03 -14.89
N GLU A 10 -4.77 -2.62 -14.18
CA GLU A 10 -4.69 -1.57 -13.16
C GLU A 10 -4.40 -2.18 -11.79
N ARG A 11 -4.90 -3.40 -11.53
CA ARG A 11 -4.50 -4.15 -10.34
C ARG A 11 -2.98 -4.35 -10.38
N ALA A 12 -2.44 -4.71 -11.55
CA ALA A 12 -1.01 -4.93 -11.76
C ALA A 12 -0.18 -3.72 -11.35
N ALA A 13 -0.60 -2.51 -11.73
CA ALA A 13 0.12 -1.28 -11.41
C ALA A 13 0.20 -1.05 -9.91
N LEU A 14 -0.91 -1.27 -9.19
CA LEU A 14 -0.92 -1.13 -7.74
C LEU A 14 -0.14 -2.27 -7.08
N GLU A 15 -0.22 -3.47 -7.62
CA GLU A 15 0.58 -4.61 -7.18
C GLU A 15 2.07 -4.31 -7.39
N GLU A 16 2.46 -3.51 -8.38
CA GLU A 16 3.84 -3.10 -8.57
C GLU A 16 4.24 -2.16 -7.46
N LEU A 17 3.43 -1.13 -7.16
CA LEU A 17 3.72 -0.22 -6.05
C LEU A 17 3.93 -1.04 -4.78
N VAL A 18 3.06 -2.01 -4.50
CA VAL A 18 3.14 -2.93 -3.38
C VAL A 18 4.44 -3.73 -3.41
N LYS A 19 4.71 -4.46 -4.50
CA LYS A 19 5.85 -5.33 -4.65
C LYS A 19 7.11 -4.54 -4.44
N LEU A 20 7.29 -3.44 -5.16
CA LEU A 20 8.46 -2.59 -5.12
C LEU A 20 8.66 -2.02 -3.71
N GLN A 21 7.59 -1.56 -3.06
CA GLN A 21 7.68 -1.06 -1.69
C GLN A 21 8.16 -2.19 -0.75
N GLY A 22 7.60 -3.40 -0.90
CA GLY A 22 7.99 -4.57 -0.10
C GLY A 22 9.43 -4.98 -0.37
N GLU A 23 9.84 -4.97 -1.64
CA GLU A 23 11.19 -5.21 -2.11
C GLU A 23 12.17 -4.19 -1.52
N ARG A 24 11.75 -2.93 -1.39
CA ARG A 24 12.57 -1.91 -0.76
C ARG A 24 12.68 -2.18 0.73
N VAL A 25 11.59 -2.46 1.43
CA VAL A 25 11.60 -2.78 2.86
C VAL A 25 12.57 -3.93 3.17
N ARG A 26 12.47 -5.05 2.46
CA ARG A 26 13.38 -6.18 2.70
C ARG A 26 14.82 -5.76 2.45
N GLY A 27 15.10 -5.12 1.31
CA GLY A 27 16.44 -4.65 1.00
C GLY A 27 16.93 -3.61 2.00
N LEU A 28 16.08 -2.74 2.55
CA LEU A 28 16.48 -1.69 3.48
C LEU A 28 17.06 -2.31 4.75
N LYS A 29 16.39 -3.34 5.27
CA LYS A 29 16.81 -4.05 6.46
C LYS A 29 18.13 -4.78 6.25
N GLN A 30 18.44 -5.19 5.01
CA GLN A 30 19.77 -5.67 4.67
C GLN A 30 20.76 -4.50 4.54
N GLN A 31 20.33 -3.34 4.01
CA GLN A 31 21.22 -2.27 3.56
C GLN A 31 21.79 -1.47 4.72
N LYS A 32 21.54 -1.88 5.98
CA LYS A 32 21.82 -1.14 7.19
C LYS A 32 21.27 0.30 7.14
N ALA A 33 20.08 0.48 6.55
CA ALA A 33 19.41 1.77 6.53
C ALA A 33 18.88 2.15 7.90
N SER A 34 18.51 3.42 8.06
CA SER A 34 18.05 3.99 9.31
C SER A 34 16.74 3.36 9.78
N ALA A 35 16.59 3.15 11.09
CA ALA A 35 15.40 2.56 11.69
C ALA A 35 14.13 3.36 11.38
N GLU A 36 14.25 4.68 11.28
CA GLU A 36 13.10 5.55 11.06
C GLU A 36 12.67 5.59 9.59
N LEU A 37 13.61 5.42 8.66
CA LEU A 37 13.30 5.19 7.25
C LEU A 37 12.59 3.85 7.12
N ILE A 38 13.07 2.85 7.86
CA ILE A 38 12.55 1.50 7.82
C ILE A 38 11.11 1.48 8.33
N GLU A 39 10.80 2.19 9.42
CA GLU A 39 9.44 2.36 9.92
C GLU A 39 8.56 3.05 8.88
N GLU A 40 9.07 4.10 8.23
CA GLU A 40 8.35 4.84 7.20
C GLU A 40 7.94 3.89 6.08
N GLU A 41 8.92 3.17 5.53
CA GLU A 41 8.73 2.33 4.36
C GLU A 41 7.85 1.11 4.68
N VAL A 42 7.86 0.63 5.93
CA VAL A 42 6.97 -0.45 6.39
C VAL A 42 5.55 0.05 6.59
N ALA A 43 5.37 1.23 7.20
CA ALA A 43 4.07 1.83 7.35
C ALA A 43 3.47 2.05 5.96
N LYS A 44 4.23 2.63 5.04
CA LYS A 44 3.81 2.83 3.65
C LYS A 44 3.49 1.51 2.94
N LEU A 45 4.32 0.48 3.12
CA LEU A 45 4.06 -0.87 2.65
C LEU A 45 2.69 -1.33 3.14
N LEU A 46 2.42 -1.20 4.44
CA LEU A 46 1.16 -1.55 5.07
C LEU A 46 -0.01 -0.76 4.46
N LYS A 47 0.11 0.56 4.30
CA LYS A 47 -0.99 1.38 3.78
C LYS A 47 -1.39 0.89 2.40
N LEU A 48 -0.39 0.69 1.52
CA LEU A 48 -0.63 0.20 0.17
C LEU A 48 -1.33 -1.16 0.20
N LYS A 49 -0.90 -2.12 1.02
CA LYS A 49 -1.58 -3.41 1.14
C LYS A 49 -3.03 -3.23 1.60
N ALA A 50 -3.30 -2.24 2.45
CA ALA A 50 -4.67 -1.93 2.89
C ALA A 50 -5.52 -1.31 1.77
N GLN A 51 -4.94 -0.89 0.65
CA GLN A 51 -5.70 -0.44 -0.51
C GLN A 51 -6.06 -1.61 -1.41
N LEU A 52 -5.14 -2.56 -1.57
CA LEU A 52 -5.37 -3.81 -2.30
C LEU A 52 -6.52 -4.57 -1.63
N GLY A 53 -6.43 -4.74 -0.30
CA GLY A 53 -7.28 -5.62 0.46
C GLY A 53 -6.46 -6.84 0.91
N PRO A 54 -7.05 -7.69 1.75
CA PRO A 54 -6.43 -8.89 2.28
C PRO A 54 -6.23 -9.96 1.20
N ASP A 55 -5.84 -11.16 1.64
CA ASP A 55 -5.99 -12.40 0.89
C ASP A 55 -7.23 -13.05 1.47
N GLU A 56 -8.08 -13.64 0.63
CA GLU A 56 -9.41 -14.14 0.93
C GLU A 56 -10.37 -12.99 1.29
N SER A 57 -11.61 -13.09 0.81
CA SER A 57 -12.71 -12.17 1.03
C SER A 57 -12.25 -10.72 1.13
N LYS A 58 -11.60 -10.23 0.07
CA LYS A 58 -11.18 -8.85 -0.12
C LYS A 58 -12.23 -7.89 0.44
N GLN A 59 -11.84 -7.12 1.46
CA GLN A 59 -12.71 -6.22 2.19
C GLN A 59 -13.40 -5.23 1.25
N LYS A 60 -14.63 -4.87 1.59
CA LYS A 60 -15.33 -3.72 1.06
C LYS A 60 -14.88 -2.46 1.80
N PHE A 61 -14.72 -2.52 3.12
CA PHE A 61 -14.33 -1.37 3.92
C PHE A 61 -12.80 -1.33 4.06
N VAL A 62 -12.15 -0.32 3.48
CA VAL A 62 -10.69 -0.22 3.38
C VAL A 62 -10.24 1.26 3.44
N LEU A 63 -10.56 1.97 4.53
CA LEU A 63 -10.50 3.45 4.63
C LEU A 63 -11.37 4.08 3.54
N LYS A 64 -11.38 5.41 3.42
CA LYS A 64 -11.99 6.16 2.33
C LYS A 64 -11.04 7.30 2.00
N THR A 65 -9.91 7.00 1.37
CA THR A 65 -8.79 7.93 1.23
C THR A 65 -8.39 8.03 -0.24
N PRO A 66 -8.99 8.92 -1.05
CA PRO A 66 -8.76 8.97 -2.49
C PRO A 66 -7.37 9.51 -2.83
N LYS A 67 -6.81 9.03 -3.94
CA LYS A 67 -5.56 9.47 -4.52
C LYS A 67 -5.67 9.20 -6.02
N SER A 68 -5.26 10.14 -6.88
CA SER A 68 -5.10 9.81 -8.29
C SER A 68 -3.99 8.78 -8.47
N GLY A 69 -2.88 8.94 -7.74
CA GLY A 69 -1.67 8.15 -7.88
C GLY A 69 -0.47 9.05 -7.57
N PRO A 70 0.75 8.63 -7.93
CA PRO A 70 1.93 9.47 -7.80
C PRO A 70 1.87 10.67 -8.76
N SER A 71 2.80 11.60 -8.58
CA SER A 71 3.12 12.67 -9.52
C SER A 71 4.57 13.09 -9.27
N SER A 72 5.17 13.86 -10.17
CA SER A 72 6.59 14.23 -10.09
C SER A 72 6.79 15.72 -10.39
N GLY A 73 8.00 16.22 -10.15
CA GLY A 73 8.50 17.54 -10.49
C GLY A 73 9.99 17.46 -10.77
N GLY A 1 -8.67 -4.48 -26.28
CA GLY A 1 -9.16 -3.33 -25.51
C GLY A 1 -10.52 -3.63 -24.91
N SER A 2 -10.71 -3.23 -23.65
CA SER A 2 -11.98 -3.25 -22.91
C SER A 2 -11.91 -2.13 -21.86
N SER A 3 -13.05 -1.73 -21.30
CA SER A 3 -13.08 -1.20 -19.95
C SER A 3 -12.74 -2.36 -19.02
N GLY A 4 -13.67 -3.27 -18.76
CA GLY A 4 -13.61 -4.14 -17.59
C GLY A 4 -14.29 -3.45 -16.41
N SER A 5 -14.18 -4.03 -15.22
CA SER A 5 -14.72 -3.47 -13.98
C SER A 5 -13.94 -3.99 -12.78
N SER A 6 -13.33 -5.17 -12.89
CA SER A 6 -12.22 -5.58 -12.07
C SER A 6 -11.00 -4.76 -12.51
N GLY A 7 -10.41 -5.09 -13.65
CA GLY A 7 -9.29 -4.35 -14.22
C GLY A 7 -7.96 -4.93 -13.75
N MET A 8 -7.62 -6.13 -14.22
CA MET A 8 -6.45 -6.89 -13.76
C MET A 8 -5.16 -6.10 -13.89
N ALA A 9 -5.07 -5.19 -14.86
CA ALA A 9 -3.90 -4.37 -15.13
C ALA A 9 -3.83 -3.18 -14.16
N GLU A 10 -4.97 -2.60 -13.78
CA GLU A 10 -5.01 -1.60 -12.72
C GLU A 10 -4.55 -2.25 -11.41
N ARG A 11 -4.89 -3.54 -11.21
CA ARG A 11 -4.44 -4.31 -10.06
C ARG A 11 -2.95 -4.57 -10.17
N ALA A 12 -2.48 -5.16 -11.26
CA ALA A 12 -1.07 -5.51 -11.46
C ALA A 12 -0.15 -4.30 -11.24
N ALA A 13 -0.56 -3.12 -11.71
CA ALA A 13 0.15 -1.88 -11.53
C ALA A 13 0.23 -1.46 -10.05
N LEU A 14 -0.85 -1.61 -9.28
CA LEU A 14 -0.85 -1.32 -7.85
C LEU A 14 -0.02 -2.37 -7.12
N GLU A 15 -0.15 -3.64 -7.51
CA GLU A 15 0.63 -4.75 -6.98
C GLU A 15 2.13 -4.52 -7.23
N GLU A 16 2.50 -3.76 -8.27
CA GLU A 16 3.86 -3.36 -8.54
C GLU A 16 4.36 -2.40 -7.45
N LEU A 17 3.54 -1.44 -7.03
CA LEU A 17 3.87 -0.56 -5.92
C LEU A 17 4.04 -1.41 -4.66
N VAL A 18 3.12 -2.34 -4.40
CA VAL A 18 3.20 -3.27 -3.26
C VAL A 18 4.52 -4.05 -3.29
N LYS A 19 4.86 -4.66 -4.41
CA LYS A 19 6.05 -5.48 -4.55
C LYS A 19 7.27 -4.63 -4.29
N LEU A 20 7.46 -3.54 -5.03
CA LEU A 20 8.65 -2.71 -4.89
C LEU A 20 8.74 -2.09 -3.50
N GLN A 21 7.62 -1.70 -2.87
CA GLN A 21 7.63 -1.22 -1.49
C GLN A 21 8.13 -2.33 -0.55
N GLY A 22 7.64 -3.56 -0.76
CA GLY A 22 8.10 -4.73 -0.03
C GLY A 22 9.60 -4.97 -0.22
N GLU A 23 10.05 -5.03 -1.48
CA GLU A 23 11.44 -5.22 -1.85
C GLU A 23 12.30 -4.13 -1.22
N ARG A 24 11.87 -2.86 -1.26
CA ARG A 24 12.60 -1.75 -0.67
C ARG A 24 12.76 -1.97 0.81
N VAL A 25 11.70 -2.21 1.59
CA VAL A 25 11.82 -2.42 3.03
C VAL A 25 12.81 -3.56 3.32
N ARG A 26 12.62 -4.71 2.65
CA ARG A 26 13.46 -5.89 2.84
C ARG A 26 14.91 -5.61 2.46
N GLY A 27 15.11 -4.76 1.47
CA GLY A 27 16.41 -4.34 1.00
C GLY A 27 17.03 -3.29 1.92
N LEU A 28 16.24 -2.35 2.43
CA LEU A 28 16.72 -1.33 3.36
C LEU A 28 17.26 -2.01 4.61
N LYS A 29 16.53 -2.99 5.14
CA LYS A 29 17.02 -3.83 6.24
C LYS A 29 18.39 -4.41 5.92
N GLN A 30 18.54 -5.11 4.78
CA GLN A 30 19.80 -5.70 4.40
C GLN A 30 20.91 -4.64 4.25
N GLN A 31 20.58 -3.47 3.70
CA GLN A 31 21.47 -2.33 3.48
C GLN A 31 21.92 -1.67 4.78
N LYS A 32 21.55 -2.23 5.95
CA LYS A 32 21.68 -1.62 7.27
C LYS A 32 21.23 -0.16 7.29
N ALA A 33 20.16 0.15 6.55
CA ALA A 33 19.58 1.48 6.51
C ALA A 33 19.06 1.90 7.89
N SER A 34 18.84 3.20 8.00
CA SER A 34 18.33 3.90 9.16
C SER A 34 16.98 3.32 9.58
N ALA A 35 16.87 2.88 10.85
CA ALA A 35 15.72 2.16 11.40
C ALA A 35 14.39 2.85 11.11
N GLU A 36 14.34 4.18 11.25
CA GLU A 36 13.11 4.92 11.06
C GLU A 36 12.68 4.96 9.58
N LEU A 37 13.63 4.97 8.63
CA LEU A 37 13.30 4.95 7.20
C LEU A 37 12.55 3.66 6.86
N ILE A 38 13.13 2.51 7.27
CA ILE A 38 12.49 1.21 7.23
C ILE A 38 11.08 1.30 7.78
N GLU A 39 10.90 1.83 9.00
CA GLU A 39 9.61 1.73 9.65
C GLU A 39 8.55 2.65 9.06
N GLU A 40 8.96 3.79 8.50
CA GLU A 40 8.08 4.68 7.78
C GLU A 40 7.67 4.02 6.46
N GLU A 41 8.60 3.35 5.78
CA GLU A 41 8.35 2.57 4.57
C GLU A 41 7.47 1.33 4.88
N VAL A 42 7.54 0.76 6.09
CA VAL A 42 6.66 -0.32 6.56
C VAL A 42 5.23 0.21 6.71
N ALA A 43 5.05 1.39 7.28
CA ALA A 43 3.74 2.01 7.39
C ALA A 43 3.20 2.28 5.98
N LYS A 44 4.02 2.79 5.05
CA LYS A 44 3.62 2.96 3.64
C LYS A 44 3.27 1.63 2.96
N LEU A 45 4.07 0.58 3.19
CA LEU A 45 3.81 -0.80 2.76
C LEU A 45 2.44 -1.24 3.23
N LEU A 46 2.10 -0.96 4.48
CA LEU A 46 0.78 -1.22 5.04
C LEU A 46 -0.30 -0.40 4.34
N LYS A 47 -0.14 0.92 4.17
CA LYS A 47 -1.17 1.75 3.53
C LYS A 47 -1.53 1.19 2.16
N LEU A 48 -0.51 0.91 1.34
CA LEU A 48 -0.70 0.35 0.00
C LEU A 48 -1.38 -1.02 0.07
N LYS A 49 -0.94 -1.92 0.95
CA LYS A 49 -1.59 -3.21 1.14
C LYS A 49 -3.06 -3.05 1.52
N ALA A 50 -3.38 -2.02 2.33
CA ALA A 50 -4.74 -1.73 2.73
C ALA A 50 -5.59 -1.17 1.58
N GLN A 51 -5.00 -0.82 0.44
CA GLN A 51 -5.77 -0.58 -0.78
C GLN A 51 -6.12 -1.92 -1.42
N LEU A 52 -5.14 -2.81 -1.63
CA LEU A 52 -5.34 -4.12 -2.26
C LEU A 52 -6.32 -5.00 -1.48
N GLY A 53 -6.20 -5.01 -0.16
CA GLY A 53 -6.88 -5.90 0.76
C GLY A 53 -8.37 -5.54 0.87
N PRO A 54 -9.28 -6.40 0.40
CA PRO A 54 -10.71 -6.12 0.40
C PRO A 54 -11.37 -6.32 1.78
N ASP A 55 -10.65 -6.79 2.79
CA ASP A 55 -11.18 -7.13 4.11
C ASP A 55 -10.38 -6.41 5.19
N GLU A 56 -10.86 -5.24 5.61
CA GLU A 56 -10.16 -4.33 6.49
C GLU A 56 -11.19 -3.47 7.24
N SER A 57 -11.89 -4.01 8.23
CA SER A 57 -12.99 -3.33 8.93
C SER A 57 -12.72 -3.32 10.43
N LYS A 58 -11.80 -2.46 10.88
CA LYS A 58 -11.60 -2.16 12.29
C LYS A 58 -12.77 -1.32 12.82
N GLN A 59 -13.90 -1.96 13.07
CA GLN A 59 -15.18 -1.41 13.56
C GLN A 59 -15.80 -0.44 12.57
N LYS A 60 -15.35 0.82 12.51
CA LYS A 60 -15.85 1.80 11.54
C LYS A 60 -14.70 2.62 10.97
N PHE A 61 -14.76 2.82 9.67
CA PHE A 61 -13.84 3.56 8.84
C PHE A 61 -14.67 4.19 7.72
N VAL A 62 -14.48 5.48 7.52
CA VAL A 62 -15.46 6.38 6.91
C VAL A 62 -14.67 7.60 6.48
N LEU A 63 -14.00 7.49 5.33
CA LEU A 63 -12.95 8.41 4.93
C LEU A 63 -13.09 8.89 3.49
N LYS A 64 -13.36 7.98 2.54
CA LYS A 64 -13.72 8.28 1.15
C LYS A 64 -12.75 9.27 0.49
N THR A 65 -11.60 8.79 0.01
CA THR A 65 -10.57 9.62 -0.61
C THR A 65 -10.35 9.25 -2.08
N PRO A 66 -10.25 10.25 -2.98
CA PRO A 66 -9.91 10.06 -4.38
C PRO A 66 -8.40 9.88 -4.60
N LYS A 67 -8.05 9.44 -5.81
CA LYS A 67 -6.69 9.12 -6.20
C LYS A 67 -6.42 9.61 -7.62
N SER A 68 -5.16 9.88 -7.93
CA SER A 68 -4.61 9.78 -9.27
C SER A 68 -3.17 9.31 -9.13
N GLY A 69 -2.54 8.96 -10.24
CA GLY A 69 -1.22 8.37 -10.32
C GLY A 69 -0.11 9.35 -9.93
N PRO A 70 1.14 8.92 -10.06
CA PRO A 70 2.33 9.71 -9.71
C PRO A 70 2.70 10.73 -10.81
N SER A 71 1.71 11.30 -11.50
CA SER A 71 1.79 11.76 -12.89
C SER A 71 1.97 10.55 -13.82
N SER A 72 1.02 10.40 -14.74
CA SER A 72 0.89 9.28 -15.65
C SER A 72 0.49 8.00 -14.89
N GLY A 73 -0.79 7.67 -15.01
CA GLY A 73 -1.39 6.47 -14.49
C GLY A 73 -2.85 6.43 -14.87
N GLY A 1 -20.89 4.30 -19.24
CA GLY A 1 -21.61 4.45 -17.97
C GLY A 1 -20.85 5.39 -17.04
N SER A 2 -20.11 4.84 -16.08
CA SER A 2 -19.34 5.59 -15.08
C SER A 2 -17.89 5.12 -15.14
N SER A 3 -17.08 5.78 -15.95
CA SER A 3 -15.66 5.51 -16.12
C SER A 3 -14.91 5.76 -14.81
N GLY A 4 -13.71 5.16 -14.65
CA GLY A 4 -12.89 5.32 -13.46
C GLY A 4 -13.60 4.86 -12.19
N SER A 5 -14.35 3.75 -12.26
CA SER A 5 -15.13 3.19 -11.18
C SER A 5 -14.60 1.76 -10.99
N SER A 6 -13.53 1.66 -10.19
CA SER A 6 -12.52 0.60 -10.15
C SER A 6 -11.92 0.28 -11.52
N GLY A 7 -10.96 -0.65 -11.55
CA GLY A 7 -10.41 -1.22 -12.76
C GLY A 7 -9.16 -2.03 -12.45
N MET A 8 -8.79 -2.91 -13.38
CA MET A 8 -7.73 -3.88 -13.21
C MET A 8 -6.39 -3.35 -13.74
N ALA A 9 -6.40 -2.46 -14.73
CA ALA A 9 -5.21 -1.79 -15.21
C ALA A 9 -4.60 -0.96 -14.08
N GLU A 10 -5.43 -0.19 -13.38
CA GLU A 10 -5.08 0.56 -12.17
C GLU A 10 -4.54 -0.40 -11.11
N ARG A 11 -5.20 -1.55 -10.93
CA ARG A 11 -4.77 -2.55 -9.95
C ARG A 11 -3.34 -2.97 -10.26
N ALA A 12 -3.02 -3.30 -11.52
CA ALA A 12 -1.68 -3.76 -11.90
C ALA A 12 -0.59 -2.72 -11.62
N ALA A 13 -0.91 -1.42 -11.61
CA ALA A 13 0.02 -0.36 -11.24
C ALA A 13 0.16 -0.28 -9.71
N LEU A 14 -0.96 -0.33 -8.99
CA LEU A 14 -0.97 -0.31 -7.53
C LEU A 14 -0.25 -1.54 -6.95
N GLU A 15 -0.47 -2.71 -7.54
CA GLU A 15 0.20 -3.97 -7.21
C GLU A 15 1.70 -3.85 -7.45
N GLU A 16 2.11 -3.05 -8.43
CA GLU A 16 3.49 -2.75 -8.70
C GLU A 16 4.11 -2.00 -7.51
N LEU A 17 3.41 -0.99 -6.98
CA LEU A 17 3.88 -0.25 -5.81
C LEU A 17 3.96 -1.18 -4.60
N VAL A 18 2.98 -2.07 -4.42
CA VAL A 18 3.01 -3.08 -3.36
C VAL A 18 4.28 -3.91 -3.48
N LYS A 19 4.53 -4.47 -4.66
CA LYS A 19 5.71 -5.26 -4.93
C LYS A 19 6.94 -4.46 -4.60
N LEU A 20 7.16 -3.31 -5.23
CA LEU A 20 8.34 -2.46 -5.08
C LEU A 20 8.56 -2.04 -3.63
N GLN A 21 7.52 -1.67 -2.90
CA GLN A 21 7.65 -1.32 -1.50
C GLN A 21 8.18 -2.51 -0.71
N GLY A 22 7.54 -3.67 -0.88
CA GLY A 22 7.95 -4.88 -0.18
C GLY A 22 9.40 -5.24 -0.51
N GLU A 23 9.75 -5.18 -1.80
CA GLU A 23 11.10 -5.40 -2.32
C GLU A 23 12.08 -4.42 -1.65
N ARG A 24 11.71 -3.14 -1.53
CA ARG A 24 12.60 -2.12 -1.00
C ARG A 24 12.82 -2.32 0.48
N VAL A 25 11.76 -2.54 1.26
CA VAL A 25 11.87 -2.76 2.70
C VAL A 25 12.75 -3.98 3.01
N ARG A 26 12.66 -5.06 2.22
CA ARG A 26 13.59 -6.20 2.34
C ARG A 26 15.03 -5.73 2.17
N GLY A 27 15.27 -4.79 1.27
CA GLY A 27 16.57 -4.23 1.00
C GLY A 27 17.01 -3.32 2.14
N LEU A 28 16.15 -2.45 2.66
CA LEU A 28 16.57 -1.44 3.64
C LEU A 28 16.98 -2.10 4.95
N LYS A 29 16.29 -3.18 5.34
CA LYS A 29 16.67 -4.01 6.48
C LYS A 29 18.07 -4.57 6.24
N GLN A 30 18.30 -5.19 5.09
CA GLN A 30 19.57 -5.75 4.67
C GLN A 30 20.67 -4.67 4.61
N GLN A 31 20.37 -3.43 4.20
CA GLN A 31 21.33 -2.33 4.14
C GLN A 31 21.66 -1.80 5.54
N LYS A 32 20.88 -2.17 6.58
CA LYS A 32 20.86 -1.55 7.90
C LYS A 32 20.68 -0.03 7.79
N ALA A 33 19.65 0.39 7.03
CA ALA A 33 19.22 1.78 7.00
C ALA A 33 18.79 2.23 8.40
N SER A 34 18.60 3.54 8.56
CA SER A 34 17.97 4.13 9.73
C SER A 34 16.63 3.43 9.99
N ALA A 35 16.38 3.08 11.25
CA ALA A 35 15.15 2.42 11.67
C ALA A 35 13.93 3.30 11.39
N GLU A 36 14.10 4.62 11.34
CA GLU A 36 13.05 5.57 10.99
C GLU A 36 12.62 5.36 9.54
N LEU A 37 13.59 5.28 8.61
CA LEU A 37 13.35 5.09 7.18
C LEU A 37 12.62 3.77 6.97
N ILE A 38 13.10 2.71 7.61
CA ILE A 38 12.46 1.41 7.56
C ILE A 38 11.02 1.56 8.07
N GLU A 39 10.79 2.22 9.20
CA GLU A 39 9.44 2.42 9.73
C GLU A 39 8.56 3.24 8.79
N GLU A 40 9.09 4.26 8.12
CA GLU A 40 8.38 5.07 7.15
C GLU A 40 7.89 4.17 6.01
N GLU A 41 8.79 3.31 5.56
CA GLU A 41 8.63 2.44 4.41
C GLU A 41 7.78 1.22 4.75
N VAL A 42 7.78 0.77 6.02
CA VAL A 42 6.91 -0.25 6.57
C VAL A 42 5.51 0.34 6.69
N ALA A 43 5.36 1.54 7.21
CA ALA A 43 4.08 2.23 7.27
C ALA A 43 3.50 2.39 5.86
N LYS A 44 4.32 2.73 4.85
CA LYS A 44 3.91 2.66 3.44
C LYS A 44 3.53 1.25 3.03
N LEU A 45 4.37 0.24 3.27
CA LEU A 45 4.14 -1.15 2.91
C LEU A 45 2.80 -1.65 3.48
N LEU A 46 2.43 -1.17 4.66
CA LEU A 46 1.19 -1.46 5.35
C LEU A 46 0.03 -0.83 4.59
N LYS A 47 -0.03 0.50 4.51
CA LYS A 47 -1.17 1.19 3.91
C LYS A 47 -1.29 0.95 2.40
N LEU A 48 -0.19 0.65 1.71
CA LEU A 48 -0.21 0.17 0.32
C LEU A 48 -1.01 -1.11 0.27
N LYS A 49 -0.60 -2.18 0.98
CA LYS A 49 -1.37 -3.41 1.00
C LYS A 49 -2.81 -3.15 1.41
N ALA A 50 -3.05 -2.24 2.37
CA ALA A 50 -4.38 -1.98 2.90
C ALA A 50 -5.35 -1.46 1.83
N GLN A 51 -4.86 -0.75 0.81
CA GLN A 51 -5.68 -0.30 -0.32
C GLN A 51 -6.02 -1.46 -1.24
N LEU A 52 -5.02 -2.24 -1.67
CA LEU A 52 -5.21 -3.39 -2.55
C LEU A 52 -5.98 -4.51 -1.87
N GLY A 53 -5.97 -4.56 -0.54
CA GLY A 53 -6.51 -5.62 0.27
C GLY A 53 -6.98 -5.06 1.63
N PRO A 54 -8.14 -4.39 1.69
CA PRO A 54 -8.72 -3.85 2.92
C PRO A 54 -9.39 -4.96 3.73
N ASP A 55 -8.68 -6.07 3.95
CA ASP A 55 -9.13 -7.34 4.54
C ASP A 55 -10.09 -8.09 3.61
N GLU A 56 -10.02 -9.42 3.64
CA GLU A 56 -10.62 -10.41 2.74
C GLU A 56 -10.56 -10.04 1.25
N SER A 57 -9.51 -10.48 0.54
CA SER A 57 -9.22 -10.09 -0.85
C SER A 57 -9.77 -11.10 -1.87
N LYS A 58 -10.63 -12.04 -1.48
CA LYS A 58 -11.22 -12.98 -2.44
C LYS A 58 -12.59 -13.43 -1.92
N GLN A 59 -13.62 -13.35 -2.75
CA GLN A 59 -15.02 -13.19 -2.35
C GLN A 59 -15.17 -12.09 -1.27
N LYS A 60 -16.36 -11.92 -0.70
CA LYS A 60 -16.59 -11.06 0.48
C LYS A 60 -16.16 -9.61 0.26
N PHE A 61 -16.15 -9.13 -0.99
CA PHE A 61 -15.98 -7.72 -1.28
C PHE A 61 -17.33 -7.05 -0.97
N VAL A 62 -17.60 -6.84 0.32
CA VAL A 62 -18.83 -6.27 0.85
C VAL A 62 -18.44 -5.15 1.82
N LEU A 63 -17.65 -4.21 1.31
CA LEU A 63 -17.14 -3.03 2.00
C LEU A 63 -17.59 -1.82 1.20
N LYS A 64 -18.38 -0.95 1.82
CA LYS A 64 -18.86 0.37 1.35
C LYS A 64 -19.13 0.38 -0.15
N THR A 65 -20.33 -0.08 -0.53
CA THR A 65 -20.76 -0.32 -1.89
C THR A 65 -20.44 0.90 -2.79
N PRO A 66 -19.69 0.74 -3.88
CA PRO A 66 -19.21 1.87 -4.67
C PRO A 66 -20.33 2.69 -5.28
N LYS A 67 -21.38 2.07 -5.82
CA LYS A 67 -22.47 2.77 -6.48
C LYS A 67 -23.73 1.92 -6.45
N SER A 68 -24.79 2.43 -7.03
CA SER A 68 -26.03 1.72 -7.33
C SER A 68 -26.58 2.26 -8.64
N GLY A 69 -27.53 1.56 -9.26
CA GLY A 69 -27.99 1.80 -10.62
C GLY A 69 -28.06 0.46 -11.35
N PRO A 70 -28.27 0.45 -12.68
CA PRO A 70 -28.18 -0.78 -13.46
C PRO A 70 -26.72 -1.24 -13.54
N SER A 71 -26.52 -2.53 -13.80
CA SER A 71 -25.23 -3.19 -14.04
C SER A 71 -25.52 -4.61 -14.56
N SER A 72 -24.48 -5.35 -14.96
CA SER A 72 -24.61 -6.75 -15.34
C SER A 72 -25.71 -6.95 -16.41
N GLY A 73 -26.36 -8.12 -16.44
CA GLY A 73 -26.93 -8.66 -17.66
C GLY A 73 -25.76 -9.09 -18.54
N GLY A 1 -12.73 9.37 -5.85
CA GLY A 1 -13.14 9.48 -4.45
C GLY A 1 -11.95 9.32 -3.54
N SER A 2 -11.78 8.12 -2.98
CA SER A 2 -10.53 7.67 -2.37
C SER A 2 -9.99 6.45 -3.13
N SER A 3 -10.89 5.62 -3.68
CA SER A 3 -10.60 4.58 -4.64
C SER A 3 -11.85 4.33 -5.48
N GLY A 4 -11.76 3.40 -6.42
CA GLY A 4 -12.85 2.83 -7.18
C GLY A 4 -12.28 1.76 -8.10
N SER A 5 -13.14 1.13 -8.89
CA SER A 5 -12.78 0.20 -9.96
C SER A 5 -11.81 -0.89 -9.49
N SER A 6 -12.25 -1.68 -8.52
CA SER A 6 -11.63 -2.94 -8.17
C SER A 6 -11.66 -3.83 -9.43
N GLY A 7 -10.54 -3.94 -10.12
CA GLY A 7 -10.41 -4.52 -11.46
C GLY A 7 -8.95 -4.84 -11.74
N MET A 8 -8.71 -5.85 -12.56
CA MET A 8 -7.40 -6.48 -12.67
C MET A 8 -6.32 -5.54 -13.18
N ALA A 9 -6.60 -4.72 -14.21
CA ALA A 9 -5.55 -3.90 -14.81
C ALA A 9 -5.08 -2.83 -13.82
N GLU A 10 -6.01 -2.14 -13.16
CA GLU A 10 -5.63 -1.17 -12.14
C GLU A 10 -4.93 -1.87 -10.98
N ARG A 11 -5.43 -3.02 -10.53
CA ARG A 11 -4.81 -3.76 -9.44
C ARG A 11 -3.39 -4.17 -9.81
N ALA A 12 -3.11 -4.66 -11.01
CA ALA A 12 -1.78 -5.12 -11.39
C ALA A 12 -0.75 -4.00 -11.19
N ALA A 13 -1.11 -2.76 -11.51
CA ALA A 13 -0.24 -1.62 -11.29
C ALA A 13 -0.04 -1.32 -9.79
N LEU A 14 -1.07 -1.47 -8.96
CA LEU A 14 -0.96 -1.20 -7.52
C LEU A 14 -0.18 -2.33 -6.81
N GLU A 15 -0.36 -3.56 -7.26
CA GLU A 15 0.36 -4.75 -6.82
C GLU A 15 1.87 -4.56 -7.08
N GLU A 16 2.26 -3.88 -8.17
CA GLU A 16 3.66 -3.55 -8.40
C GLU A 16 4.16 -2.64 -7.30
N LEU A 17 3.41 -1.59 -6.93
CA LEU A 17 3.84 -0.68 -5.88
C LEU A 17 4.02 -1.42 -4.56
N VAL A 18 3.14 -2.37 -4.22
CA VAL A 18 3.29 -3.18 -3.00
C VAL A 18 4.52 -4.08 -3.10
N LYS A 19 4.70 -4.80 -4.21
CA LYS A 19 5.87 -5.63 -4.44
C LYS A 19 7.13 -4.81 -4.27
N LEU A 20 7.29 -3.73 -5.05
CA LEU A 20 8.45 -2.87 -5.06
C LEU A 20 8.68 -2.26 -3.68
N GLN A 21 7.63 -1.82 -2.98
CA GLN A 21 7.75 -1.29 -1.64
C GLN A 21 8.30 -2.35 -0.68
N GLY A 22 7.68 -3.55 -0.65
CA GLY A 22 8.08 -4.60 0.26
C GLY A 22 9.45 -5.18 -0.09
N GLU A 23 9.84 -5.13 -1.36
CA GLU A 23 11.19 -5.39 -1.80
C GLU A 23 12.15 -4.34 -1.23
N ARG A 24 11.87 -3.05 -1.43
CA ARG A 24 12.74 -1.99 -0.93
C ARG A 24 12.95 -2.10 0.56
N VAL A 25 11.89 -2.35 1.35
CA VAL A 25 11.98 -2.59 2.78
C VAL A 25 13.07 -3.65 3.09
N ARG A 26 13.09 -4.79 2.39
CA ARG A 26 14.12 -5.80 2.62
C ARG A 26 15.48 -5.28 2.22
N GLY A 27 15.59 -4.63 1.07
CA GLY A 27 16.84 -4.01 0.66
C GLY A 27 17.34 -3.02 1.71
N LEU A 28 16.46 -2.22 2.30
CA LEU A 28 16.82 -1.23 3.30
C LEU A 28 17.26 -1.90 4.60
N LYS A 29 16.55 -2.94 5.04
CA LYS A 29 16.93 -3.77 6.18
C LYS A 29 18.31 -4.38 6.00
N GLN A 30 18.64 -4.82 4.79
CA GLN A 30 19.94 -5.38 4.43
C GLN A 30 21.01 -4.29 4.44
N GLN A 31 20.70 -3.11 3.91
CA GLN A 31 21.53 -1.89 3.88
C GLN A 31 21.75 -1.32 5.29
N LYS A 32 21.09 -1.88 6.31
CA LYS A 32 21.01 -1.35 7.66
C LYS A 32 20.65 0.15 7.64
N ALA A 33 19.71 0.54 6.77
CA ALA A 33 19.15 1.89 6.79
C ALA A 33 18.57 2.23 8.18
N SER A 34 18.18 3.50 8.36
CA SER A 34 17.61 3.98 9.61
C SER A 34 16.45 3.10 10.04
N ALA A 35 16.28 2.95 11.36
CA ALA A 35 15.12 2.30 11.92
C ALA A 35 13.87 3.02 11.42
N GLU A 36 13.89 4.35 11.52
CA GLU A 36 12.84 5.26 11.07
C GLU A 36 12.51 5.03 9.59
N LEU A 37 13.50 4.85 8.73
CA LEU A 37 13.27 4.75 7.29
C LEU A 37 12.53 3.46 6.98
N ILE A 38 13.05 2.34 7.46
CA ILE A 38 12.50 1.01 7.29
C ILE A 38 11.08 0.96 7.84
N GLU A 39 10.85 1.47 9.05
CA GLU A 39 9.57 1.56 9.67
C GLU A 39 8.61 2.34 8.78
N GLU A 40 9.01 3.51 8.29
CA GLU A 40 8.15 4.34 7.48
C GLU A 40 7.84 3.66 6.15
N GLU A 41 8.80 2.94 5.57
CA GLU A 41 8.59 2.16 4.36
C GLU A 41 7.65 0.97 4.61
N VAL A 42 7.67 0.37 5.79
CA VAL A 42 6.70 -0.63 6.24
C VAL A 42 5.34 0.03 6.47
N ALA A 43 5.29 1.24 7.02
CA ALA A 43 4.07 1.98 7.26
C ALA A 43 3.42 2.36 5.93
N LYS A 44 4.22 2.68 4.92
CA LYS A 44 3.79 2.89 3.55
C LYS A 44 3.32 1.57 2.95
N LEU A 45 4.05 0.46 3.13
CA LEU A 45 3.66 -0.86 2.65
C LEU A 45 2.28 -1.24 3.20
N LEU A 46 2.06 -1.05 4.51
CA LEU A 46 0.78 -1.26 5.17
C LEU A 46 -0.30 -0.42 4.49
N LYS A 47 -0.14 0.90 4.50
CA LYS A 47 -1.20 1.80 4.02
C LYS A 47 -1.46 1.64 2.52
N LEU A 48 -0.46 1.19 1.74
CA LEU A 48 -0.62 0.77 0.35
C LEU A 48 -1.46 -0.49 0.25
N LYS A 49 -1.14 -1.55 1.02
CA LYS A 49 -1.92 -2.79 0.99
C LYS A 49 -3.38 -2.53 1.37
N ALA A 50 -3.64 -1.55 2.23
CA ALA A 50 -5.00 -1.13 2.57
C ALA A 50 -5.75 -0.54 1.37
N GLN A 51 -5.06 -0.08 0.31
CA GLN A 51 -5.69 0.34 -0.93
C GLN A 51 -6.09 -0.88 -1.77
N LEU A 52 -5.24 -1.91 -1.84
CA LEU A 52 -5.47 -3.12 -2.62
C LEU A 52 -6.74 -3.83 -2.15
N GLY A 53 -6.72 -4.33 -0.91
CA GLY A 53 -7.69 -5.26 -0.38
C GLY A 53 -9.10 -4.67 -0.45
N PRO A 54 -9.96 -5.13 -1.38
CA PRO A 54 -11.24 -4.50 -1.62
C PRO A 54 -12.11 -4.66 -0.38
N ASP A 55 -12.56 -3.55 0.19
CA ASP A 55 -13.08 -3.53 1.55
C ASP A 55 -13.79 -2.21 1.84
N GLU A 56 -13.06 -1.09 1.79
CA GLU A 56 -13.45 0.23 2.26
C GLU A 56 -14.41 0.18 3.45
N SER A 57 -13.89 -0.08 4.64
CA SER A 57 -14.66 0.02 5.88
C SER A 57 -13.92 1.00 6.81
N LYS A 58 -14.25 2.29 6.72
CA LYS A 58 -13.71 3.34 7.59
C LYS A 58 -14.65 4.54 7.58
N GLN A 59 -14.27 5.62 8.27
CA GLN A 59 -15.12 6.78 8.44
C GLN A 59 -15.04 7.69 7.22
N LYS A 60 -16.17 8.30 6.87
CA LYS A 60 -16.34 9.33 5.84
C LYS A 60 -15.62 10.59 6.31
N PHE A 61 -14.44 10.89 5.78
CA PHE A 61 -13.65 12.02 6.25
C PHE A 61 -12.71 12.50 5.13
N VAL A 62 -13.21 13.32 4.22
CA VAL A 62 -12.42 13.96 3.17
C VAL A 62 -13.02 15.34 2.87
N LEU A 63 -12.17 16.33 2.55
CA LEU A 63 -12.60 17.65 2.08
C LEU A 63 -11.58 18.16 1.03
N LYS A 64 -11.39 17.38 -0.04
CA LYS A 64 -10.31 17.49 -1.02
C LYS A 64 -8.93 17.71 -0.37
N THR A 65 -8.45 16.71 0.37
CA THR A 65 -7.11 16.72 0.97
C THR A 65 -6.01 16.82 -0.10
N PRO A 66 -4.80 17.30 0.27
CA PRO A 66 -3.63 17.23 -0.58
C PRO A 66 -3.09 15.80 -0.61
N LYS A 67 -2.36 15.44 -1.67
CA LYS A 67 -1.64 14.17 -1.85
C LYS A 67 -0.15 14.50 -2.06
N SER A 68 0.41 15.35 -1.20
CA SER A 68 1.82 15.72 -1.14
C SER A 68 2.72 14.48 -1.20
N GLY A 69 3.56 14.36 -2.22
CA GLY A 69 4.22 13.11 -2.60
C GLY A 69 5.74 13.23 -2.58
N PRO A 70 6.46 12.15 -2.93
CA PRO A 70 7.90 12.19 -3.09
C PRO A 70 8.28 13.11 -4.25
N SER A 71 9.54 13.57 -4.26
CA SER A 71 10.20 14.31 -5.32
C SER A 71 9.26 15.35 -5.94
N SER A 72 8.62 16.15 -5.08
CA SER A 72 7.48 16.99 -5.40
C SER A 72 7.99 18.42 -5.58
N GLY A 73 8.44 18.73 -6.79
CA GLY A 73 9.05 20.00 -7.16
C GLY A 73 8.53 20.38 -8.52
N GLY A 1 -11.04 12.85 -4.80
CA GLY A 1 -11.61 11.50 -4.67
C GLY A 1 -12.73 11.28 -5.68
N SER A 2 -12.41 10.79 -6.88
CA SER A 2 -13.36 10.49 -7.94
C SER A 2 -12.91 9.21 -8.66
N SER A 3 -13.82 8.51 -9.33
CA SER A 3 -13.60 7.21 -9.97
C SER A 3 -12.91 6.24 -8.99
N GLY A 4 -12.27 5.18 -9.48
CA GLY A 4 -11.47 4.29 -8.66
C GLY A 4 -10.80 3.21 -9.47
N SER A 5 -9.89 2.48 -8.83
CA SER A 5 -9.23 1.32 -9.39
C SER A 5 -10.21 0.15 -9.35
N SER A 6 -10.64 -0.31 -10.53
CA SER A 6 -11.48 -1.48 -10.68
C SER A 6 -11.09 -2.20 -11.97
N GLY A 7 -9.94 -2.86 -11.97
CA GLY A 7 -9.48 -3.72 -13.06
C GLY A 7 -8.09 -4.28 -12.79
N MET A 8 -7.74 -5.33 -13.55
CA MET A 8 -6.44 -6.00 -13.49
C MET A 8 -5.31 -5.01 -13.78
N ALA A 9 -5.49 -4.12 -14.76
CA ALA A 9 -4.46 -3.18 -15.16
C ALA A 9 -4.07 -2.27 -13.99
N GLU A 10 -5.04 -1.54 -13.43
CA GLU A 10 -4.79 -0.66 -12.29
C GLU A 10 -4.40 -1.46 -11.04
N ARG A 11 -4.84 -2.71 -10.91
CA ARG A 11 -4.38 -3.56 -9.81
C ARG A 11 -2.89 -3.82 -9.98
N ALA A 12 -2.42 -4.23 -11.15
CA ALA A 12 -1.05 -4.64 -11.37
C ALA A 12 -0.07 -3.50 -11.08
N ALA A 13 -0.43 -2.25 -11.38
CA ALA A 13 0.43 -1.11 -11.06
C ALA A 13 0.52 -0.90 -9.55
N LEU A 14 -0.60 -0.99 -8.82
CA LEU A 14 -0.59 -0.84 -7.36
C LEU A 14 0.03 -2.08 -6.69
N GLU A 15 -0.05 -3.25 -7.31
CA GLU A 15 0.69 -4.44 -6.93
C GLU A 15 2.17 -4.18 -7.11
N GLU A 16 2.59 -3.51 -8.20
CA GLU A 16 3.97 -3.09 -8.40
C GLU A 16 4.39 -2.18 -7.25
N LEU A 17 3.56 -1.20 -6.88
CA LEU A 17 3.86 -0.32 -5.74
C LEU A 17 4.08 -1.16 -4.49
N VAL A 18 3.15 -2.04 -4.15
CA VAL A 18 3.24 -2.94 -2.99
C VAL A 18 4.52 -3.78 -3.06
N LYS A 19 4.71 -4.52 -4.15
CA LYS A 19 5.79 -5.47 -4.34
C LYS A 19 7.13 -4.76 -4.25
N LEU A 20 7.31 -3.65 -4.96
CA LEU A 20 8.55 -2.91 -5.02
C LEU A 20 8.82 -2.25 -3.69
N GLN A 21 7.80 -1.70 -3.02
CA GLN A 21 7.92 -1.17 -1.67
C GLN A 21 8.42 -2.29 -0.75
N GLY A 22 7.80 -3.47 -0.78
CA GLY A 22 8.16 -4.62 0.06
C GLY A 22 9.56 -5.13 -0.24
N GLU A 23 9.92 -5.26 -1.51
CA GLU A 23 11.25 -5.66 -1.94
C GLU A 23 12.28 -4.67 -1.41
N ARG A 24 12.01 -3.37 -1.57
CA ARG A 24 12.91 -2.31 -1.12
C ARG A 24 13.05 -2.33 0.38
N VAL A 25 11.95 -2.45 1.14
CA VAL A 25 11.97 -2.64 2.60
C VAL A 25 12.95 -3.76 2.98
N ARG A 26 12.84 -4.92 2.34
CA ARG A 26 13.69 -6.08 2.64
C ARG A 26 15.16 -5.74 2.39
N GLY A 27 15.44 -5.07 1.27
CA GLY A 27 16.77 -4.60 0.91
C GLY A 27 17.28 -3.53 1.87
N LEU A 28 16.45 -2.58 2.29
CA LEU A 28 16.85 -1.48 3.18
C LEU A 28 17.26 -2.07 4.53
N LYS A 29 16.56 -3.10 4.99
CA LYS A 29 16.94 -3.82 6.19
C LYS A 29 18.30 -4.48 6.01
N GLN A 30 18.59 -5.17 4.89
CA GLN A 30 19.92 -5.68 4.60
C GLN A 30 20.94 -4.54 4.68
N GLN A 31 20.65 -3.40 4.03
CA GLN A 31 21.58 -2.29 3.86
C GLN A 31 21.80 -1.55 5.19
N LYS A 32 21.10 -1.95 6.26
CA LYS A 32 21.08 -1.28 7.55
C LYS A 32 20.79 0.21 7.34
N ALA A 33 19.74 0.51 6.57
CA ALA A 33 19.28 1.87 6.36
C ALA A 33 18.76 2.45 7.69
N SER A 34 18.44 3.74 7.62
CA SER A 34 17.87 4.53 8.71
C SER A 34 16.66 3.78 9.27
N ALA A 35 16.68 3.48 10.57
CA ALA A 35 15.72 2.60 11.19
C ALA A 35 14.31 3.20 11.21
N GLU A 36 14.21 4.53 11.26
CA GLU A 36 12.95 5.21 11.11
C GLU A 36 12.45 5.07 9.67
N LEU A 37 13.28 5.37 8.65
CA LEU A 37 12.90 5.23 7.24
C LEU A 37 12.40 3.82 6.97
N ILE A 38 13.06 2.81 7.52
CA ILE A 38 12.62 1.43 7.42
C ILE A 38 11.16 1.30 7.88
N GLU A 39 10.81 1.84 9.04
CA GLU A 39 9.48 1.75 9.64
C GLU A 39 8.46 2.67 8.95
N GLU A 40 8.89 3.81 8.42
CA GLU A 40 8.08 4.68 7.57
C GLU A 40 7.66 3.86 6.36
N GLU A 41 8.61 3.21 5.71
CA GLU A 41 8.39 2.46 4.48
C GLU A 41 7.57 1.19 4.72
N VAL A 42 7.59 0.61 5.92
CA VAL A 42 6.73 -0.49 6.34
C VAL A 42 5.30 0.00 6.56
N ALA A 43 5.10 1.11 7.27
CA ALA A 43 3.79 1.72 7.43
C ALA A 43 3.19 2.10 6.07
N LYS A 44 4.00 2.72 5.20
CA LYS A 44 3.60 3.08 3.84
C LYS A 44 3.23 1.83 3.05
N LEU A 45 4.01 0.76 3.14
CA LEU A 45 3.67 -0.54 2.57
C LEU A 45 2.32 -1.04 3.08
N LEU A 46 2.09 -0.98 4.40
CA LEU A 46 0.90 -1.52 5.02
C LEU A 46 -0.34 -0.77 4.52
N LYS A 47 -0.36 0.55 4.65
CA LYS A 47 -1.50 1.34 4.20
C LYS A 47 -1.67 1.26 2.68
N LEU A 48 -0.58 1.08 1.90
CA LEU A 48 -0.66 0.79 0.47
C LEU A 48 -1.47 -0.48 0.25
N LYS A 49 -1.05 -1.60 0.86
CA LYS A 49 -1.72 -2.90 0.73
C LYS A 49 -3.20 -2.79 1.09
N ALA A 50 -3.54 -2.03 2.11
CA ALA A 50 -4.92 -1.88 2.57
C ALA A 50 -5.85 -1.37 1.47
N GLN A 51 -5.35 -0.57 0.51
CA GLN A 51 -6.14 -0.02 -0.58
C GLN A 51 -6.58 -1.07 -1.60
N LEU A 52 -5.74 -2.08 -1.83
CA LEU A 52 -5.99 -3.20 -2.75
C LEU A 52 -7.21 -4.03 -2.32
N GLY A 53 -7.69 -3.89 -1.08
CA GLY A 53 -8.62 -4.83 -0.48
C GLY A 53 -7.85 -6.08 -0.07
N PRO A 54 -7.17 -6.06 1.10
CA PRO A 54 -6.42 -7.22 1.58
C PRO A 54 -7.34 -8.29 2.17
N ASP A 55 -8.50 -7.87 2.70
CA ASP A 55 -9.55 -8.72 3.23
C ASP A 55 -10.81 -7.87 3.32
N GLU A 56 -10.77 -6.82 4.15
CA GLU A 56 -11.78 -5.77 4.21
C GLU A 56 -11.63 -4.87 2.99
N SER A 57 -12.75 -4.31 2.53
CA SER A 57 -12.79 -3.33 1.44
C SER A 57 -13.43 -2.05 1.95
N LYS A 58 -13.25 -0.96 1.19
CA LYS A 58 -13.77 0.37 1.49
C LYS A 58 -13.66 0.69 2.98
N GLN A 59 -12.42 0.84 3.45
CA GLN A 59 -12.11 1.37 4.77
C GLN A 59 -12.68 2.79 4.83
N LYS A 60 -13.57 3.10 5.76
CA LYS A 60 -14.12 4.44 5.89
C LYS A 60 -12.99 5.39 6.30
N PHE A 61 -12.77 6.44 5.51
CA PHE A 61 -11.80 7.48 5.83
C PHE A 61 -12.34 8.86 5.47
N VAL A 62 -11.74 9.91 6.02
CA VAL A 62 -11.96 11.27 5.55
C VAL A 62 -11.32 11.43 4.17
N LEU A 63 -12.06 11.97 3.20
CA LEU A 63 -11.51 12.34 1.91
C LEU A 63 -10.63 13.56 2.11
N LYS A 64 -9.52 13.63 1.38
CA LYS A 64 -8.53 14.70 1.41
C LYS A 64 -8.26 15.24 2.81
N THR A 65 -7.63 14.43 3.67
CA THR A 65 -7.29 14.81 5.03
C THR A 65 -6.55 16.15 5.06
N PRO A 66 -6.85 17.05 6.02
CA PRO A 66 -6.25 18.37 6.10
C PRO A 66 -4.81 18.37 6.57
N LYS A 67 -4.24 17.24 7.02
CA LYS A 67 -2.85 17.20 7.46
C LYS A 67 -1.97 17.26 6.21
N SER A 68 -1.60 18.46 5.80
CA SER A 68 -0.76 18.78 4.66
C SER A 68 0.21 19.88 5.12
N GLY A 69 1.50 19.57 5.25
CA GLY A 69 2.51 20.51 5.77
C GLY A 69 3.69 20.64 4.82
N PRO A 70 3.55 21.38 3.69
CA PRO A 70 4.58 21.43 2.64
C PRO A 70 5.82 22.27 2.99
N SER A 71 5.82 23.02 4.09
CA SER A 71 6.89 23.91 4.53
C SER A 71 7.42 24.81 3.39
N SER A 72 8.53 24.45 2.75
CA SER A 72 9.08 25.20 1.62
C SER A 72 9.74 24.22 0.64
N GLY A 73 10.43 23.21 1.15
CA GLY A 73 10.90 22.04 0.44
C GLY A 73 10.88 20.90 1.42
N GLY A 1 -14.65 11.28 -5.10
CA GLY A 1 -13.45 11.34 -5.92
C GLY A 1 -13.13 9.94 -6.40
N SER A 2 -12.51 9.12 -5.53
CA SER A 2 -12.48 7.68 -5.67
C SER A 2 -12.38 7.03 -4.29
N SER A 3 -12.42 5.70 -4.25
CA SER A 3 -12.45 4.86 -3.07
C SER A 3 -11.36 3.80 -3.14
N GLY A 4 -11.05 3.28 -4.33
CA GLY A 4 -10.00 2.31 -4.54
C GLY A 4 -9.29 2.66 -5.82
N SER A 5 -9.76 2.12 -6.95
CA SER A 5 -9.23 2.45 -8.27
C SER A 5 -10.22 1.94 -9.32
N SER A 6 -10.17 0.63 -9.61
CA SER A 6 -11.06 -0.18 -10.44
C SER A 6 -10.48 -0.40 -11.84
N GLY A 7 -9.50 -1.29 -11.94
CA GLY A 7 -8.99 -1.82 -13.20
C GLY A 7 -8.21 -3.10 -12.94
N MET A 8 -7.83 -3.82 -14.00
CA MET A 8 -6.87 -4.90 -13.91
C MET A 8 -5.46 -4.35 -14.10
N ALA A 9 -5.24 -3.51 -15.11
CA ALA A 9 -3.97 -2.81 -15.29
C ALA A 9 -3.67 -1.98 -14.05
N GLU A 10 -4.65 -1.21 -13.59
CA GLU A 10 -4.55 -0.36 -12.42
C GLU A 10 -4.50 -1.18 -11.11
N ARG A 11 -4.78 -2.50 -11.14
CA ARG A 11 -4.46 -3.39 -10.03
C ARG A 11 -3.00 -3.79 -10.12
N ALA A 12 -2.53 -4.22 -11.29
CA ALA A 12 -1.14 -4.60 -11.50
C ALA A 12 -0.19 -3.48 -11.06
N ALA A 13 -0.51 -2.22 -11.36
CA ALA A 13 0.26 -1.06 -10.95
C ALA A 13 0.29 -0.88 -9.43
N LEU A 14 -0.87 -0.99 -8.75
CA LEU A 14 -0.91 -0.79 -7.31
C LEU A 14 -0.19 -1.95 -6.61
N GLU A 15 -0.35 -3.17 -7.13
CA GLU A 15 0.40 -4.35 -6.73
C GLU A 15 1.90 -4.13 -6.97
N GLU A 16 2.30 -3.39 -8.01
CA GLU A 16 3.68 -3.05 -8.27
C GLU A 16 4.22 -2.17 -7.15
N LEU A 17 3.47 -1.13 -6.76
CA LEU A 17 3.86 -0.24 -5.67
C LEU A 17 4.00 -1.03 -4.37
N VAL A 18 3.08 -1.96 -4.10
CA VAL A 18 3.18 -2.85 -2.97
C VAL A 18 4.45 -3.70 -3.08
N LYS A 19 4.65 -4.42 -4.19
CA LYS A 19 5.77 -5.29 -4.42
C LYS A 19 7.08 -4.55 -4.23
N LEU A 20 7.30 -3.46 -4.97
CA LEU A 20 8.51 -2.68 -4.90
C LEU A 20 8.72 -2.16 -3.49
N GLN A 21 7.68 -1.81 -2.74
CA GLN A 21 7.84 -1.41 -1.36
C GLN A 21 8.30 -2.60 -0.51
N GLY A 22 7.64 -3.76 -0.64
CA GLY A 22 7.99 -5.00 0.03
C GLY A 22 9.43 -5.41 -0.26
N GLU A 23 9.87 -5.27 -1.52
CA GLU A 23 11.22 -5.58 -1.96
C GLU A 23 12.19 -4.61 -1.28
N ARG A 24 11.89 -3.30 -1.35
CA ARG A 24 12.80 -2.25 -0.95
C ARG A 24 13.07 -2.31 0.54
N VAL A 25 12.02 -2.47 1.35
CA VAL A 25 12.11 -2.61 2.80
C VAL A 25 13.08 -3.74 3.17
N ARG A 26 12.97 -4.91 2.54
CA ARG A 26 13.93 -6.01 2.75
C ARG A 26 15.34 -5.56 2.43
N GLY A 27 15.53 -4.90 1.28
CA GLY A 27 16.82 -4.37 0.89
C GLY A 27 17.35 -3.32 1.87
N LEU A 28 16.48 -2.47 2.43
CA LEU A 28 16.93 -1.45 3.38
C LEU A 28 17.44 -2.08 4.68
N LYS A 29 16.82 -3.15 5.16
CA LYS A 29 17.32 -3.87 6.34
C LYS A 29 18.70 -4.48 6.04
N GLN A 30 18.90 -5.06 4.85
CA GLN A 30 20.21 -5.54 4.39
C GLN A 30 21.23 -4.41 4.49
N GLN A 31 20.90 -3.24 3.93
CA GLN A 31 21.73 -2.05 3.86
C GLN A 31 21.92 -1.39 5.25
N LYS A 32 21.34 -1.97 6.30
CA LYS A 32 21.21 -1.43 7.64
C LYS A 32 20.90 0.06 7.60
N ALA A 33 19.87 0.42 6.84
CA ALA A 33 19.32 1.76 6.88
C ALA A 33 18.83 2.10 8.28
N SER A 34 18.62 3.39 8.55
CA SER A 34 17.99 3.87 9.76
C SER A 34 16.63 3.19 9.93
N ALA A 35 16.32 2.80 11.17
CA ALA A 35 15.04 2.23 11.54
C ALA A 35 13.90 3.10 11.04
N GLU A 36 14.02 4.40 11.23
CA GLU A 36 12.95 5.35 10.97
C GLU A 36 12.66 5.51 9.49
N LEU A 37 13.58 5.13 8.61
CA LEU A 37 13.30 5.02 7.19
C LEU A 37 12.51 3.73 6.98
N ILE A 38 13.07 2.60 7.41
CA ILE A 38 12.49 1.26 7.22
C ILE A 38 11.04 1.25 7.72
N GLU A 39 10.79 1.74 8.92
CA GLU A 39 9.52 1.72 9.60
C GLU A 39 8.48 2.66 8.95
N GLU A 40 8.90 3.71 8.25
CA GLU A 40 8.03 4.52 7.41
C GLU A 40 7.71 3.76 6.12
N GLU A 41 8.71 3.10 5.53
CA GLU A 41 8.52 2.36 4.30
C GLU A 41 7.61 1.14 4.56
N VAL A 42 7.65 0.55 5.76
CA VAL A 42 6.71 -0.47 6.27
C VAL A 42 5.32 0.15 6.45
N ALA A 43 5.21 1.31 7.10
CA ALA A 43 3.93 2.00 7.26
C ALA A 43 3.29 2.21 5.90
N LYS A 44 4.04 2.70 4.91
CA LYS A 44 3.63 2.86 3.53
C LYS A 44 3.22 1.54 2.89
N LEU A 45 4.02 0.48 3.03
CA LEU A 45 3.72 -0.85 2.51
C LEU A 45 2.34 -1.30 3.03
N LEU A 46 2.07 -1.07 4.31
CA LEU A 46 0.84 -1.43 4.97
C LEU A 46 -0.34 -0.63 4.44
N LYS A 47 -0.28 0.70 4.46
CA LYS A 47 -1.39 1.54 3.98
C LYS A 47 -1.60 1.46 2.48
N LEU A 48 -0.59 1.07 1.69
CA LEU A 48 -0.77 0.68 0.29
C LEU A 48 -1.63 -0.58 0.23
N LYS A 49 -1.23 -1.66 0.90
CA LYS A 49 -1.96 -2.94 0.87
C LYS A 49 -3.41 -2.80 1.29
N ALA A 50 -3.71 -1.88 2.20
CA ALA A 50 -5.08 -1.63 2.65
C ALA A 50 -6.00 -1.24 1.48
N GLN A 51 -5.47 -0.65 0.41
CA GLN A 51 -6.23 -0.23 -0.76
C GLN A 51 -6.55 -1.41 -1.68
N LEU A 52 -5.59 -2.32 -1.85
CA LEU A 52 -5.79 -3.60 -2.53
C LEU A 52 -6.88 -4.37 -1.79
N GLY A 53 -6.71 -4.63 -0.50
CA GLY A 53 -7.67 -5.32 0.34
C GLY A 53 -6.97 -6.31 1.27
N PRO A 54 -7.72 -6.88 2.24
CA PRO A 54 -7.28 -7.93 3.16
C PRO A 54 -7.11 -9.29 2.47
N ASP A 55 -6.74 -9.31 1.19
CA ASP A 55 -6.58 -10.48 0.34
C ASP A 55 -5.66 -11.51 1.01
N GLU A 56 -4.39 -11.18 1.25
CA GLU A 56 -3.47 -12.03 1.98
C GLU A 56 -2.52 -11.16 2.81
N SER A 57 -2.89 -10.90 4.07
CA SER A 57 -2.15 -10.01 4.96
C SER A 57 -2.29 -10.40 6.44
N LYS A 58 -3.43 -10.97 6.86
CA LYS A 58 -3.76 -11.42 8.23
C LYS A 58 -3.75 -10.31 9.29
N GLN A 59 -3.33 -9.10 8.97
CA GLN A 59 -2.85 -8.12 9.93
C GLN A 59 -3.87 -6.99 10.01
N LYS A 60 -4.59 -6.92 11.14
CA LYS A 60 -5.53 -5.85 11.45
C LYS A 60 -5.83 -5.87 12.95
N PHE A 61 -4.91 -5.36 13.76
CA PHE A 61 -5.04 -5.38 15.22
C PHE A 61 -5.50 -4.01 15.74
N VAL A 62 -6.82 -3.77 15.75
CA VAL A 62 -7.39 -2.60 16.39
C VAL A 62 -8.85 -2.89 16.72
N LEU A 63 -9.26 -2.72 17.98
CA LEU A 63 -10.66 -2.86 18.38
C LEU A 63 -11.45 -1.67 17.82
N LYS A 64 -12.28 -1.91 16.81
CA LYS A 64 -13.25 -0.98 16.22
C LYS A 64 -14.57 -1.74 16.07
N THR A 65 -15.72 -1.06 16.15
CA THR A 65 -16.97 -1.67 15.70
C THR A 65 -16.78 -2.08 14.23
N PRO A 66 -17.34 -3.21 13.79
CA PRO A 66 -17.17 -3.73 12.44
C PRO A 66 -18.00 -2.92 11.44
N LYS A 67 -17.61 -1.66 11.22
CA LYS A 67 -18.19 -0.71 10.28
C LYS A 67 -17.07 0.20 9.79
N SER A 68 -16.98 0.40 8.48
CA SER A 68 -16.13 1.38 7.83
C SER A 68 -16.67 1.60 6.41
N GLY A 69 -16.72 2.84 5.94
CA GLY A 69 -17.04 3.15 4.54
C GLY A 69 -18.18 4.16 4.37
N PRO A 70 -18.60 4.40 3.12
CA PRO A 70 -19.74 5.25 2.79
C PRO A 70 -21.06 4.53 3.09
N SER A 71 -22.17 5.26 3.02
CA SER A 71 -23.51 4.67 2.96
C SER A 71 -24.35 5.46 1.97
N SER A 72 -25.24 4.78 1.24
CA SER A 72 -26.08 5.30 0.17
C SER A 72 -25.32 5.73 -1.10
N GLY A 73 -24.11 6.30 -1.00
CA GLY A 73 -23.33 6.79 -2.12
C GLY A 73 -21.89 6.90 -1.66
N GLY A 1 -2.03 7.66 -17.10
CA GLY A 1 -3.37 7.09 -17.10
C GLY A 1 -3.76 6.74 -15.68
N SER A 2 -3.68 5.46 -15.29
CA SER A 2 -3.73 4.98 -13.91
C SER A 2 -4.88 5.56 -13.08
N SER A 3 -6.01 5.87 -13.70
CA SER A 3 -7.18 6.39 -13.02
C SER A 3 -8.41 5.63 -13.49
N GLY A 4 -9.17 5.13 -12.53
CA GLY A 4 -10.22 4.16 -12.73
C GLY A 4 -10.28 3.20 -11.55
N SER A 5 -10.87 2.04 -11.75
CA SER A 5 -10.83 0.93 -10.83
C SER A 5 -11.16 -0.36 -11.57
N SER A 6 -11.00 -1.48 -10.85
CA SER A 6 -11.50 -2.78 -11.22
C SER A 6 -11.01 -3.19 -12.61
N GLY A 7 -9.68 -3.36 -12.74
CA GLY A 7 -9.08 -3.83 -13.97
C GLY A 7 -7.69 -4.38 -13.70
N MET A 8 -7.17 -5.12 -14.68
CA MET A 8 -5.91 -5.82 -14.54
C MET A 8 -4.79 -4.78 -14.48
N ALA A 9 -4.76 -3.84 -15.42
CA ALA A 9 -3.71 -2.83 -15.50
C ALA A 9 -3.73 -1.91 -14.28
N GLU A 10 -4.91 -1.43 -13.85
CA GLU A 10 -5.05 -0.63 -12.63
C GLU A 10 -4.50 -1.41 -11.43
N ARG A 11 -5.04 -2.60 -11.14
CA ARG A 11 -4.62 -3.32 -9.96
C ARG A 11 -3.16 -3.74 -10.08
N ALA A 12 -2.64 -3.99 -11.30
CA ALA A 12 -1.22 -4.29 -11.51
C ALA A 12 -0.34 -3.12 -11.13
N ALA A 13 -0.78 -1.88 -11.36
CA ALA A 13 -0.07 -0.68 -10.96
C ALA A 13 0.04 -0.62 -9.44
N LEU A 14 -1.04 -0.95 -8.74
CA LEU A 14 -1.10 -0.95 -7.28
C LEU A 14 -0.25 -2.08 -6.71
N GLU A 15 -0.31 -3.25 -7.33
CA GLU A 15 0.46 -4.44 -6.98
C GLU A 15 1.96 -4.19 -7.15
N GLU A 16 2.36 -3.37 -8.12
CA GLU A 16 3.75 -2.96 -8.30
C GLU A 16 4.20 -2.18 -7.08
N LEU A 17 3.45 -1.15 -6.66
CA LEU A 17 3.80 -0.32 -5.51
C LEU A 17 4.03 -1.20 -4.28
N VAL A 18 3.13 -2.16 -4.02
CA VAL A 18 3.29 -3.07 -2.88
C VAL A 18 4.54 -3.92 -3.03
N LYS A 19 4.75 -4.53 -4.20
CA LYS A 19 5.86 -5.42 -4.44
C LYS A 19 7.16 -4.65 -4.26
N LEU A 20 7.34 -3.54 -4.97
CA LEU A 20 8.51 -2.68 -4.92
C LEU A 20 8.76 -2.21 -3.50
N GLN A 21 7.74 -1.71 -2.80
CA GLN A 21 7.92 -1.26 -1.43
C GLN A 21 8.38 -2.43 -0.55
N GLY A 22 7.85 -3.64 -0.75
CA GLY A 22 8.28 -4.83 -0.04
C GLY A 22 9.73 -5.19 -0.35
N GLU A 23 10.06 -5.27 -1.63
CA GLU A 23 11.39 -5.60 -2.15
C GLU A 23 12.40 -4.63 -1.54
N ARG A 24 12.03 -3.34 -1.54
CA ARG A 24 12.83 -2.26 -1.03
C ARG A 24 13.00 -2.44 0.47
N VAL A 25 11.94 -2.61 1.26
CA VAL A 25 12.02 -2.77 2.71
C VAL A 25 12.98 -3.91 3.10
N ARG A 26 12.96 -5.05 2.40
CA ARG A 26 13.97 -6.11 2.62
C ARG A 26 15.36 -5.54 2.34
N GLY A 27 15.52 -4.89 1.19
CA GLY A 27 16.72 -4.15 0.83
C GLY A 27 17.18 -3.20 1.93
N LEU A 28 16.29 -2.41 2.53
CA LEU A 28 16.64 -1.44 3.56
C LEU A 28 17.16 -2.15 4.81
N LYS A 29 16.48 -3.21 5.26
CA LYS A 29 16.91 -3.98 6.42
C LYS A 29 18.26 -4.65 6.14
N GLN A 30 18.52 -5.05 4.89
CA GLN A 30 19.84 -5.47 4.45
C GLN A 30 20.84 -4.31 4.52
N GLN A 31 20.49 -3.11 4.00
CA GLN A 31 21.40 -1.98 3.79
C GLN A 31 21.78 -1.30 5.10
N LYS A 32 21.12 -1.66 6.20
CA LYS A 32 21.17 -1.00 7.50
C LYS A 32 20.92 0.49 7.33
N ALA A 33 19.76 0.79 6.74
CA ALA A 33 19.22 2.13 6.65
C ALA A 33 18.82 2.62 8.04
N SER A 34 18.37 3.88 8.10
CA SER A 34 17.70 4.46 9.25
C SER A 34 16.59 3.50 9.69
N ALA A 35 16.56 3.17 10.98
CA ALA A 35 15.54 2.30 11.54
C ALA A 35 14.15 2.90 11.30
N GLU A 36 14.07 4.24 11.36
CA GLU A 36 12.89 5.01 11.00
C GLU A 36 12.56 4.86 9.53
N LEU A 37 13.54 4.97 8.61
CA LEU A 37 13.28 4.89 7.17
C LEU A 37 12.54 3.58 6.89
N ILE A 38 13.06 2.50 7.47
CA ILE A 38 12.47 1.18 7.35
C ILE A 38 11.03 1.23 7.86
N GLU A 39 10.80 1.78 9.05
CA GLU A 39 9.50 1.90 9.65
C GLU A 39 8.51 2.69 8.80
N GLU A 40 8.94 3.82 8.25
CA GLU A 40 8.16 4.73 7.42
C GLU A 40 7.80 4.07 6.09
N GLU A 41 8.73 3.32 5.52
CA GLU A 41 8.56 2.59 4.28
C GLU A 41 7.59 1.42 4.51
N VAL A 42 7.70 0.74 5.66
CA VAL A 42 6.78 -0.30 6.11
C VAL A 42 5.38 0.28 6.35
N ALA A 43 5.27 1.46 6.96
CA ALA A 43 3.98 2.11 7.20
C ALA A 43 3.30 2.40 5.86
N LYS A 44 4.05 2.90 4.88
CA LYS A 44 3.51 3.15 3.55
C LYS A 44 3.14 1.83 2.87
N LEU A 45 3.95 0.77 2.98
CA LEU A 45 3.63 -0.57 2.48
C LEU A 45 2.32 -1.07 3.10
N LEU A 46 2.18 -0.95 4.42
CA LEU A 46 1.04 -1.45 5.18
C LEU A 46 -0.25 -0.88 4.62
N LYS A 47 -0.35 0.45 4.56
CA LYS A 47 -1.56 1.10 4.08
C LYS A 47 -1.68 1.08 2.55
N LEU A 48 -0.59 0.88 1.79
CA LEU A 48 -0.69 0.57 0.37
C LEU A 48 -1.50 -0.73 0.22
N LYS A 49 -1.10 -1.79 0.93
CA LYS A 49 -1.85 -3.05 0.90
C LYS A 49 -3.30 -2.86 1.39
N ALA A 50 -3.58 -1.89 2.26
CA ALA A 50 -4.95 -1.60 2.65
C ALA A 50 -5.81 -1.08 1.48
N GLN A 51 -5.23 -0.54 0.40
CA GLN A 51 -5.96 -0.25 -0.83
C GLN A 51 -6.24 -1.53 -1.62
N LEU A 52 -5.26 -2.44 -1.68
CA LEU A 52 -5.39 -3.71 -2.40
C LEU A 52 -6.47 -4.58 -1.75
N GLY A 53 -6.34 -4.87 -0.44
CA GLY A 53 -7.18 -5.77 0.35
C GLY A 53 -8.66 -5.42 0.20
N PRO A 54 -9.38 -6.04 -0.73
CA PRO A 54 -10.46 -5.36 -1.42
C PRO A 54 -11.71 -5.23 -0.56
N ASP A 55 -11.93 -6.18 0.36
CA ASP A 55 -12.72 -6.11 1.57
C ASP A 55 -12.69 -7.51 2.18
N GLU A 56 -12.21 -7.66 3.41
CA GLU A 56 -11.90 -8.97 3.98
C GLU A 56 -12.34 -9.04 5.45
N SER A 57 -11.71 -8.22 6.30
CA SER A 57 -11.81 -8.24 7.76
C SER A 57 -11.69 -9.66 8.37
N LYS A 58 -12.05 -9.84 9.65
CA LYS A 58 -12.17 -11.13 10.35
C LYS A 58 -12.84 -10.90 11.71
N GLN A 59 -13.37 -11.97 12.31
CA GLN A 59 -13.99 -12.02 13.64
C GLN A 59 -15.18 -11.06 13.75
N LYS A 60 -14.98 -9.77 14.08
CA LYS A 60 -16.07 -8.81 14.05
C LYS A 60 -16.60 -8.73 12.62
N PHE A 61 -17.88 -8.40 12.50
CA PHE A 61 -18.66 -8.48 11.27
C PHE A 61 -19.03 -7.07 10.84
N VAL A 62 -18.90 -6.82 9.53
CA VAL A 62 -19.18 -5.55 8.85
C VAL A 62 -18.66 -4.33 9.64
N LEU A 63 -17.41 -4.43 10.13
CA LEU A 63 -16.72 -3.36 10.86
C LEU A 63 -16.30 -2.26 9.87
N LYS A 64 -17.28 -1.47 9.48
CA LYS A 64 -17.18 -0.36 8.54
C LYS A 64 -16.30 0.75 9.12
N THR A 65 -15.50 1.40 8.27
CA THR A 65 -14.30 2.13 8.67
C THR A 65 -14.51 3.65 8.52
N PRO A 66 -13.80 4.50 9.30
CA PRO A 66 -14.03 5.94 9.32
C PRO A 66 -13.45 6.67 8.10
N LYS A 67 -14.32 7.29 7.29
CA LYS A 67 -14.02 8.05 6.08
C LYS A 67 -13.41 9.43 6.35
N SER A 68 -12.38 9.51 7.22
CA SER A 68 -11.74 10.79 7.53
C SER A 68 -11.12 11.42 6.27
N GLY A 69 -10.44 10.63 5.44
CA GLY A 69 -9.93 11.00 4.13
C GLY A 69 -8.41 10.84 4.07
N PRO A 70 -7.85 9.73 3.55
CA PRO A 70 -6.41 9.56 3.47
C PRO A 70 -5.86 10.60 2.48
N SER A 71 -4.91 11.38 2.96
CA SER A 71 -4.32 12.51 2.25
C SER A 71 -2.98 12.83 2.90
N SER A 72 -1.98 13.21 2.10
CA SER A 72 -0.67 13.67 2.55
C SER A 72 -0.13 14.50 1.38
N GLY A 73 0.72 13.92 0.54
CA GLY A 73 1.20 14.50 -0.70
C GLY A 73 1.46 13.41 -1.70
N GLY A 1 -7.62 5.21 -0.11
CA GLY A 1 -8.64 5.30 0.95
C GLY A 1 -9.21 3.93 1.23
N SER A 2 -10.53 3.77 1.14
CA SER A 2 -11.19 2.47 1.19
C SER A 2 -10.79 1.60 -0.01
N SER A 3 -10.50 2.21 -1.16
CA SER A 3 -10.13 1.54 -2.40
C SER A 3 -9.18 2.45 -3.19
N GLY A 4 -8.80 1.99 -4.37
CA GLY A 4 -7.91 2.67 -5.31
C GLY A 4 -7.73 1.88 -6.61
N SER A 5 -8.54 0.85 -6.89
CA SER A 5 -8.46 0.06 -8.11
C SER A 5 -9.76 -0.68 -8.34
N SER A 6 -10.15 -0.88 -9.61
CA SER A 6 -11.26 -1.76 -9.99
C SER A 6 -10.98 -2.47 -11.32
N GLY A 7 -9.93 -3.30 -11.39
CA GLY A 7 -9.67 -4.13 -12.56
C GLY A 7 -8.36 -4.88 -12.44
N MET A 8 -8.07 -5.79 -13.37
CA MET A 8 -6.82 -6.56 -13.37
C MET A 8 -5.65 -5.63 -13.63
N ALA A 9 -5.70 -4.82 -14.69
CA ALA A 9 -4.61 -3.94 -15.10
C ALA A 9 -4.30 -2.92 -14.00
N GLU A 10 -5.33 -2.27 -13.45
CA GLU A 10 -5.20 -1.36 -12.32
C GLU A 10 -4.52 -2.09 -11.16
N ARG A 11 -5.07 -3.24 -10.76
CA ARG A 11 -4.48 -4.04 -9.69
C ARG A 11 -3.01 -4.29 -10.02
N ALA A 12 -2.64 -4.74 -11.22
CA ALA A 12 -1.25 -5.03 -11.57
C ALA A 12 -0.34 -3.81 -11.36
N ALA A 13 -0.81 -2.61 -11.70
CA ALA A 13 -0.08 -1.36 -11.50
C ALA A 13 0.05 -1.01 -10.02
N LEU A 14 -0.96 -1.32 -9.20
CA LEU A 14 -0.92 -1.10 -7.76
C LEU A 14 -0.10 -2.19 -7.06
N GLU A 15 -0.11 -3.41 -7.59
CA GLU A 15 0.66 -4.56 -7.11
C GLU A 15 2.13 -4.28 -7.30
N GLU A 16 2.51 -3.63 -8.42
CA GLU A 16 3.89 -3.20 -8.65
C GLU A 16 4.39 -2.38 -7.47
N LEU A 17 3.59 -1.42 -7.00
CA LEU A 17 3.97 -0.55 -5.90
C LEU A 17 4.10 -1.35 -4.61
N VAL A 18 3.16 -2.24 -4.30
CA VAL A 18 3.27 -3.12 -3.12
C VAL A 18 4.53 -3.98 -3.22
N LYS A 19 4.78 -4.59 -4.37
CA LYS A 19 5.92 -5.43 -4.65
C LYS A 19 7.19 -4.66 -4.38
N LEU A 20 7.45 -3.60 -5.14
CA LEU A 20 8.65 -2.80 -5.03
C LEU A 20 8.81 -2.22 -3.65
N GLN A 21 7.73 -1.83 -2.98
CA GLN A 21 7.81 -1.34 -1.62
C GLN A 21 8.29 -2.43 -0.65
N GLY A 22 7.75 -3.66 -0.73
CA GLY A 22 8.15 -4.75 0.16
C GLY A 22 9.55 -5.29 -0.16
N GLU A 23 9.89 -5.37 -1.45
CA GLU A 23 11.22 -5.71 -1.95
C GLU A 23 12.23 -4.69 -1.41
N ARG A 24 11.96 -3.39 -1.60
CA ARG A 24 12.81 -2.33 -1.11
C ARG A 24 12.99 -2.43 0.40
N VAL A 25 11.95 -2.72 1.17
CA VAL A 25 12.07 -2.92 2.63
C VAL A 25 13.06 -4.06 2.94
N ARG A 26 12.99 -5.22 2.25
CA ARG A 26 13.98 -6.29 2.43
C ARG A 26 15.39 -5.74 2.14
N GLY A 27 15.53 -4.93 1.09
CA GLY A 27 16.78 -4.26 0.74
C GLY A 27 17.23 -3.27 1.81
N LEU A 28 16.33 -2.46 2.38
CA LEU A 28 16.70 -1.40 3.34
C LEU A 28 17.25 -2.02 4.61
N LYS A 29 16.65 -3.11 5.07
CA LYS A 29 17.11 -3.83 6.25
C LYS A 29 18.51 -4.40 5.99
N GLN A 30 18.73 -5.02 4.83
CA GLN A 30 20.02 -5.52 4.39
C GLN A 30 21.06 -4.39 4.32
N GLN A 31 20.69 -3.23 3.77
CA GLN A 31 21.54 -2.04 3.66
C GLN A 31 21.84 -1.45 5.03
N LYS A 32 21.10 -1.87 6.05
CA LYS A 32 21.06 -1.27 7.37
C LYS A 32 20.89 0.24 7.25
N ALA A 33 19.84 0.65 6.52
CA ALA A 33 19.29 2.01 6.64
C ALA A 33 18.83 2.30 8.08
N SER A 34 18.47 3.55 8.32
CA SER A 34 17.89 4.06 9.54
C SER A 34 16.61 3.30 9.87
N ALA A 35 16.37 3.06 11.17
CA ALA A 35 15.18 2.37 11.63
C ALA A 35 13.93 3.17 11.33
N GLU A 36 14.01 4.51 11.39
CA GLU A 36 12.95 5.44 11.04
C GLU A 36 12.51 5.19 9.60
N LEU A 37 13.45 5.20 8.66
CA LEU A 37 13.17 5.01 7.24
C LEU A 37 12.45 3.69 7.03
N ILE A 38 12.96 2.62 7.63
CA ILE A 38 12.38 1.28 7.53
C ILE A 38 10.97 1.26 8.14
N GLU A 39 10.74 1.84 9.33
CA GLU A 39 9.44 1.90 9.95
C GLU A 39 8.44 2.63 9.06
N GLU A 40 8.89 3.76 8.52
CA GLU A 40 8.13 4.62 7.63
C GLU A 40 7.74 3.83 6.39
N GLU A 41 8.70 3.22 5.72
CA GLU A 41 8.50 2.47 4.50
C GLU A 41 7.60 1.25 4.73
N VAL A 42 7.60 0.66 5.92
CA VAL A 42 6.67 -0.41 6.32
C VAL A 42 5.28 0.16 6.58
N ALA A 43 5.13 1.29 7.27
CA ALA A 43 3.84 1.92 7.50
C ALA A 43 3.19 2.31 6.17
N LYS A 44 3.98 2.83 5.25
CA LYS A 44 3.58 3.25 3.91
C LYS A 44 3.25 2.05 3.02
N LEU A 45 3.91 0.91 3.24
CA LEU A 45 3.58 -0.37 2.63
C LEU A 45 2.24 -0.89 3.16
N LEU A 46 2.05 -0.84 4.48
CA LEU A 46 0.85 -1.31 5.16
C LEU A 46 -0.35 -0.58 4.58
N LYS A 47 -0.23 0.75 4.51
CA LYS A 47 -1.21 1.65 3.94
C LYS A 47 -1.51 1.33 2.48
N LEU A 48 -0.49 1.07 1.65
CA LEU A 48 -0.68 0.66 0.26
C LEU A 48 -1.59 -0.57 0.20
N LYS A 49 -1.17 -1.67 0.85
CA LYS A 49 -1.89 -2.94 0.79
C LYS A 49 -3.30 -2.82 1.34
N ALA A 50 -3.53 -1.94 2.33
CA ALA A 50 -4.84 -1.70 2.91
C ALA A 50 -5.85 -1.09 1.93
N GLN A 51 -5.44 -0.76 0.70
CA GLN A 51 -6.28 -0.33 -0.40
C GLN A 51 -6.53 -1.46 -1.40
N LEU A 52 -5.49 -2.26 -1.69
CA LEU A 52 -5.57 -3.46 -2.53
C LEU A 52 -6.57 -4.44 -1.92
N GLY A 53 -6.46 -4.69 -0.61
CA GLY A 53 -7.34 -5.57 0.14
C GLY A 53 -8.41 -4.77 0.88
N PRO A 54 -9.19 -5.41 1.78
CA PRO A 54 -10.40 -4.83 2.36
C PRO A 54 -10.10 -3.59 3.22
N ASP A 55 -9.44 -3.78 4.36
CA ASP A 55 -8.98 -2.73 5.28
C ASP A 55 -7.96 -3.40 6.18
N GLU A 56 -6.92 -2.69 6.62
CA GLU A 56 -5.95 -3.20 7.59
C GLU A 56 -5.61 -2.18 8.68
N SER A 57 -6.34 -1.06 8.77
CA SER A 57 -6.02 0.06 9.64
C SER A 57 -5.90 -0.37 11.10
N LYS A 58 -4.65 -0.48 11.56
CA LYS A 58 -4.26 -0.98 12.86
C LYS A 58 -2.79 -0.57 13.03
N GLN A 59 -2.54 0.57 13.67
CA GLN A 59 -1.19 1.13 13.79
C GLN A 59 -0.56 0.86 15.16
N LYS A 60 -1.34 0.35 16.12
CA LYS A 60 -0.86 -0.16 17.40
C LYS A 60 -1.82 -1.26 17.84
N PHE A 61 -1.66 -1.81 19.03
CA PHE A 61 -2.60 -2.77 19.58
C PHE A 61 -3.93 -2.07 19.84
N VAL A 62 -4.95 -2.44 19.08
CA VAL A 62 -6.33 -2.07 19.26
C VAL A 62 -7.13 -3.36 19.03
N LEU A 63 -7.51 -4.01 20.12
CA LEU A 63 -8.16 -5.32 20.15
C LEU A 63 -9.64 -5.10 19.86
N LYS A 64 -10.00 -4.99 18.58
CA LYS A 64 -11.36 -4.70 18.12
C LYS A 64 -11.62 -5.41 16.78
N THR A 65 -12.82 -5.22 16.23
CA THR A 65 -13.27 -5.77 14.95
C THR A 65 -13.95 -4.63 14.17
N PRO A 66 -14.07 -4.67 12.83
CA PRO A 66 -14.77 -3.65 12.06
C PRO A 66 -16.29 -3.79 12.26
N LYS A 67 -16.95 -2.71 12.67
CA LYS A 67 -18.41 -2.60 12.71
C LYS A 67 -18.80 -1.20 12.26
N SER A 68 -19.87 -1.09 11.49
CA SER A 68 -20.36 0.12 10.84
C SER A 68 -19.32 0.74 9.89
N GLY A 69 -19.76 1.73 9.12
CA GLY A 69 -18.98 2.45 8.13
C GLY A 69 -19.92 3.34 7.32
N PRO A 70 -19.40 4.16 6.39
CA PRO A 70 -20.22 4.80 5.36
C PRO A 70 -20.69 3.76 4.34
N SER A 71 -21.47 4.16 3.33
CA SER A 71 -22.01 3.25 2.33
C SER A 71 -22.31 4.04 1.04
N SER A 72 -23.39 4.82 1.07
CA SER A 72 -23.87 5.74 0.06
C SER A 72 -24.88 6.67 0.76
N GLY A 73 -25.63 7.49 0.02
CA GLY A 73 -26.87 8.06 0.51
C GLY A 73 -27.79 6.90 0.87
N GLY A 1 -13.51 12.22 -8.44
CA GLY A 1 -14.55 11.96 -7.44
C GLY A 1 -14.07 10.89 -6.47
N SER A 2 -14.96 10.01 -6.01
CA SER A 2 -14.56 8.79 -5.31
C SER A 2 -14.15 7.80 -6.40
N SER A 3 -12.85 7.71 -6.70
CA SER A 3 -12.28 6.80 -7.70
C SER A 3 -12.63 5.36 -7.32
N GLY A 4 -13.65 4.81 -7.98
CA GLY A 4 -14.30 3.57 -7.60
C GLY A 4 -14.40 2.67 -8.82
N SER A 5 -13.26 2.29 -9.37
CA SER A 5 -13.15 1.35 -10.46
C SER A 5 -12.27 0.19 -9.99
N SER A 6 -12.14 -0.85 -10.83
CA SER A 6 -11.36 -2.06 -10.54
C SER A 6 -10.58 -2.44 -11.80
N GLY A 7 -9.98 -1.44 -12.47
CA GLY A 7 -9.14 -1.64 -13.64
C GLY A 7 -8.11 -2.72 -13.39
N MET A 8 -7.99 -3.69 -14.30
CA MET A 8 -7.11 -4.84 -14.10
C MET A 8 -5.66 -4.37 -14.10
N ALA A 9 -5.28 -3.58 -15.10
CA ALA A 9 -3.92 -3.09 -15.23
C ALA A 9 -3.63 -2.00 -14.17
N GLU A 10 -4.65 -1.26 -13.73
CA GLU A 10 -4.50 -0.30 -12.64
C GLU A 10 -4.13 -1.04 -11.36
N ARG A 11 -4.90 -2.08 -11.00
CA ARG A 11 -4.59 -2.97 -9.90
C ARG A 11 -3.17 -3.53 -10.06
N ALA A 12 -2.76 -3.96 -11.26
CA ALA A 12 -1.41 -4.46 -11.51
C ALA A 12 -0.31 -3.41 -11.30
N ALA A 13 -0.61 -2.12 -11.43
CA ALA A 13 0.33 -1.02 -11.23
C ALA A 13 0.33 -0.54 -9.77
N LEU A 14 -0.75 -0.79 -9.03
CA LEU A 14 -0.83 -0.58 -7.59
C LEU A 14 -0.06 -1.70 -6.90
N GLU A 15 -0.22 -2.92 -7.39
CA GLU A 15 0.55 -4.09 -7.01
C GLU A 15 2.03 -3.85 -7.25
N GLU A 16 2.42 -3.14 -8.32
CA GLU A 16 3.79 -2.77 -8.54
C GLU A 16 4.32 -1.98 -7.35
N LEU A 17 3.57 -0.98 -6.86
CA LEU A 17 4.01 -0.18 -5.71
C LEU A 17 4.22 -1.11 -4.51
N VAL A 18 3.31 -2.06 -4.29
CA VAL A 18 3.40 -3.00 -3.18
C VAL A 18 4.60 -3.96 -3.33
N LYS A 19 4.85 -4.46 -4.53
CA LYS A 19 5.96 -5.34 -4.87
C LYS A 19 7.26 -4.59 -4.62
N LEU A 20 7.42 -3.43 -5.25
CA LEU A 20 8.60 -2.60 -5.18
C LEU A 20 8.86 -2.13 -3.77
N GLN A 21 7.84 -1.63 -3.07
CA GLN A 21 8.00 -1.21 -1.69
C GLN A 21 8.41 -2.41 -0.83
N GLY A 22 7.80 -3.58 -1.01
CA GLY A 22 8.17 -4.79 -0.29
C GLY A 22 9.61 -5.17 -0.56
N GLU A 23 10.01 -5.19 -1.84
CA GLU A 23 11.37 -5.42 -2.28
C GLU A 23 12.34 -4.43 -1.58
N ARG A 24 12.02 -3.13 -1.65
CA ARG A 24 12.78 -2.04 -1.07
C ARG A 24 12.98 -2.25 0.42
N VAL A 25 11.91 -2.51 1.17
CA VAL A 25 11.93 -2.67 2.62
C VAL A 25 12.84 -3.85 3.00
N ARG A 26 12.69 -5.02 2.36
CA ARG A 26 13.58 -6.14 2.65
C ARG A 26 15.03 -5.71 2.38
N GLY A 27 15.24 -5.00 1.27
CA GLY A 27 16.51 -4.44 0.88
C GLY A 27 17.07 -3.49 1.93
N LEU A 28 16.29 -2.55 2.45
CA LEU A 28 16.79 -1.56 3.39
C LEU A 28 17.10 -2.20 4.74
N LYS A 29 16.30 -3.17 5.19
CA LYS A 29 16.64 -3.99 6.36
C LYS A 29 17.95 -4.74 6.14
N GLN A 30 18.17 -5.31 4.96
CA GLN A 30 19.41 -5.97 4.58
C GLN A 30 20.61 -5.01 4.61
N GLN A 31 20.40 -3.78 4.14
CA GLN A 31 21.38 -2.68 4.20
C GLN A 31 21.52 -2.13 5.63
N LYS A 32 20.75 -2.66 6.59
CA LYS A 32 20.60 -2.19 7.96
C LYS A 32 20.54 -0.67 8.01
N ALA A 33 19.69 -0.10 7.14
CA ALA A 33 19.44 1.33 7.09
C ALA A 33 18.76 1.81 8.37
N SER A 34 18.57 3.12 8.50
CA SER A 34 17.99 3.72 9.68
C SER A 34 16.57 3.20 9.95
N ALA A 35 16.29 2.90 11.22
CA ALA A 35 15.01 2.33 11.63
C ALA A 35 13.84 3.28 11.34
N GLU A 36 14.07 4.58 11.37
CA GLU A 36 13.06 5.60 11.05
C GLU A 36 12.65 5.46 9.59
N LEU A 37 13.62 5.46 8.67
CA LEU A 37 13.38 5.25 7.24
C LEU A 37 12.59 3.96 7.04
N ILE A 38 13.08 2.87 7.63
CA ILE A 38 12.46 1.55 7.48
C ILE A 38 11.00 1.61 7.97
N GLU A 39 10.71 2.25 9.10
CA GLU A 39 9.34 2.35 9.59
C GLU A 39 8.48 3.28 8.75
N GLU A 40 9.07 4.23 8.04
CA GLU A 40 8.42 5.09 7.09
C GLU A 40 7.92 4.24 5.92
N GLU A 41 8.84 3.49 5.28
CA GLU A 41 8.47 2.67 4.13
C GLU A 41 7.62 1.46 4.53
N VAL A 42 7.78 0.88 5.72
CA VAL A 42 6.92 -0.21 6.20
C VAL A 42 5.51 0.32 6.43
N ALA A 43 5.32 1.44 7.13
CA ALA A 43 4.00 2.01 7.35
C ALA A 43 3.31 2.28 6.02
N LYS A 44 4.05 2.81 5.04
CA LYS A 44 3.57 3.05 3.69
C LYS A 44 3.22 1.75 2.95
N LEU A 45 4.02 0.70 3.08
CA LEU A 45 3.78 -0.63 2.54
C LEU A 45 2.50 -1.21 3.12
N LEU A 46 2.36 -1.14 4.45
CA LEU A 46 1.27 -1.70 5.21
C LEU A 46 -0.04 -1.07 4.75
N LYS A 47 -0.11 0.26 4.79
CA LYS A 47 -1.33 0.97 4.40
C LYS A 47 -1.61 0.85 2.90
N LEU A 48 -0.58 0.70 2.05
CA LEU A 48 -0.78 0.35 0.65
C LEU A 48 -1.52 -0.98 0.55
N LYS A 49 -1.04 -2.04 1.21
CA LYS A 49 -1.68 -3.36 1.15
C LYS A 49 -3.14 -3.29 1.63
N ALA A 50 -3.43 -2.46 2.62
CA ALA A 50 -4.78 -2.25 3.13
C ALA A 50 -5.72 -1.62 2.08
N GLN A 51 -5.19 -0.94 1.06
CA GLN A 51 -5.94 -0.51 -0.11
C GLN A 51 -6.12 -1.70 -1.06
N LEU A 52 -5.04 -2.38 -1.44
CA LEU A 52 -5.07 -3.38 -2.51
C LEU A 52 -6.06 -4.51 -2.26
N GLY A 53 -6.28 -4.90 -0.99
CA GLY A 53 -7.22 -5.91 -0.58
C GLY A 53 -8.61 -5.28 -0.43
N PRO A 54 -9.55 -5.52 -1.36
CA PRO A 54 -10.87 -4.91 -1.32
C PRO A 54 -11.72 -5.54 -0.21
N ASP A 55 -12.86 -4.90 0.06
CA ASP A 55 -14.01 -5.49 0.73
C ASP A 55 -14.34 -6.82 0.07
N GLU A 56 -14.69 -7.83 0.87
CA GLU A 56 -15.27 -9.06 0.36
C GLU A 56 -16.51 -8.68 -0.44
N SER A 57 -16.78 -9.33 -1.57
CA SER A 57 -17.98 -9.05 -2.34
C SER A 57 -19.25 -9.55 -1.64
N LYS A 58 -19.15 -10.11 -0.44
CA LYS A 58 -20.27 -10.46 0.42
C LYS A 58 -21.00 -9.19 0.83
N GLN A 59 -22.33 -9.22 0.78
CA GLN A 59 -23.15 -8.12 1.29
C GLN A 59 -23.01 -8.03 2.81
N LYS A 60 -22.16 -7.12 3.30
CA LYS A 60 -21.80 -7.03 4.72
C LYS A 60 -21.65 -5.57 5.16
N PHE A 61 -22.77 -4.86 5.32
CA PHE A 61 -22.84 -3.47 5.80
C PHE A 61 -21.88 -2.53 5.04
N VAL A 62 -22.00 -2.47 3.70
CA VAL A 62 -21.07 -1.71 2.87
C VAL A 62 -21.83 -0.99 1.75
N LEU A 63 -22.44 0.15 2.08
CA LEU A 63 -23.33 0.91 1.19
C LEU A 63 -24.43 -0.04 0.68
N LYS A 64 -24.92 0.12 -0.56
CA LYS A 64 -25.97 -0.71 -1.15
C LYS A 64 -25.56 -1.11 -2.57
N THR A 65 -24.48 -1.88 -2.67
CA THR A 65 -23.75 -2.22 -3.90
C THR A 65 -23.14 -0.96 -4.56
N PRO A 66 -21.97 -1.06 -5.22
CA PRO A 66 -21.44 0.02 -6.06
C PRO A 66 -22.27 0.17 -7.34
N LYS A 67 -22.33 -0.88 -8.16
CA LYS A 67 -23.10 -1.02 -9.39
C LYS A 67 -23.41 -2.51 -9.59
N SER A 68 -24.37 -2.84 -10.45
CA SER A 68 -24.71 -4.23 -10.74
C SER A 68 -23.70 -4.81 -11.76
N GLY A 69 -23.70 -6.14 -11.87
CA GLY A 69 -22.89 -6.91 -12.80
C GLY A 69 -22.08 -7.98 -12.06
N PRO A 70 -21.48 -8.93 -12.78
CA PRO A 70 -20.51 -9.87 -12.22
C PRO A 70 -19.22 -9.15 -11.83
N SER A 71 -18.29 -9.87 -11.24
CA SER A 71 -16.87 -9.55 -11.32
C SER A 71 -16.18 -10.77 -11.93
N SER A 72 -15.16 -10.54 -12.75
CA SER A 72 -14.60 -11.54 -13.67
C SER A 72 -15.67 -12.10 -14.62
N GLY A 73 -15.23 -12.94 -15.57
CA GLY A 73 -16.01 -13.28 -16.74
C GLY A 73 -16.17 -12.06 -17.63
N GLY A 1 -8.15 7.40 -12.52
CA GLY A 1 -7.25 7.63 -11.39
C GLY A 1 -7.86 8.59 -10.40
N SER A 2 -7.00 9.21 -9.60
CA SER A 2 -7.36 9.99 -8.42
C SER A 2 -8.13 9.12 -7.43
N SER A 3 -7.36 8.38 -6.61
CA SER A 3 -7.81 7.38 -5.67
C SER A 3 -8.34 6.12 -6.39
N GLY A 4 -8.60 5.08 -5.60
CA GLY A 4 -9.22 3.82 -5.99
C GLY A 4 -8.44 2.99 -7.01
N SER A 5 -8.94 1.78 -7.28
CA SER A 5 -8.43 0.88 -8.30
C SER A 5 -9.54 -0.13 -8.65
N SER A 6 -9.65 -0.51 -9.92
CA SER A 6 -10.55 -1.54 -10.40
C SER A 6 -9.91 -2.18 -11.62
N GLY A 7 -10.04 -3.50 -11.73
CA GLY A 7 -9.61 -4.24 -12.90
C GLY A 7 -8.23 -4.83 -12.75
N MET A 8 -7.76 -5.47 -13.81
CA MET A 8 -6.44 -6.08 -13.88
C MET A 8 -5.38 -4.98 -13.87
N ALA A 9 -5.24 -4.21 -14.96
CA ALA A 9 -4.14 -3.27 -15.16
C ALA A 9 -3.98 -2.28 -14.00
N GLU A 10 -5.07 -1.64 -13.56
CA GLU A 10 -4.98 -0.61 -12.54
C GLU A 10 -4.60 -1.19 -11.18
N ARG A 11 -4.92 -2.47 -10.93
CA ARG A 11 -4.46 -3.16 -9.73
C ARG A 11 -3.05 -3.68 -9.93
N ALA A 12 -2.64 -4.06 -11.15
CA ALA A 12 -1.28 -4.50 -11.44
C ALA A 12 -0.27 -3.40 -11.13
N ALA A 13 -0.61 -2.14 -11.43
CA ALA A 13 0.21 -0.98 -11.06
C ALA A 13 0.37 -0.87 -9.55
N LEU A 14 -0.71 -1.12 -8.79
CA LEU A 14 -0.67 -1.04 -7.33
C LEU A 14 0.01 -2.26 -6.72
N GLU A 15 -0.07 -3.42 -7.39
CA GLU A 15 0.72 -4.58 -7.05
C GLU A 15 2.19 -4.22 -7.24
N GLU A 16 2.57 -3.53 -8.33
CA GLU A 16 3.93 -3.03 -8.56
C GLU A 16 4.37 -2.16 -7.38
N LEU A 17 3.55 -1.20 -6.96
CA LEU A 17 3.83 -0.35 -5.82
C LEU A 17 4.12 -1.19 -4.58
N VAL A 18 3.23 -2.11 -4.20
CA VAL A 18 3.43 -2.95 -3.03
C VAL A 18 4.69 -3.79 -3.17
N LYS A 19 4.86 -4.46 -4.31
CA LYS A 19 5.98 -5.32 -4.64
C LYS A 19 7.27 -4.57 -4.40
N LEU A 20 7.46 -3.43 -5.06
CA LEU A 20 8.69 -2.65 -5.00
C LEU A 20 8.85 -2.04 -3.62
N GLN A 21 7.79 -1.56 -2.98
CA GLN A 21 7.84 -1.03 -1.62
C GLN A 21 8.30 -2.12 -0.64
N GLY A 22 7.70 -3.31 -0.71
CA GLY A 22 7.93 -4.42 0.20
C GLY A 22 9.29 -5.03 -0.02
N GLU A 23 9.72 -5.10 -1.28
CA GLU A 23 11.10 -5.41 -1.63
C GLU A 23 12.04 -4.35 -1.06
N ARG A 24 11.76 -3.06 -1.23
CA ARG A 24 12.60 -2.00 -0.70
C ARG A 24 12.82 -2.15 0.79
N VAL A 25 11.78 -2.34 1.60
CA VAL A 25 11.92 -2.55 3.04
C VAL A 25 12.90 -3.70 3.33
N ARG A 26 12.76 -4.84 2.64
CA ARG A 26 13.68 -5.96 2.82
C ARG A 26 15.10 -5.56 2.44
N GLY A 27 15.27 -4.97 1.26
CA GLY A 27 16.55 -4.50 0.77
C GLY A 27 17.17 -3.50 1.73
N LEU A 28 16.39 -2.61 2.33
CA LEU A 28 16.89 -1.58 3.25
C LEU A 28 17.36 -2.25 4.54
N LYS A 29 16.59 -3.20 5.09
CA LYS A 29 17.04 -3.94 6.26
C LYS A 29 18.35 -4.65 5.97
N GLN A 30 18.49 -5.29 4.81
CA GLN A 30 19.71 -5.94 4.39
C GLN A 30 20.85 -4.91 4.29
N GLN A 31 20.60 -3.72 3.72
CA GLN A 31 21.56 -2.65 3.57
C GLN A 31 21.91 -1.99 4.92
N LYS A 32 21.20 -2.35 5.99
CA LYS A 32 21.24 -1.72 7.31
C LYS A 32 20.98 -0.22 7.24
N ALA A 33 20.06 0.18 6.37
CA ALA A 33 19.56 1.55 6.36
C ALA A 33 18.87 1.87 7.69
N SER A 34 18.62 3.15 7.91
CA SER A 34 18.11 3.69 9.16
C SER A 34 16.73 3.13 9.48
N ALA A 35 16.52 2.77 10.75
CA ALA A 35 15.26 2.20 11.25
C ALA A 35 14.08 3.12 10.96
N GLU A 36 14.30 4.43 11.12
CA GLU A 36 13.26 5.45 10.99
C GLU A 36 12.77 5.58 9.54
N LEU A 37 13.62 5.24 8.56
CA LEU A 37 13.23 5.15 7.16
C LEU A 37 12.47 3.84 6.93
N ILE A 38 13.02 2.70 7.39
CA ILE A 38 12.36 1.40 7.29
C ILE A 38 10.95 1.45 7.85
N GLU A 39 10.73 1.91 9.08
CA GLU A 39 9.44 1.85 9.72
C GLU A 39 8.40 2.72 9.01
N GLU A 40 8.87 3.83 8.42
CA GLU A 40 8.07 4.73 7.61
C GLU A 40 7.71 4.07 6.29
N GLU A 41 8.64 3.35 5.67
CA GLU A 41 8.41 2.61 4.45
C GLU A 41 7.52 1.38 4.73
N VAL A 42 7.55 0.81 5.94
CA VAL A 42 6.64 -0.23 6.41
C VAL A 42 5.25 0.38 6.57
N ALA A 43 5.11 1.55 7.20
CA ALA A 43 3.83 2.22 7.34
C ALA A 43 3.20 2.43 5.96
N LYS A 44 3.98 2.92 5.00
CA LYS A 44 3.56 3.07 3.60
C LYS A 44 3.20 1.71 2.98
N LEU A 45 4.03 0.68 3.14
CA LEU A 45 3.79 -0.66 2.64
C LEU A 45 2.46 -1.19 3.15
N LEU A 46 2.22 -1.03 4.44
CA LEU A 46 1.04 -1.49 5.15
C LEU A 46 -0.21 -0.82 4.60
N LYS A 47 -0.22 0.51 4.49
CA LYS A 47 -1.40 1.21 4.00
C LYS A 47 -1.62 0.99 2.50
N LEU A 48 -0.56 0.87 1.69
CA LEU A 48 -0.67 0.44 0.30
C LEU A 48 -1.36 -0.93 0.26
N LYS A 49 -0.85 -1.93 0.98
CA LYS A 49 -1.43 -3.28 1.00
C LYS A 49 -2.89 -3.32 1.46
N ALA A 50 -3.38 -2.32 2.19
CA ALA A 50 -4.79 -2.22 2.53
C ALA A 50 -5.62 -1.79 1.30
N GLN A 51 -5.11 -0.87 0.48
CA GLN A 51 -5.76 -0.45 -0.76
C GLN A 51 -5.85 -1.62 -1.76
N LEU A 52 -4.86 -2.51 -1.77
CA LEU A 52 -4.90 -3.75 -2.56
C LEU A 52 -6.02 -4.71 -2.13
N GLY A 53 -6.75 -4.41 -1.05
CA GLY A 53 -8.07 -4.96 -0.80
C GLY A 53 -9.09 -3.98 -1.40
N PRO A 54 -9.69 -4.26 -2.57
CA PRO A 54 -10.82 -3.50 -3.11
C PRO A 54 -12.10 -3.80 -2.31
N ASP A 55 -12.02 -3.58 -1.00
CA ASP A 55 -13.11 -3.76 -0.07
C ASP A 55 -14.06 -2.57 -0.17
N GLU A 56 -15.23 -2.64 0.45
CA GLU A 56 -16.21 -1.57 0.40
C GLU A 56 -15.65 -0.35 1.13
N SER A 57 -15.41 0.76 0.42
CA SER A 57 -14.98 1.99 1.04
C SER A 57 -16.11 2.58 1.91
N LYS A 58 -15.78 3.57 2.73
CA LYS A 58 -16.78 4.53 3.19
C LYS A 58 -17.49 5.07 1.94
N GLN A 59 -18.82 5.23 1.98
CA GLN A 59 -19.61 5.57 0.80
C GLN A 59 -20.25 6.96 0.95
N LYS A 60 -20.57 7.35 2.17
CA LYS A 60 -21.14 8.65 2.51
C LYS A 60 -20.62 9.02 3.89
N PHE A 61 -20.69 10.29 4.29
CA PHE A 61 -20.22 10.75 5.60
C PHE A 61 -21.01 10.05 6.68
N VAL A 62 -20.40 9.08 7.36
CA VAL A 62 -20.98 8.27 8.43
C VAL A 62 -19.85 8.13 9.45
N LEU A 63 -19.47 9.26 10.04
CA LEU A 63 -18.51 9.30 11.13
C LEU A 63 -19.30 9.22 12.44
N LYS A 64 -18.62 9.02 13.55
CA LYS A 64 -19.20 8.98 14.89
C LYS A 64 -18.36 9.89 15.76
N THR A 65 -18.98 10.53 16.75
CA THR A 65 -18.41 11.65 17.49
C THR A 65 -18.30 12.89 16.56
N PRO A 66 -18.36 14.12 17.11
CA PRO A 66 -18.15 15.34 16.36
C PRO A 66 -16.66 15.64 16.17
N LYS A 67 -16.29 16.51 15.23
CA LYS A 67 -14.91 16.93 15.00
C LYS A 67 -14.88 18.45 14.84
N SER A 68 -13.69 19.05 14.94
CA SER A 68 -13.54 20.50 14.79
C SER A 68 -13.68 20.87 13.31
N GLY A 69 -14.86 21.35 12.93
CA GLY A 69 -15.25 21.75 11.60
C GLY A 69 -15.54 23.25 11.56
N PRO A 70 -14.51 24.11 11.38
CA PRO A 70 -14.68 25.55 11.27
C PRO A 70 -15.26 25.89 9.89
N SER A 71 -16.59 26.00 9.78
CA SER A 71 -17.28 26.44 8.59
C SER A 71 -18.59 27.03 9.08
N SER A 72 -18.80 28.33 8.82
CA SER A 72 -19.91 29.13 9.35
C SER A 72 -20.55 30.02 8.28
N GLY A 73 -19.73 30.60 7.40
CA GLY A 73 -20.09 31.58 6.39
C GLY A 73 -18.85 31.90 5.57
N GLY A 1 -14.38 7.34 -7.54
CA GLY A 1 -13.69 7.00 -6.29
C GLY A 1 -13.76 5.50 -6.04
N SER A 2 -12.62 4.84 -5.92
CA SER A 2 -12.51 3.40 -5.82
C SER A 2 -13.05 2.86 -4.50
N SER A 3 -13.47 1.59 -4.52
CA SER A 3 -14.17 0.88 -3.47
C SER A 3 -13.69 -0.58 -3.45
N GLY A 4 -12.38 -0.80 -3.55
CA GLY A 4 -11.78 -2.08 -3.91
C GLY A 4 -10.96 -1.90 -5.19
N SER A 5 -10.18 -2.90 -5.56
CA SER A 5 -9.60 -3.00 -6.90
C SER A 5 -10.62 -3.73 -7.78
N SER A 6 -10.85 -3.24 -9.00
CA SER A 6 -11.67 -3.88 -10.01
C SER A 6 -11.12 -3.45 -11.36
N GLY A 7 -10.18 -4.22 -11.91
CA GLY A 7 -9.47 -3.85 -13.13
C GLY A 7 -8.06 -4.40 -13.06
N MET A 8 -7.84 -5.53 -13.73
CA MET A 8 -6.58 -6.25 -13.71
C MET A 8 -5.40 -5.36 -14.12
N ALA A 9 -5.58 -4.49 -15.13
CA ALA A 9 -4.54 -3.58 -15.57
C ALA A 9 -4.13 -2.64 -14.44
N GLU A 10 -5.10 -1.95 -13.82
CA GLU A 10 -4.81 -1.06 -12.71
C GLU A 10 -4.21 -1.84 -11.55
N ARG A 11 -4.78 -3.01 -11.25
CA ARG A 11 -4.34 -3.80 -10.10
C ARG A 11 -2.89 -4.19 -10.32
N ALA A 12 -2.47 -4.58 -11.53
CA ALA A 12 -1.07 -4.90 -11.80
C ALA A 12 -0.11 -3.75 -11.46
N ALA A 13 -0.52 -2.50 -11.67
CA ALA A 13 0.32 -1.34 -11.38
C ALA A 13 0.28 -0.96 -9.90
N LEU A 14 -0.85 -1.15 -9.21
CA LEU A 14 -0.95 -0.95 -7.76
C LEU A 14 -0.17 -2.04 -7.04
N GLU A 15 -0.30 -3.27 -7.51
CA GLU A 15 0.44 -4.43 -7.05
C GLU A 15 1.93 -4.20 -7.26
N GLU A 16 2.35 -3.51 -8.32
CA GLU A 16 3.73 -3.14 -8.52
C GLU A 16 4.24 -2.27 -7.39
N LEU A 17 3.47 -1.23 -7.01
CA LEU A 17 3.84 -0.35 -5.91
C LEU A 17 3.99 -1.20 -4.65
N VAL A 18 3.09 -2.17 -4.43
CA VAL A 18 3.16 -3.07 -3.30
C VAL A 18 4.41 -3.94 -3.35
N LYS A 19 4.69 -4.57 -4.50
CA LYS A 19 5.83 -5.42 -4.76
C LYS A 19 7.10 -4.65 -4.47
N LEU A 20 7.32 -3.52 -5.13
CA LEU A 20 8.51 -2.69 -5.02
C LEU A 20 8.69 -2.18 -3.62
N GLN A 21 7.62 -1.74 -2.94
CA GLN A 21 7.73 -1.24 -1.58
C GLN A 21 8.13 -2.36 -0.62
N GLY A 22 7.53 -3.56 -0.75
CA GLY A 22 7.87 -4.71 0.06
C GLY A 22 9.33 -5.12 -0.17
N GLU A 23 9.72 -5.21 -1.44
CA GLU A 23 11.10 -5.44 -1.85
C GLU A 23 12.03 -4.39 -1.24
N ARG A 24 11.65 -3.11 -1.27
CA ARG A 24 12.46 -2.04 -0.74
C ARG A 24 12.68 -2.22 0.75
N VAL A 25 11.64 -2.43 1.55
CA VAL A 25 11.79 -2.64 2.99
C VAL A 25 12.78 -3.78 3.26
N ARG A 26 12.64 -4.91 2.58
CA ARG A 26 13.56 -6.04 2.71
C ARG A 26 15.00 -5.62 2.40
N GLY A 27 15.19 -4.85 1.34
CA GLY A 27 16.47 -4.28 0.96
C GLY A 27 16.99 -3.27 1.97
N LEU A 28 16.16 -2.38 2.50
CA LEU A 28 16.59 -1.32 3.42
C LEU A 28 17.08 -1.93 4.73
N LYS A 29 16.37 -2.96 5.22
CA LYS A 29 16.80 -3.74 6.36
C LYS A 29 18.18 -4.37 6.09
N GLN A 30 18.43 -4.91 4.90
CA GLN A 30 19.70 -5.50 4.51
C GLN A 30 20.79 -4.43 4.51
N GLN A 31 20.51 -3.27 3.93
CA GLN A 31 21.42 -2.15 3.72
C GLN A 31 21.83 -1.48 5.02
N LYS A 32 21.23 -1.88 6.14
CA LYS A 32 21.24 -1.18 7.40
C LYS A 32 20.95 0.31 7.15
N ALA A 33 19.83 0.58 6.47
CA ALA A 33 19.24 1.91 6.48
C ALA A 33 18.93 2.34 7.93
N SER A 34 18.65 3.63 8.08
CA SER A 34 18.17 4.22 9.32
C SER A 34 16.89 3.52 9.74
N ALA A 35 16.76 3.21 11.03
CA ALA A 35 15.69 2.38 11.55
C ALA A 35 14.31 2.99 11.25
N GLU A 36 14.20 4.31 11.34
CA GLU A 36 12.97 5.04 11.08
C GLU A 36 12.64 5.07 9.59
N LEU A 37 13.65 5.04 8.69
CA LEU A 37 13.40 4.96 7.25
C LEU A 37 12.62 3.68 6.97
N ILE A 38 13.14 2.57 7.48
CA ILE A 38 12.51 1.26 7.39
C ILE A 38 11.10 1.35 7.96
N GLU A 39 10.91 1.89 9.16
CA GLU A 39 9.64 1.99 9.84
C GLU A 39 8.60 2.78 9.03
N GLU A 40 9.02 3.87 8.37
CA GLU A 40 8.17 4.64 7.49
C GLU A 40 7.83 3.81 6.25
N GLU A 41 8.83 3.20 5.63
CA GLU A 41 8.62 2.45 4.40
C GLU A 41 7.75 1.21 4.69
N VAL A 42 7.73 0.69 5.92
CA VAL A 42 6.82 -0.35 6.43
C VAL A 42 5.39 0.21 6.56
N ALA A 43 5.21 1.38 7.17
CA ALA A 43 3.92 2.04 7.25
C ALA A 43 3.35 2.20 5.83
N LYS A 44 4.17 2.75 4.93
CA LYS A 44 3.85 2.98 3.53
C LYS A 44 3.55 1.67 2.80
N LEU A 45 4.26 0.58 3.10
CA LEU A 45 4.00 -0.76 2.60
C LEU A 45 2.60 -1.21 3.03
N LEU A 46 2.32 -1.16 4.33
CA LEU A 46 1.09 -1.59 4.95
C LEU A 46 -0.11 -0.79 4.44
N LYS A 47 0.04 0.54 4.37
CA LYS A 47 -0.97 1.47 3.88
C LYS A 47 -1.39 1.08 2.46
N LEU A 48 -0.44 0.92 1.54
CA LEU A 48 -0.76 0.54 0.17
C LEU A 48 -1.44 -0.83 0.13
N LYS A 49 -0.91 -1.84 0.83
CA LYS A 49 -1.56 -3.15 0.87
C LYS A 49 -2.99 -3.04 1.36
N ALA A 50 -3.24 -2.17 2.33
CA ALA A 50 -4.57 -1.92 2.83
C ALA A 50 -5.46 -1.28 1.76
N GLN A 51 -4.92 -0.39 0.93
CA GLN A 51 -5.67 0.29 -0.12
C GLN A 51 -6.15 -0.65 -1.22
N LEU A 52 -5.44 -1.74 -1.50
CA LEU A 52 -5.95 -2.83 -2.36
C LEU A 52 -7.22 -3.36 -1.68
N GLY A 53 -7.04 -4.14 -0.61
CA GLY A 53 -8.08 -4.99 -0.04
C GLY A 53 -8.01 -6.37 -0.71
N PRO A 54 -7.01 -7.20 -0.37
CA PRO A 54 -6.85 -8.52 -0.98
C PRO A 54 -8.01 -9.45 -0.61
N ASP A 55 -8.36 -9.50 0.67
CA ASP A 55 -9.51 -10.22 1.23
C ASP A 55 -9.65 -9.80 2.68
N GLU A 56 -10.49 -8.81 2.95
CA GLU A 56 -10.76 -8.29 4.29
C GLU A 56 -12.10 -7.57 4.25
N SER A 57 -12.96 -7.77 5.26
CA SER A 57 -14.24 -7.09 5.38
C SER A 57 -13.95 -5.65 5.81
N LYS A 58 -14.06 -4.69 4.90
CA LYS A 58 -13.74 -3.28 5.14
C LYS A 58 -14.82 -2.39 4.56
N GLN A 59 -15.00 -2.40 3.24
CA GLN A 59 -15.90 -1.53 2.48
C GLN A 59 -15.44 -0.06 2.54
N LYS A 60 -15.51 0.59 3.71
CA LYS A 60 -15.12 1.99 3.97
C LYS A 60 -15.93 2.98 3.11
N PHE A 61 -17.06 2.56 2.55
CA PHE A 61 -17.81 3.27 1.52
C PHE A 61 -19.18 3.62 2.10
N VAL A 62 -19.20 4.52 3.08
CA VAL A 62 -20.42 5.09 3.63
C VAL A 62 -20.85 6.16 2.64
N LEU A 63 -21.63 5.78 1.63
CA LEU A 63 -22.31 6.73 0.76
C LEU A 63 -23.21 7.64 1.60
N LYS A 64 -23.54 8.82 1.09
CA LYS A 64 -24.34 9.82 1.82
C LYS A 64 -25.52 10.36 1.02
N THR A 65 -25.65 10.00 -0.25
CA THR A 65 -26.80 10.35 -1.09
C THR A 65 -26.80 9.35 -2.24
N PRO A 66 -27.98 8.98 -2.78
CA PRO A 66 -28.09 8.09 -3.93
C PRO A 66 -27.68 8.88 -5.18
N LYS A 67 -26.41 8.78 -5.55
CA LYS A 67 -25.92 9.40 -6.79
C LYS A 67 -26.73 8.83 -7.96
N SER A 68 -27.15 9.66 -8.89
CA SER A 68 -27.68 9.22 -10.17
C SER A 68 -27.53 10.35 -11.17
N GLY A 69 -27.36 10.01 -12.44
CA GLY A 69 -27.11 10.92 -13.53
C GLY A 69 -26.91 10.15 -14.83
N PRO A 70 -26.72 10.84 -15.97
CA PRO A 70 -26.55 10.22 -17.27
C PRO A 70 -25.20 9.47 -17.33
N SER A 71 -25.22 8.17 -17.04
CA SER A 71 -24.13 7.26 -17.38
C SER A 71 -24.01 7.15 -18.91
N SER A 72 -23.11 6.30 -19.36
CA SER A 72 -22.97 5.88 -20.75
C SER A 72 -23.02 4.36 -20.78
N GLY A 73 -23.87 3.80 -21.66
CA GLY A 73 -24.09 2.37 -21.80
C GLY A 73 -24.34 1.73 -20.45
N GLY A 1 -23.31 -13.56 -9.77
CA GLY A 1 -24.38 -12.60 -9.55
C GLY A 1 -24.01 -11.25 -10.13
N SER A 2 -23.41 -10.39 -9.33
CA SER A 2 -22.82 -9.12 -9.72
C SER A 2 -21.45 -9.36 -10.41
N SER A 3 -20.80 -8.32 -10.97
CA SER A 3 -19.40 -8.38 -11.39
C SER A 3 -18.48 -7.62 -10.43
N GLY A 4 -19.02 -6.86 -9.47
CA GLY A 4 -18.25 -6.21 -8.42
C GLY A 4 -17.54 -4.99 -8.99
N SER A 5 -16.26 -5.13 -9.36
CA SER A 5 -15.53 -4.26 -10.27
C SER A 5 -14.34 -5.06 -10.82
N SER A 6 -13.72 -4.52 -11.87
CA SER A 6 -12.57 -5.13 -12.53
C SER A 6 -11.58 -4.00 -12.84
N GLY A 7 -10.30 -4.32 -12.99
CA GLY A 7 -9.28 -3.35 -13.34
C GLY A 7 -7.93 -4.03 -13.26
N MET A 8 -7.71 -5.05 -14.07
CA MET A 8 -6.53 -5.90 -13.96
C MET A 8 -5.23 -5.14 -14.32
N ALA A 9 -5.32 -4.07 -15.12
CA ALA A 9 -4.18 -3.18 -15.38
C ALA A 9 -3.85 -2.34 -14.14
N GLU A 10 -4.89 -1.80 -13.49
CA GLU A 10 -4.72 -1.01 -12.27
C GLU A 10 -4.17 -1.91 -11.17
N ARG A 11 -4.75 -3.09 -10.99
CA ARG A 11 -4.26 -4.07 -10.03
C ARG A 11 -2.80 -4.40 -10.31
N ALA A 12 -2.33 -4.47 -11.56
CA ALA A 12 -0.93 -4.73 -11.81
C ALA A 12 -0.03 -3.57 -11.40
N ALA A 13 -0.46 -2.31 -11.56
CA ALA A 13 0.27 -1.15 -11.05
C ALA A 13 0.30 -1.15 -9.52
N LEU A 14 -0.83 -1.48 -8.91
CA LEU A 14 -1.00 -1.51 -7.46
C LEU A 14 -0.15 -2.64 -6.88
N GLU A 15 -0.09 -3.79 -7.56
CA GLU A 15 0.79 -4.91 -7.25
C GLU A 15 2.26 -4.56 -7.45
N GLU A 16 2.59 -3.62 -8.33
CA GLU A 16 3.93 -3.06 -8.48
C GLU A 16 4.27 -2.23 -7.25
N LEU A 17 3.37 -1.35 -6.83
CA LEU A 17 3.54 -0.49 -5.66
C LEU A 17 3.70 -1.30 -4.37
N VAL A 18 3.26 -2.54 -4.33
CA VAL A 18 3.45 -3.43 -3.18
C VAL A 18 4.67 -4.32 -3.36
N LYS A 19 4.96 -4.70 -4.60
CA LYS A 19 6.23 -5.36 -4.94
C LYS A 19 7.37 -4.44 -4.54
N LEU A 20 7.52 -3.31 -5.22
CA LEU A 20 8.72 -2.49 -5.16
C LEU A 20 8.90 -1.93 -3.76
N GLN A 21 7.83 -1.48 -3.10
CA GLN A 21 7.88 -1.04 -1.71
C GLN A 21 8.36 -2.19 -0.82
N GLY A 22 7.76 -3.38 -0.90
CA GLY A 22 8.11 -4.52 -0.07
C GLY A 22 9.56 -4.98 -0.30
N GLU A 23 9.95 -5.11 -1.56
CA GLU A 23 11.28 -5.44 -2.00
C GLU A 23 12.28 -4.39 -1.51
N ARG A 24 11.91 -3.11 -1.51
CA ARG A 24 12.79 -2.08 -1.03
C ARG A 24 12.90 -2.13 0.49
N VAL A 25 11.83 -2.39 1.24
CA VAL A 25 11.91 -2.57 2.70
C VAL A 25 12.87 -3.72 2.99
N ARG A 26 12.75 -4.84 2.27
CA ARG A 26 13.68 -5.96 2.39
C ARG A 26 15.12 -5.46 2.23
N GLY A 27 15.37 -4.77 1.12
CA GLY A 27 16.65 -4.15 0.81
C GLY A 27 17.11 -3.24 1.94
N LEU A 28 16.27 -2.33 2.44
CA LEU A 28 16.68 -1.34 3.43
C LEU A 28 17.03 -1.99 4.76
N LYS A 29 16.28 -3.01 5.17
CA LYS A 29 16.61 -3.83 6.33
C LYS A 29 17.99 -4.45 6.14
N GLN A 30 18.18 -5.17 5.04
CA GLN A 30 19.43 -5.84 4.66
C GLN A 30 20.60 -4.85 4.67
N GLN A 31 20.41 -3.66 4.09
CA GLN A 31 21.39 -2.58 3.97
C GLN A 31 21.74 -1.95 5.32
N LYS A 32 21.02 -2.35 6.37
CA LYS A 32 21.06 -1.74 7.69
C LYS A 32 20.94 -0.22 7.55
N ALA A 33 19.94 0.23 6.78
CA ALA A 33 19.50 1.61 6.80
C ALA A 33 18.95 1.95 8.19
N SER A 34 18.73 3.24 8.41
CA SER A 34 18.16 3.79 9.63
C SER A 34 16.81 3.12 9.93
N ALA A 35 16.59 2.78 11.20
CA ALA A 35 15.37 2.16 11.70
C ALA A 35 14.14 2.91 11.23
N GLU A 36 14.17 4.24 11.33
CA GLU A 36 13.03 5.07 11.01
C GLU A 36 12.80 5.23 9.51
N LEU A 37 13.80 4.94 8.66
CA LEU A 37 13.57 4.86 7.23
C LEU A 37 12.71 3.63 6.95
N ILE A 38 13.06 2.50 7.56
CA ILE A 38 12.29 1.27 7.47
C ILE A 38 10.89 1.51 8.03
N GLU A 39 10.73 2.20 9.18
CA GLU A 39 9.42 2.47 9.75
C GLU A 39 8.53 3.18 8.73
N GLU A 40 9.08 4.20 8.08
CA GLU A 40 8.38 5.01 7.13
C GLU A 40 7.82 4.12 6.03
N GLU A 41 8.70 3.28 5.48
CA GLU A 41 8.45 2.45 4.33
C GLU A 41 7.55 1.26 4.67
N VAL A 42 7.60 0.75 5.90
CA VAL A 42 6.73 -0.31 6.42
C VAL A 42 5.32 0.24 6.59
N ALA A 43 5.16 1.44 7.16
CA ALA A 43 3.88 2.10 7.26
C ALA A 43 3.30 2.33 5.86
N LYS A 44 4.09 2.86 4.92
CA LYS A 44 3.67 3.02 3.53
C LYS A 44 3.28 1.69 2.90
N LEU A 45 4.04 0.62 3.14
CA LEU A 45 3.75 -0.72 2.66
C LEU A 45 2.41 -1.20 3.21
N LEU A 46 2.23 -1.15 4.53
CA LEU A 46 1.01 -1.57 5.21
C LEU A 46 -0.20 -0.83 4.67
N LYS A 47 -0.13 0.51 4.63
CA LYS A 47 -1.19 1.36 4.12
C LYS A 47 -1.52 1.00 2.67
N LEU A 48 -0.52 0.81 1.80
CA LEU A 48 -0.74 0.34 0.45
C LEU A 48 -1.43 -1.01 0.43
N LYS A 49 -1.00 -2.00 1.21
CA LYS A 49 -1.68 -3.30 1.26
C LYS A 49 -3.13 -3.16 1.72
N ALA A 50 -3.46 -2.16 2.54
CA ALA A 50 -4.84 -1.85 2.92
C ALA A 50 -5.63 -1.19 1.78
N GLN A 51 -4.97 -0.44 0.89
CA GLN A 51 -5.58 0.09 -0.34
C GLN A 51 -5.88 -1.05 -1.31
N LEU A 52 -4.93 -1.99 -1.46
CA LEU A 52 -5.11 -3.22 -2.22
C LEU A 52 -6.15 -4.15 -1.58
N GLY A 53 -6.53 -3.93 -0.32
CA GLY A 53 -7.33 -4.83 0.49
C GLY A 53 -8.76 -4.29 0.66
N PRO A 54 -9.54 -4.84 1.61
CA PRO A 54 -10.81 -4.27 2.00
C PRO A 54 -10.50 -2.95 2.72
N ASP A 55 -11.19 -1.88 2.35
CA ASP A 55 -10.86 -0.53 2.78
C ASP A 55 -11.02 -0.41 4.28
N GLU A 56 -10.03 0.18 4.94
CA GLU A 56 -10.04 0.48 6.36
C GLU A 56 -10.58 1.88 6.61
N SER A 57 -10.98 2.17 7.85
CA SER A 57 -11.41 3.49 8.26
C SER A 57 -10.78 3.84 9.61
N LYS A 58 -10.45 5.12 9.80
CA LYS A 58 -9.81 5.66 11.00
C LYS A 58 -10.21 7.12 11.22
N GLN A 59 -10.11 7.96 10.19
CA GLN A 59 -10.29 9.40 10.32
C GLN A 59 -10.59 10.01 8.95
N LYS A 60 -11.65 10.84 8.89
CA LYS A 60 -12.13 11.61 7.74
C LYS A 60 -12.17 10.79 6.46
N PHE A 61 -13.33 10.20 6.14
CA PHE A 61 -13.49 9.30 5.01
C PHE A 61 -13.00 9.95 3.71
N VAL A 62 -12.50 9.14 2.78
CA VAL A 62 -11.87 9.59 1.54
C VAL A 62 -12.61 8.94 0.37
N LEU A 63 -13.61 9.64 -0.17
CA LEU A 63 -14.50 9.16 -1.23
C LEU A 63 -14.78 10.29 -2.22
N LYS A 64 -14.14 10.21 -3.39
CA LYS A 64 -14.23 11.18 -4.49
C LYS A 64 -13.93 12.59 -3.95
N THR A 65 -14.42 13.65 -4.58
CA THR A 65 -13.95 15.00 -4.31
C THR A 65 -15.07 15.90 -3.78
N PRO A 66 -14.74 16.91 -2.94
CA PRO A 66 -15.64 18.00 -2.61
C PRO A 66 -16.06 18.74 -3.89
N LYS A 67 -15.09 19.16 -4.72
CA LYS A 67 -15.28 19.92 -5.95
C LYS A 67 -16.35 20.99 -5.72
N SER A 68 -16.16 21.81 -4.69
CA SER A 68 -17.19 22.69 -4.16
C SER A 68 -16.57 24.00 -3.69
N GLY A 69 -16.97 25.13 -4.29
CA GLY A 69 -16.45 26.45 -3.99
C GLY A 69 -15.47 26.89 -5.08
N PRO A 70 -14.52 27.79 -4.77
CA PRO A 70 -13.49 28.17 -5.73
C PRO A 70 -12.66 26.97 -6.17
N SER A 71 -12.13 27.04 -7.40
CA SER A 71 -11.28 26.04 -8.02
C SER A 71 -10.14 26.78 -8.73
N SER A 72 -8.91 26.34 -8.51
CA SER A 72 -7.74 26.86 -9.22
C SER A 72 -7.53 26.06 -10.52
N GLY A 73 -6.56 26.48 -11.32
CA GLY A 73 -6.18 25.86 -12.59
C GLY A 73 -5.79 27.00 -13.49
N GLY A 1 -11.27 7.83 -17.79
CA GLY A 1 -11.44 6.62 -18.60
C GLY A 1 -12.67 6.77 -19.47
N SER A 2 -12.67 6.16 -20.66
CA SER A 2 -13.80 6.23 -21.58
C SER A 2 -13.89 5.02 -22.52
N SER A 3 -12.77 4.51 -23.03
CA SER A 3 -12.77 3.43 -24.02
C SER A 3 -11.67 2.39 -23.77
N GLY A 4 -10.55 2.79 -23.14
CA GLY A 4 -9.49 1.89 -22.72
C GLY A 4 -9.96 1.08 -21.52
N SER A 5 -9.50 -0.17 -21.41
CA SER A 5 -9.92 -1.10 -20.39
C SER A 5 -9.17 -0.82 -19.07
N SER A 6 -9.42 0.35 -18.46
CA SER A 6 -8.98 0.67 -17.12
C SER A 6 -9.63 -0.34 -16.17
N GLY A 7 -8.82 -1.06 -15.39
CA GLY A 7 -9.24 -2.17 -14.55
C GLY A 7 -7.99 -2.90 -14.06
N MET A 8 -7.57 -3.97 -14.74
CA MET A 8 -6.37 -4.71 -14.30
C MET A 8 -5.17 -3.79 -14.31
N ALA A 9 -4.97 -2.99 -15.35
CA ALA A 9 -3.87 -2.04 -15.44
C ALA A 9 -3.88 -0.96 -14.35
N GLU A 10 -4.91 -0.85 -13.52
CA GLU A 10 -4.90 -0.01 -12.33
C GLU A 10 -4.41 -0.85 -11.14
N ARG A 11 -5.00 -2.02 -10.92
CA ARG A 11 -4.62 -2.90 -9.81
C ARG A 11 -3.18 -3.35 -9.97
N ALA A 12 -2.75 -3.70 -11.18
CA ALA A 12 -1.40 -4.14 -11.49
C ALA A 12 -0.36 -3.04 -11.26
N ALA A 13 -0.74 -1.77 -11.42
CA ALA A 13 0.13 -0.64 -11.10
C ALA A 13 0.25 -0.50 -9.57
N LEU A 14 -0.89 -0.63 -8.87
CA LEU A 14 -0.93 -0.58 -7.42
C LEU A 14 -0.16 -1.75 -6.79
N GLU A 15 -0.25 -2.94 -7.39
CA GLU A 15 0.48 -4.15 -7.03
C GLU A 15 1.98 -3.94 -7.27
N GLU A 16 2.36 -3.25 -8.35
CA GLU A 16 3.74 -2.91 -8.67
C GLU A 16 4.35 -2.17 -7.49
N LEU A 17 3.66 -1.13 -7.03
CA LEU A 17 4.09 -0.34 -5.89
C LEU A 17 4.26 -1.24 -4.67
N VAL A 18 3.34 -2.15 -4.36
CA VAL A 18 3.46 -3.01 -3.18
C VAL A 18 4.66 -3.94 -3.32
N LYS A 19 4.85 -4.53 -4.50
CA LYS A 19 5.94 -5.42 -4.79
C LYS A 19 7.27 -4.69 -4.62
N LEU A 20 7.44 -3.52 -5.24
CA LEU A 20 8.61 -2.66 -5.15
C LEU A 20 8.85 -2.19 -3.73
N GLN A 21 7.81 -1.70 -3.05
CA GLN A 21 7.90 -1.21 -1.68
C GLN A 21 8.36 -2.36 -0.76
N GLY A 22 7.77 -3.54 -0.89
CA GLY A 22 8.12 -4.72 -0.12
C GLY A 22 9.55 -5.17 -0.40
N GLU A 23 9.93 -5.23 -1.69
CA GLU A 23 11.27 -5.59 -2.11
C GLU A 23 12.28 -4.58 -1.56
N ARG A 24 11.94 -3.28 -1.61
CA ARG A 24 12.76 -2.22 -1.05
C ARG A 24 12.92 -2.42 0.43
N VAL A 25 11.84 -2.57 1.20
CA VAL A 25 11.87 -2.72 2.65
C VAL A 25 12.85 -3.83 3.07
N ARG A 26 12.80 -5.02 2.47
CA ARG A 26 13.77 -6.07 2.82
C ARG A 26 15.18 -5.59 2.51
N GLY A 27 15.36 -4.98 1.35
CA GLY A 27 16.60 -4.35 0.95
C GLY A 27 17.07 -3.36 2.02
N LEU A 28 16.22 -2.44 2.48
CA LEU A 28 16.62 -1.41 3.43
C LEU A 28 17.04 -2.02 4.77
N LYS A 29 16.29 -3.01 5.26
CA LYS A 29 16.62 -3.77 6.46
C LYS A 29 18.00 -4.40 6.29
N GLN A 30 18.23 -5.09 5.17
CA GLN A 30 19.52 -5.64 4.80
C GLN A 30 20.59 -4.53 4.82
N GLN A 31 20.32 -3.35 4.24
CA GLN A 31 21.30 -2.32 3.95
C GLN A 31 21.67 -1.52 5.19
N LYS A 32 20.96 -1.75 6.31
CA LYS A 32 21.14 -1.05 7.56
C LYS A 32 21.02 0.45 7.32
N ALA A 33 20.00 0.83 6.54
CA ALA A 33 19.54 2.20 6.41
C ALA A 33 18.96 2.66 7.77
N SER A 34 18.61 3.93 7.90
CA SER A 34 18.01 4.46 9.11
C SER A 34 16.74 3.68 9.47
N ALA A 35 16.57 3.35 10.76
CA ALA A 35 15.37 2.67 11.21
C ALA A 35 14.12 3.52 10.92
N GLU A 36 14.22 4.85 11.00
CA GLU A 36 13.15 5.81 10.69
C GLU A 36 12.74 5.73 9.22
N LEU A 37 13.65 5.31 8.34
CA LEU A 37 13.32 5.08 6.94
C LEU A 37 12.61 3.74 6.84
N ILE A 38 13.22 2.69 7.39
CA ILE A 38 12.76 1.31 7.32
C ILE A 38 11.31 1.22 7.82
N GLU A 39 11.04 1.66 9.04
CA GLU A 39 9.77 1.45 9.68
C GLU A 39 8.68 2.28 9.01
N GLU A 40 8.99 3.47 8.50
CA GLU A 40 8.05 4.31 7.81
C GLU A 40 7.73 3.75 6.42
N GLU A 41 8.73 3.20 5.70
CA GLU A 41 8.52 2.53 4.43
C GLU A 41 7.65 1.26 4.64
N VAL A 42 7.75 0.61 5.80
CA VAL A 42 6.85 -0.47 6.20
C VAL A 42 5.46 0.10 6.49
N ALA A 43 5.33 1.15 7.31
CA ALA A 43 4.07 1.79 7.60
C ALA A 43 3.36 2.22 6.31
N LYS A 44 4.10 2.67 5.30
CA LYS A 44 3.60 2.94 3.96
C LYS A 44 3.17 1.65 3.28
N LEU A 45 4.03 0.61 3.22
CA LEU A 45 3.72 -0.70 2.65
C LEU A 45 2.40 -1.24 3.23
N LEU A 46 2.19 -1.09 4.53
CA LEU A 46 1.02 -1.53 5.27
C LEU A 46 -0.23 -0.84 4.72
N LYS A 47 -0.34 0.47 4.88
CA LYS A 47 -1.53 1.19 4.45
C LYS A 47 -1.72 1.16 2.93
N LEU A 48 -0.64 1.04 2.15
CA LEU A 48 -0.71 0.79 0.70
C LEU A 48 -1.47 -0.50 0.42
N LYS A 49 -1.13 -1.59 1.12
CA LYS A 49 -1.76 -2.89 0.90
C LYS A 49 -3.25 -2.87 1.25
N ALA A 50 -3.70 -1.98 2.14
CA ALA A 50 -5.13 -1.84 2.39
C ALA A 50 -5.86 -1.45 1.10
N GLN A 51 -5.28 -0.55 0.28
CA GLN A 51 -5.88 -0.10 -0.98
C GLN A 51 -6.11 -1.26 -1.94
N LEU A 52 -5.15 -2.20 -2.00
CA LEU A 52 -5.20 -3.41 -2.81
C LEU A 52 -6.22 -4.44 -2.32
N GLY A 53 -6.83 -4.27 -1.14
CA GLY A 53 -7.65 -5.27 -0.50
C GLY A 53 -8.85 -4.59 0.16
N PRO A 54 -9.19 -4.93 1.41
CA PRO A 54 -10.26 -4.28 2.15
C PRO A 54 -9.80 -2.87 2.58
N ASP A 55 -9.91 -1.91 1.66
CA ASP A 55 -9.63 -0.50 1.89
C ASP A 55 -10.59 0.04 2.96
N GLU A 56 -10.09 1.00 3.75
CA GLU A 56 -10.80 1.68 4.81
C GLU A 56 -10.48 3.18 4.66
N SER A 57 -11.16 3.84 3.73
CA SER A 57 -10.97 5.24 3.38
C SER A 57 -11.53 6.18 4.47
N LYS A 58 -10.92 6.19 5.66
CA LYS A 58 -11.38 7.02 6.77
C LYS A 58 -11.21 8.52 6.52
N GLN A 59 -10.32 8.94 5.62
CA GLN A 59 -10.24 10.31 5.14
C GLN A 59 -9.40 10.34 3.86
N LYS A 60 -9.57 11.39 3.04
CA LYS A 60 -8.83 11.66 1.78
C LYS A 60 -9.16 10.65 0.69
N PHE A 61 -8.50 10.84 -0.47
CA PHE A 61 -8.68 10.11 -1.71
C PHE A 61 -7.36 9.49 -2.21
N VAL A 62 -6.25 9.72 -1.50
CA VAL A 62 -4.92 9.13 -1.75
C VAL A 62 -4.57 9.15 -3.25
N LEU A 63 -4.34 10.36 -3.80
CA LEU A 63 -4.11 10.62 -5.23
C LEU A 63 -2.74 11.26 -5.47
N LYS A 64 -2.33 11.41 -6.74
CA LYS A 64 -1.02 11.94 -7.15
C LYS A 64 -1.21 13.13 -8.10
N THR A 65 -0.14 13.56 -8.75
CA THR A 65 -0.09 14.68 -9.69
C THR A 65 0.84 14.27 -10.82
N PRO A 66 0.49 14.50 -12.10
CA PRO A 66 1.41 14.32 -13.21
C PRO A 66 2.44 15.46 -13.16
N LYS A 67 3.73 15.12 -13.26
CA LYS A 67 4.81 16.09 -13.09
C LYS A 67 6.02 15.63 -13.89
N SER A 68 6.27 16.30 -15.02
CA SER A 68 7.33 16.06 -15.99
C SER A 68 7.50 14.57 -16.29
N GLY A 69 6.54 14.03 -17.04
CA GLY A 69 6.54 12.68 -17.56
C GLY A 69 7.40 12.59 -18.81
N PRO A 70 8.58 11.95 -18.79
CA PRO A 70 9.40 11.77 -19.98
C PRO A 70 8.72 10.74 -20.88
N SER A 71 8.22 11.18 -22.03
CA SER A 71 7.73 10.25 -23.04
C SER A 71 8.94 9.61 -23.71
N SER A 72 9.30 8.39 -23.30
CA SER A 72 10.47 7.70 -23.84
C SER A 72 10.17 7.12 -25.23
N GLY A 73 8.99 6.55 -25.42
CA GLY A 73 8.46 6.15 -26.70
C GLY A 73 6.96 6.31 -26.65
N GLY A 1 -16.07 6.69 -0.21
CA GLY A 1 -15.15 6.61 0.94
C GLY A 1 -13.76 7.01 0.50
N SER A 2 -12.73 6.38 1.06
CA SER A 2 -11.35 6.68 0.73
C SER A 2 -11.05 6.54 -0.77
N SER A 3 -9.93 7.12 -1.21
CA SER A 3 -9.47 7.00 -2.58
C SER A 3 -9.10 5.54 -2.92
N GLY A 4 -9.05 5.24 -4.23
CA GLY A 4 -8.77 3.93 -4.78
C GLY A 4 -9.13 3.95 -6.28
N SER A 5 -8.93 2.84 -6.97
CA SER A 5 -9.37 2.61 -8.35
C SER A 5 -9.96 1.20 -8.45
N SER A 6 -10.64 0.87 -9.54
CA SER A 6 -11.39 -0.37 -9.65
C SER A 6 -11.34 -0.92 -11.07
N GLY A 7 -10.17 -1.32 -11.53
CA GLY A 7 -9.98 -2.09 -12.76
C GLY A 7 -8.67 -2.86 -12.67
N MET A 8 -8.46 -3.83 -13.57
CA MET A 8 -7.30 -4.71 -13.50
C MET A 8 -6.01 -3.95 -13.77
N ALA A 9 -5.92 -3.20 -14.87
CA ALA A 9 -4.69 -2.50 -15.21
C ALA A 9 -4.31 -1.48 -14.14
N GLU A 10 -5.29 -0.87 -13.48
CA GLU A 10 -5.09 0.05 -12.35
C GLU A 10 -4.57 -0.73 -11.15
N ARG A 11 -5.22 -1.85 -10.81
CA ARG A 11 -4.88 -2.66 -9.65
C ARG A 11 -3.47 -3.23 -9.78
N ALA A 12 -3.15 -3.81 -10.94
CA ALA A 12 -1.82 -4.35 -11.24
C ALA A 12 -0.75 -3.26 -11.11
N ALA A 13 -0.99 -2.09 -11.70
CA ALA A 13 -0.07 -0.96 -11.61
C ALA A 13 0.16 -0.52 -10.17
N LEU A 14 -0.83 -0.70 -9.28
CA LEU A 14 -0.69 -0.37 -7.87
C LEU A 14 0.06 -1.48 -7.13
N GLU A 15 -0.20 -2.73 -7.50
CA GLU A 15 0.47 -3.90 -6.96
C GLU A 15 1.98 -3.84 -7.23
N GLU A 16 2.41 -3.26 -8.35
CA GLU A 16 3.81 -2.95 -8.61
C GLU A 16 4.43 -2.10 -7.52
N LEU A 17 3.72 -1.08 -7.01
CA LEU A 17 4.25 -0.27 -5.91
C LEU A 17 4.32 -1.11 -4.65
N VAL A 18 3.31 -1.94 -4.35
CA VAL A 18 3.35 -2.82 -3.19
C VAL A 18 4.56 -3.78 -3.29
N LYS A 19 4.78 -4.39 -4.46
CA LYS A 19 5.83 -5.34 -4.76
C LYS A 19 7.19 -4.70 -4.54
N LEU A 20 7.46 -3.59 -5.20
CA LEU A 20 8.71 -2.84 -5.13
C LEU A 20 8.94 -2.29 -3.74
N GLN A 21 7.94 -1.67 -3.11
CA GLN A 21 8.03 -1.22 -1.72
C GLN A 21 8.38 -2.40 -0.82
N GLY A 22 7.74 -3.55 -1.01
CA GLY A 22 8.01 -4.77 -0.27
C GLY A 22 9.43 -5.26 -0.47
N GLU A 23 9.86 -5.41 -1.73
CA GLU A 23 11.20 -5.85 -2.08
C GLU A 23 12.25 -4.90 -1.51
N ARG A 24 12.05 -3.60 -1.67
CA ARG A 24 12.99 -2.60 -1.19
C ARG A 24 13.02 -2.60 0.33
N VAL A 25 11.88 -2.65 1.03
CA VAL A 25 11.82 -2.82 2.48
C VAL A 25 12.68 -4.01 2.94
N ARG A 26 12.53 -5.18 2.29
CA ARG A 26 13.34 -6.36 2.62
C ARG A 26 14.83 -6.05 2.46
N GLY A 27 15.20 -5.26 1.46
CA GLY A 27 16.57 -4.83 1.21
C GLY A 27 17.04 -3.69 2.12
N LEU A 28 16.18 -2.80 2.59
CA LEU A 28 16.59 -1.63 3.39
C LEU A 28 17.19 -2.10 4.72
N LYS A 29 16.67 -3.21 5.25
CA LYS A 29 17.18 -3.87 6.46
C LYS A 29 18.54 -4.52 6.21
N GLN A 30 18.87 -4.88 4.97
CA GLN A 30 20.20 -5.34 4.59
C GLN A 30 21.12 -4.12 4.47
N GLN A 31 20.68 -3.05 3.78
CA GLN A 31 21.45 -1.86 3.49
C GLN A 31 21.76 -1.04 4.75
N LYS A 32 21.22 -1.46 5.90
CA LYS A 32 21.18 -0.74 7.18
C LYS A 32 20.91 0.74 6.94
N ALA A 33 19.76 1.02 6.31
CA ALA A 33 19.20 2.36 6.18
C ALA A 33 18.70 2.84 7.55
N SER A 34 18.23 4.09 7.61
CA SER A 34 17.66 4.69 8.82
C SER A 34 16.55 3.82 9.41
N ALA A 35 16.55 3.66 10.73
CA ALA A 35 15.56 2.87 11.44
C ALA A 35 14.16 3.43 11.26
N GLU A 36 14.05 4.76 11.27
CA GLU A 36 12.78 5.45 11.07
C GLU A 36 12.30 5.29 9.64
N LEU A 37 13.20 5.34 8.66
CA LEU A 37 12.84 5.17 7.26
C LEU A 37 12.29 3.76 7.04
N ILE A 38 12.88 2.76 7.68
CA ILE A 38 12.41 1.38 7.67
C ILE A 38 11.00 1.32 8.26
N GLU A 39 10.73 1.95 9.41
CA GLU A 39 9.38 2.01 9.96
C GLU A 39 8.42 2.72 9.01
N GLU A 40 8.86 3.82 8.39
CA GLU A 40 8.08 4.63 7.47
C GLU A 40 7.70 3.81 6.24
N GLU A 41 8.67 3.10 5.66
CA GLU A 41 8.48 2.38 4.42
C GLU A 41 7.66 1.11 4.66
N VAL A 42 7.73 0.50 5.85
CA VAL A 42 6.84 -0.56 6.29
C VAL A 42 5.44 0.02 6.53
N ALA A 43 5.30 1.18 7.18
CA ALA A 43 4.02 1.83 7.41
C ALA A 43 3.35 2.20 6.08
N LYS A 44 4.14 2.64 5.08
CA LYS A 44 3.70 2.82 3.71
C LYS A 44 3.26 1.50 3.11
N LEU A 45 4.08 0.46 3.18
CA LEU A 45 3.74 -0.85 2.65
C LEU A 45 2.42 -1.36 3.25
N LEU A 46 2.20 -1.15 4.56
CA LEU A 46 0.96 -1.46 5.25
C LEU A 46 -0.21 -0.68 4.65
N LYS A 47 -0.21 0.66 4.74
CA LYS A 47 -1.35 1.46 4.26
C LYS A 47 -1.59 1.29 2.76
N LEU A 48 -0.55 1.10 1.95
CA LEU A 48 -0.69 0.76 0.53
C LEU A 48 -1.52 -0.50 0.37
N LYS A 49 -1.11 -1.62 0.98
CA LYS A 49 -1.85 -2.88 0.88
C LYS A 49 -3.30 -2.72 1.35
N ALA A 50 -3.51 -1.90 2.38
CA ALA A 50 -4.84 -1.65 2.93
C ALA A 50 -5.73 -0.87 1.95
N GLN A 51 -5.18 -0.13 0.98
CA GLN A 51 -5.92 0.53 -0.09
C GLN A 51 -6.25 -0.43 -1.23
N LEU A 52 -5.33 -1.35 -1.57
CA LEU A 52 -5.60 -2.41 -2.55
C LEU A 52 -6.79 -3.26 -2.09
N GLY A 53 -6.68 -3.81 -0.87
CA GLY A 53 -7.58 -4.85 -0.41
C GLY A 53 -7.15 -6.18 -1.04
N PRO A 54 -6.58 -7.14 -0.28
CA PRO A 54 -6.26 -8.50 -0.75
C PRO A 54 -7.45 -9.32 -1.26
N ASP A 55 -8.64 -8.74 -1.30
CA ASP A 55 -9.93 -9.38 -1.49
C ASP A 55 -10.93 -8.32 -1.93
N GLU A 56 -12.17 -8.74 -2.06
CA GLU A 56 -13.25 -8.11 -2.80
C GLU A 56 -14.56 -8.49 -2.11
N SER A 57 -15.68 -7.97 -2.62
CA SER A 57 -17.07 -8.28 -2.25
C SER A 57 -17.29 -8.75 -0.80
N LYS A 58 -16.85 -7.95 0.19
CA LYS A 58 -17.29 -8.09 1.58
C LYS A 58 -18.53 -7.25 1.79
N GLN A 59 -19.41 -7.71 2.66
CA GLN A 59 -20.43 -6.88 3.29
C GLN A 59 -19.77 -5.90 4.27
N LYS A 60 -20.52 -4.90 4.76
CA LYS A 60 -20.01 -3.92 5.72
C LYS A 60 -19.66 -4.55 7.06
N PHE A 61 -18.94 -3.78 7.87
CA PHE A 61 -18.58 -4.08 9.23
C PHE A 61 -18.35 -2.75 9.95
N VAL A 62 -18.10 -2.80 11.25
CA VAL A 62 -17.43 -1.71 11.95
C VAL A 62 -15.93 -1.91 11.75
N LEU A 63 -15.20 -0.83 11.47
CA LEU A 63 -13.75 -0.77 11.48
C LEU A 63 -13.37 0.69 11.73
N LYS A 64 -12.12 0.96 12.12
CA LYS A 64 -11.55 2.30 12.13
C LYS A 64 -10.17 2.23 11.49
N THR A 65 -9.65 3.36 11.05
CA THR A 65 -8.37 3.47 10.34
C THR A 65 -7.88 4.92 10.48
N PRO A 66 -6.58 5.18 10.49
CA PRO A 66 -6.07 6.54 10.66
C PRO A 66 -6.20 7.33 9.34
N LYS A 67 -6.32 8.66 9.48
CA LYS A 67 -6.41 9.64 8.39
C LYS A 67 -5.73 10.93 8.84
N SER A 68 -5.64 11.94 7.97
CA SER A 68 -4.91 13.17 8.19
C SER A 68 -3.42 12.87 8.40
N GLY A 69 -2.71 13.74 9.11
CA GLY A 69 -1.29 13.65 9.39
C GLY A 69 -0.93 14.80 10.34
N PRO A 70 0.32 14.85 10.84
CA PRO A 70 0.79 15.94 11.69
C PRO A 70 0.85 17.22 10.87
N SER A 71 -0.12 18.12 11.08
CA SER A 71 -0.31 19.33 10.29
C SER A 71 -0.48 19.00 8.78
N SER A 72 -0.49 20.02 7.92
CA SER A 72 -0.65 19.87 6.49
C SER A 72 0.05 21.04 5.82
N GLY A 73 0.86 20.73 4.80
CA GLY A 73 1.84 21.64 4.26
C GLY A 73 3.01 21.62 5.22
N GLY A 1 -16.38 7.77 -1.16
CA GLY A 1 -17.01 7.16 -2.33
C GLY A 1 -16.38 5.81 -2.63
N SER A 2 -16.06 5.55 -3.89
CA SER A 2 -15.40 4.33 -4.33
C SER A 2 -13.99 4.20 -3.73
N SER A 3 -13.43 2.99 -3.79
CA SER A 3 -12.02 2.71 -3.54
C SER A 3 -11.61 1.67 -4.59
N GLY A 4 -10.29 1.56 -4.84
CA GLY A 4 -9.72 0.64 -5.80
C GLY A 4 -10.12 0.99 -7.23
N SER A 5 -9.75 0.13 -8.17
CA SER A 5 -10.02 0.31 -9.58
C SER A 5 -10.37 -1.03 -10.21
N SER A 6 -11.49 -1.11 -10.93
CA SER A 6 -12.00 -2.30 -11.60
C SER A 6 -11.19 -2.68 -12.87
N GLY A 7 -9.92 -2.32 -12.95
CA GLY A 7 -9.02 -2.67 -14.05
C GLY A 7 -7.97 -3.62 -13.53
N MET A 8 -7.75 -4.75 -14.22
CA MET A 8 -6.67 -5.67 -13.87
C MET A 8 -5.32 -4.97 -14.01
N ALA A 9 -5.17 -4.13 -15.04
CA ALA A 9 -4.05 -3.23 -15.28
C ALA A 9 -3.92 -2.18 -14.18
N GLU A 10 -5.02 -1.56 -13.76
CA GLU A 10 -4.99 -0.56 -12.69
C GLU A 10 -4.52 -1.19 -11.38
N ARG A 11 -5.03 -2.39 -11.07
CA ARG A 11 -4.57 -3.15 -9.92
C ARG A 11 -3.11 -3.53 -10.12
N ALA A 12 -2.71 -3.99 -11.30
CA ALA A 12 -1.34 -4.44 -11.56
C ALA A 12 -0.32 -3.35 -11.24
N ALA A 13 -0.65 -2.10 -11.57
CA ALA A 13 0.19 -0.94 -11.26
C ALA A 13 0.30 -0.73 -9.74
N LEU A 14 -0.78 -0.91 -8.98
CA LEU A 14 -0.76 -0.76 -7.53
C LEU A 14 -0.10 -1.98 -6.86
N GLU A 15 -0.27 -3.18 -7.42
CA GLU A 15 0.42 -4.40 -7.03
C GLU A 15 1.92 -4.22 -7.25
N GLU A 16 2.32 -3.52 -8.33
CA GLU A 16 3.70 -3.15 -8.60
C GLU A 16 4.25 -2.33 -7.45
N LEU A 17 3.51 -1.30 -7.02
CA LEU A 17 3.94 -0.43 -5.94
C LEU A 17 4.14 -1.26 -4.68
N VAL A 18 3.23 -2.17 -4.34
CA VAL A 18 3.40 -3.07 -3.21
C VAL A 18 4.63 -3.96 -3.41
N LYS A 19 4.80 -4.58 -4.57
CA LYS A 19 5.90 -5.48 -4.89
C LYS A 19 7.23 -4.78 -4.75
N LEU A 20 7.42 -3.63 -5.39
CA LEU A 20 8.64 -2.84 -5.35
C LEU A 20 8.89 -2.34 -3.95
N GLN A 21 7.87 -1.77 -3.30
CA GLN A 21 8.03 -1.26 -1.94
C GLN A 21 8.35 -2.40 -0.97
N GLY A 22 7.79 -3.58 -1.17
CA GLY A 22 8.13 -4.80 -0.44
C GLY A 22 9.59 -5.16 -0.68
N GLU A 23 10.01 -5.23 -1.96
CA GLU A 23 11.37 -5.49 -2.37
C GLU A 23 12.33 -4.53 -1.64
N ARG A 24 12.04 -3.23 -1.67
CA ARG A 24 12.89 -2.18 -1.12
C ARG A 24 12.90 -2.23 0.40
N VAL A 25 11.77 -2.42 1.09
CA VAL A 25 11.72 -2.59 2.54
C VAL A 25 12.61 -3.75 2.98
N ARG A 26 12.44 -4.93 2.38
CA ARG A 26 13.28 -6.08 2.71
C ARG A 26 14.75 -5.77 2.43
N GLY A 27 15.03 -4.96 1.43
CA GLY A 27 16.35 -4.42 1.15
C GLY A 27 16.83 -3.48 2.23
N LEU A 28 16.05 -2.48 2.66
CA LEU A 28 16.51 -1.43 3.57
C LEU A 28 17.01 -2.03 4.89
N LYS A 29 16.31 -3.05 5.38
CA LYS A 29 16.67 -3.76 6.60
C LYS A 29 17.98 -4.55 6.46
N GLN A 30 18.29 -5.05 5.25
CA GLN A 30 19.54 -5.69 4.88
C GLN A 30 20.65 -4.63 4.71
N GLN A 31 20.35 -3.51 4.04
CA GLN A 31 21.29 -2.47 3.68
C GLN A 31 21.67 -1.65 4.92
N LYS A 32 21.00 -1.87 6.05
CA LYS A 32 21.18 -1.17 7.31
C LYS A 32 21.04 0.34 7.07
N ALA A 33 19.95 0.71 6.42
CA ALA A 33 19.53 2.10 6.26
C ALA A 33 19.03 2.67 7.60
N SER A 34 18.60 3.92 7.61
CA SER A 34 18.03 4.59 8.78
C SER A 34 16.84 3.78 9.32
N ALA A 35 16.85 3.48 10.62
CA ALA A 35 15.85 2.65 11.27
C ALA A 35 14.45 3.26 11.23
N GLU A 36 14.35 4.59 11.26
CA GLU A 36 13.09 5.32 11.17
C GLU A 36 12.54 5.24 9.74
N LEU A 37 13.38 5.45 8.72
CA LEU A 37 13.01 5.27 7.31
C LEU A 37 12.45 3.87 7.10
N ILE A 38 13.13 2.86 7.63
CA ILE A 38 12.71 1.48 7.61
C ILE A 38 11.27 1.35 8.11
N GLU A 39 10.95 1.91 9.27
CA GLU A 39 9.61 1.83 9.85
C GLU A 39 8.60 2.65 9.05
N GLU A 40 8.97 3.82 8.56
CA GLU A 40 8.11 4.68 7.77
C GLU A 40 7.69 3.98 6.48
N GLU A 41 8.66 3.41 5.77
CA GLU A 41 8.46 2.75 4.49
C GLU A 41 7.62 1.49 4.70
N VAL A 42 7.83 0.76 5.80
CA VAL A 42 6.99 -0.37 6.21
C VAL A 42 5.55 0.12 6.45
N ALA A 43 5.37 1.19 7.23
CA ALA A 43 4.05 1.71 7.58
C ALA A 43 3.28 2.07 6.32
N LYS A 44 3.96 2.69 5.36
CA LYS A 44 3.42 3.14 4.09
C LYS A 44 3.17 1.98 3.13
N LEU A 45 4.03 0.95 3.10
CA LEU A 45 3.78 -0.33 2.43
C LEU A 45 2.53 -0.99 2.97
N LEU A 46 2.39 -1.06 4.29
CA LEU A 46 1.22 -1.60 4.96
C LEU A 46 -0.04 -0.83 4.56
N LYS A 47 0.03 0.50 4.55
CA LYS A 47 -1.11 1.34 4.16
C LYS A 47 -1.47 1.10 2.70
N LEU A 48 -0.49 0.98 1.79
CA LEU A 48 -0.74 0.59 0.40
C LEU A 48 -1.50 -0.74 0.37
N LYS A 49 -0.98 -1.77 1.04
CA LYS A 49 -1.60 -3.09 1.03
C LYS A 49 -3.04 -3.05 1.54
N ALA A 50 -3.35 -2.20 2.52
CA ALA A 50 -4.71 -2.05 3.01
C ALA A 50 -5.63 -1.54 1.89
N GLN A 51 -5.15 -0.68 1.00
CA GLN A 51 -5.92 -0.21 -0.14
C GLN A 51 -6.13 -1.31 -1.19
N LEU A 52 -5.11 -2.11 -1.46
CA LEU A 52 -5.20 -3.27 -2.35
C LEU A 52 -6.18 -4.33 -1.85
N GLY A 53 -6.27 -4.54 -0.54
CA GLY A 53 -6.99 -5.65 0.08
C GLY A 53 -8.48 -5.31 0.15
N PRO A 54 -9.33 -5.87 -0.71
CA PRO A 54 -10.72 -5.46 -0.81
C PRO A 54 -11.50 -5.90 0.43
N ASP A 55 -12.59 -5.20 0.73
CA ASP A 55 -13.60 -5.56 1.71
C ASP A 55 -12.97 -5.85 3.07
N GLU A 56 -12.29 -4.83 3.62
CA GLU A 56 -11.78 -4.92 4.98
C GLU A 56 -12.97 -4.86 5.95
N SER A 57 -13.16 -5.94 6.71
CA SER A 57 -14.18 -6.01 7.73
C SER A 57 -13.66 -5.26 8.97
N LYS A 58 -13.86 -3.94 9.01
CA LYS A 58 -13.57 -3.12 10.18
C LYS A 58 -14.68 -2.09 10.34
N GLN A 59 -14.87 -1.57 11.55
CA GLN A 59 -15.85 -0.52 11.80
C GLN A 59 -15.38 0.80 11.17
N LYS A 60 -16.31 1.69 10.85
CA LYS A 60 -16.03 2.94 10.17
C LYS A 60 -15.42 3.97 11.12
N PHE A 61 -14.10 4.13 11.13
CA PHE A 61 -13.44 5.18 11.92
C PHE A 61 -13.59 6.56 11.26
N VAL A 62 -14.06 6.64 10.01
CA VAL A 62 -14.48 7.86 9.31
C VAL A 62 -13.39 8.94 9.39
N LEU A 63 -12.16 8.59 9.02
CA LEU A 63 -11.02 9.46 9.16
C LEU A 63 -10.08 9.26 7.98
N LYS A 64 -10.22 10.09 6.94
CA LYS A 64 -9.17 10.22 5.94
C LYS A 64 -7.95 10.82 6.64
N THR A 65 -6.85 10.08 6.73
CA THR A 65 -5.56 10.63 7.08
C THR A 65 -5.19 11.66 6.00
N PRO A 66 -4.36 12.67 6.33
CA PRO A 66 -3.70 13.52 5.36
C PRO A 66 -2.65 12.75 4.53
N LYS A 67 -1.81 13.50 3.81
CA LYS A 67 -0.56 13.03 3.20
C LYS A 67 0.59 13.99 3.52
N SER A 68 0.32 15.28 3.76
CA SER A 68 1.30 16.24 4.24
C SER A 68 0.62 17.27 5.13
N GLY A 69 1.43 18.04 5.84
CA GLY A 69 1.04 19.25 6.54
C GLY A 69 1.22 20.48 5.65
N PRO A 70 0.97 21.69 6.20
CA PRO A 70 1.21 22.95 5.52
C PRO A 70 2.71 23.22 5.35
N SER A 71 3.43 23.52 6.44
CA SER A 71 4.88 23.55 6.50
C SER A 71 5.21 23.11 7.93
N SER A 72 5.88 21.98 8.09
CA SER A 72 6.21 21.38 9.38
C SER A 72 7.43 22.03 10.04
N GLY A 73 7.61 23.34 9.90
CA GLY A 73 8.73 24.08 10.45
C GLY A 73 8.32 25.51 10.72
N GLY A 1 -5.06 7.81 -4.70
CA GLY A 1 -5.65 7.53 -6.00
C GLY A 1 -7.07 7.01 -5.85
N SER A 2 -7.46 6.09 -6.74
CA SER A 2 -8.77 5.45 -6.77
C SER A 2 -9.06 4.61 -5.53
N SER A 3 -10.29 4.09 -5.44
CA SER A 3 -10.84 3.38 -4.30
C SER A 3 -11.37 2.04 -4.83
N GLY A 4 -12.43 2.05 -5.64
CA GLY A 4 -12.88 0.93 -6.44
C GLY A 4 -12.08 0.95 -7.75
N SER A 5 -12.71 1.43 -8.83
CA SER A 5 -12.16 1.51 -10.19
C SER A 5 -11.26 0.31 -10.54
N SER A 6 -11.83 -0.90 -10.49
CA SER A 6 -11.07 -2.12 -10.74
C SER A 6 -10.71 -2.24 -12.22
N GLY A 7 -9.77 -3.14 -12.49
CA GLY A 7 -9.31 -3.58 -13.79
C GLY A 7 -8.10 -4.46 -13.58
N MET A 8 -7.78 -5.34 -14.52
CA MET A 8 -6.57 -6.15 -14.47
C MET A 8 -5.33 -5.28 -14.65
N ALA A 9 -5.39 -4.31 -15.58
CA ALA A 9 -4.30 -3.39 -15.85
C ALA A 9 -4.03 -2.53 -14.61
N GLU A 10 -5.11 -2.03 -14.00
CA GLU A 10 -5.07 -1.31 -12.73
C GLU A 10 -4.43 -2.18 -11.65
N ARG A 11 -4.86 -3.44 -11.53
CA ARG A 11 -4.36 -4.31 -10.48
C ARG A 11 -2.85 -4.48 -10.63
N ALA A 12 -2.37 -4.90 -11.80
CA ALA A 12 -0.95 -5.13 -12.01
C ALA A 12 -0.12 -3.86 -11.74
N ALA A 13 -0.62 -2.70 -12.17
CA ALA A 13 0.04 -1.42 -11.93
C ALA A 13 0.17 -1.13 -10.43
N LEU A 14 -0.86 -1.44 -9.64
CA LEU A 14 -0.82 -1.24 -8.19
C LEU A 14 0.02 -2.32 -7.51
N GLU A 15 -0.02 -3.55 -8.02
CA GLU A 15 0.76 -4.68 -7.51
C GLU A 15 2.25 -4.34 -7.64
N GLU A 16 2.66 -3.59 -8.67
CA GLU A 16 4.01 -3.10 -8.82
C GLU A 16 4.40 -2.25 -7.61
N LEU A 17 3.55 -1.28 -7.23
CA LEU A 17 3.84 -0.38 -6.12
C LEU A 17 3.97 -1.17 -4.81
N VAL A 18 3.11 -2.17 -4.60
CA VAL A 18 3.16 -3.03 -3.42
C VAL A 18 4.42 -3.87 -3.42
N LYS A 19 4.71 -4.56 -4.53
CA LYS A 19 5.86 -5.41 -4.72
C LYS A 19 7.09 -4.60 -4.40
N LEU A 20 7.29 -3.47 -5.07
CA LEU A 20 8.50 -2.67 -4.97
C LEU A 20 8.65 -2.12 -3.55
N GLN A 21 7.57 -1.67 -2.90
CA GLN A 21 7.64 -1.24 -1.51
C GLN A 21 8.10 -2.41 -0.61
N GLY A 22 7.54 -3.60 -0.80
CA GLY A 22 7.93 -4.82 -0.09
C GLY A 22 9.40 -5.15 -0.30
N GLU A 23 9.81 -5.19 -1.56
CA GLU A 23 11.16 -5.51 -2.01
C GLU A 23 12.13 -4.53 -1.35
N ARG A 24 11.86 -3.22 -1.47
CA ARG A 24 12.72 -2.18 -0.95
C ARG A 24 12.91 -2.35 0.53
N VAL A 25 11.85 -2.47 1.32
CA VAL A 25 11.97 -2.62 2.78
C VAL A 25 12.84 -3.83 3.13
N ARG A 26 12.69 -4.98 2.45
CA ARG A 26 13.56 -6.14 2.69
C ARG A 26 15.03 -5.82 2.34
N GLY A 27 15.27 -4.88 1.43
CA GLY A 27 16.59 -4.36 1.12
C GLY A 27 17.08 -3.34 2.15
N LEU A 28 16.24 -2.39 2.58
CA LEU A 28 16.63 -1.33 3.51
C LEU A 28 17.22 -1.91 4.79
N LYS A 29 16.63 -3.01 5.27
CA LYS A 29 17.09 -3.76 6.44
C LYS A 29 18.50 -4.30 6.21
N GLN A 30 18.74 -5.00 5.09
CA GLN A 30 20.05 -5.50 4.71
C GLN A 30 21.06 -4.35 4.64
N GLN A 31 20.64 -3.22 4.05
CA GLN A 31 21.46 -2.04 3.76
C GLN A 31 21.78 -1.26 5.03
N LYS A 32 21.29 -1.69 6.21
CA LYS A 32 21.39 -0.96 7.48
C LYS A 32 20.99 0.51 7.32
N ALA A 33 19.98 0.80 6.50
CA ALA A 33 19.40 2.14 6.45
C ALA A 33 18.87 2.52 7.84
N SER A 34 18.65 3.81 8.05
CA SER A 34 18.10 4.37 9.27
C SER A 34 16.86 3.58 9.69
N ALA A 35 16.80 3.24 10.98
CA ALA A 35 15.70 2.47 11.54
C ALA A 35 14.36 3.16 11.25
N GLU A 36 14.34 4.49 11.26
CA GLU A 36 13.17 5.27 10.91
C GLU A 36 12.73 5.02 9.47
N LEU A 37 13.66 5.02 8.49
CA LEU A 37 13.32 4.87 7.08
C LEU A 37 12.53 3.57 6.87
N ILE A 38 13.09 2.48 7.38
CA ILE A 38 12.51 1.14 7.39
C ILE A 38 11.09 1.19 7.96
N GLU A 39 10.92 1.85 9.10
CA GLU A 39 9.64 2.00 9.79
C GLU A 39 8.61 2.72 8.93
N GLU A 40 9.00 3.88 8.40
CA GLU A 40 8.18 4.76 7.63
C GLU A 40 7.69 4.02 6.36
N GLU A 41 8.61 3.29 5.73
CA GLU A 41 8.35 2.51 4.53
C GLU A 41 7.55 1.23 4.81
N VAL A 42 7.64 0.62 6.00
CA VAL A 42 6.79 -0.48 6.47
C VAL A 42 5.36 0.00 6.64
N ALA A 43 5.17 1.16 7.27
CA ALA A 43 3.87 1.79 7.40
C ALA A 43 3.32 2.02 6.00
N LYS A 44 4.10 2.59 5.08
CA LYS A 44 3.61 2.83 3.72
C LYS A 44 3.29 1.55 2.97
N LEU A 45 4.07 0.48 3.16
CA LEU A 45 3.78 -0.84 2.63
C LEU A 45 2.44 -1.37 3.16
N LEU A 46 2.15 -1.16 4.45
CA LEU A 46 0.88 -1.48 5.06
C LEU A 46 -0.25 -0.66 4.44
N LYS A 47 -0.11 0.67 4.42
CA LYS A 47 -1.09 1.62 3.90
C LYS A 47 -1.45 1.28 2.45
N LEU A 48 -0.47 1.02 1.60
CA LEU A 48 -0.71 0.54 0.24
C LEU A 48 -1.54 -0.73 0.27
N LYS A 49 -1.10 -1.78 0.99
CA LYS A 49 -1.86 -3.03 1.04
C LYS A 49 -3.31 -2.83 1.52
N ALA A 50 -3.56 -1.88 2.43
CA ALA A 50 -4.90 -1.60 2.93
C ALA A 50 -5.85 -1.10 1.83
N GLN A 51 -5.33 -0.50 0.75
CA GLN A 51 -6.13 -0.14 -0.42
C GLN A 51 -6.44 -1.37 -1.27
N LEU A 52 -5.43 -2.22 -1.55
CA LEU A 52 -5.60 -3.46 -2.33
C LEU A 52 -6.71 -4.29 -1.68
N GLY A 53 -6.56 -4.68 -0.43
CA GLY A 53 -7.55 -5.49 0.24
C GLY A 53 -7.08 -5.84 1.65
N PRO A 54 -7.99 -5.84 2.63
CA PRO A 54 -7.63 -6.19 3.99
C PRO A 54 -7.27 -7.68 4.11
N ASP A 55 -7.95 -8.56 3.38
CA ASP A 55 -7.99 -9.99 3.66
C ASP A 55 -6.99 -10.72 2.77
N GLU A 56 -5.70 -10.52 3.07
CA GLU A 56 -4.62 -11.02 2.23
C GLU A 56 -3.32 -11.19 3.03
N SER A 57 -3.40 -11.82 4.20
CA SER A 57 -2.24 -12.10 5.05
C SER A 57 -2.10 -13.57 5.48
N LYS A 58 -3.15 -14.40 5.37
CA LYS A 58 -3.05 -15.85 5.54
C LYS A 58 -4.18 -16.52 4.78
N GLN A 59 -4.05 -17.81 4.50
CA GLN A 59 -5.12 -18.65 3.96
C GLN A 59 -5.12 -19.98 4.68
N LYS A 60 -6.24 -20.70 4.59
CA LYS A 60 -6.42 -22.00 5.21
C LYS A 60 -6.02 -23.12 4.24
N PHE A 61 -6.10 -22.91 2.93
CA PHE A 61 -5.39 -23.77 1.99
C PHE A 61 -3.90 -23.46 2.18
N VAL A 62 -3.10 -24.48 2.43
CA VAL A 62 -1.66 -24.34 2.63
C VAL A 62 -0.99 -25.41 1.77
N LEU A 63 -0.61 -25.02 0.56
CA LEU A 63 0.16 -25.88 -0.34
C LEU A 63 1.54 -26.12 0.27
N LYS A 64 2.05 -27.33 0.11
CA LYS A 64 3.47 -27.61 0.36
C LYS A 64 4.23 -27.28 -0.91
N THR A 65 4.04 -28.09 -1.94
CA THR A 65 4.75 -27.99 -3.20
C THR A 65 4.58 -26.60 -3.85
N PRO A 66 5.52 -26.18 -4.71
CA PRO A 66 5.49 -24.84 -5.28
C PRO A 66 4.39 -24.74 -6.34
N LYS A 67 4.18 -23.56 -6.91
CA LYS A 67 3.22 -23.36 -8.00
C LYS A 67 3.60 -22.11 -8.77
N SER A 68 3.09 -21.99 -9.99
CA SER A 68 3.27 -20.89 -10.93
C SER A 68 4.69 -20.78 -11.52
N GLY A 69 5.63 -21.65 -11.16
CA GLY A 69 6.89 -21.83 -11.87
C GLY A 69 7.03 -23.24 -12.43
N PRO A 70 6.13 -23.70 -13.33
CA PRO A 70 6.08 -25.08 -13.81
C PRO A 70 7.38 -25.52 -14.50
N SER A 71 7.91 -24.72 -15.42
CA SER A 71 9.24 -24.81 -15.99
C SER A 71 9.52 -23.45 -16.64
N SER A 72 10.72 -22.92 -16.43
CA SER A 72 11.24 -21.69 -17.00
C SER A 72 12.70 -21.64 -16.55
N GLY A 73 13.61 -21.77 -17.52
CA GLY A 73 15.04 -21.66 -17.32
C GLY A 73 15.58 -21.47 -18.71
N GLY A 1 -8.39 4.23 -8.94
CA GLY A 1 -8.00 3.33 -7.85
C GLY A 1 -8.98 2.18 -7.79
N SER A 2 -9.74 2.04 -6.70
CA SER A 2 -10.84 1.09 -6.62
C SER A 2 -12.04 1.72 -5.91
N SER A 3 -13.22 1.17 -6.21
CA SER A 3 -14.44 1.27 -5.42
C SER A 3 -15.38 0.06 -5.70
N GLY A 4 -15.12 -0.72 -6.77
CA GLY A 4 -15.92 -1.87 -7.11
C GLY A 4 -15.21 -2.79 -8.10
N SER A 5 -15.19 -2.42 -9.37
CA SER A 5 -14.60 -3.24 -10.43
C SER A 5 -13.10 -3.44 -10.17
N SER A 6 -12.56 -4.62 -10.49
CA SER A 6 -11.14 -4.93 -10.38
C SER A 6 -10.61 -5.14 -11.78
N GLY A 7 -10.03 -4.10 -12.39
CA GLY A 7 -9.35 -4.20 -13.68
C GLY A 7 -8.00 -4.85 -13.43
N MET A 8 -7.75 -6.04 -13.99
CA MET A 8 -6.52 -6.79 -13.80
C MET A 8 -5.27 -5.99 -14.22
N ALA A 9 -5.41 -5.07 -15.18
CA ALA A 9 -4.34 -4.14 -15.52
C ALA A 9 -4.00 -3.29 -14.30
N GLU A 10 -5.00 -2.59 -13.77
CA GLU A 10 -4.85 -1.68 -12.64
C GLU A 10 -4.45 -2.43 -11.37
N ARG A 11 -4.88 -3.69 -11.22
CA ARG A 11 -4.51 -4.56 -10.11
C ARG A 11 -3.00 -4.73 -10.15
N ALA A 12 -2.45 -5.14 -11.30
CA ALA A 12 -1.01 -5.31 -11.48
C ALA A 12 -0.27 -4.01 -11.18
N ALA A 13 -0.76 -2.86 -11.67
CA ALA A 13 -0.09 -1.59 -11.43
C ALA A 13 -0.14 -1.14 -9.97
N LEU A 14 -1.18 -1.50 -9.21
CA LEU A 14 -1.30 -1.18 -7.79
C LEU A 14 -0.39 -2.11 -6.98
N GLU A 15 -0.37 -3.38 -7.37
CA GLU A 15 0.48 -4.44 -6.85
C GLU A 15 1.95 -4.12 -7.05
N GLU A 16 2.32 -3.44 -8.13
CA GLU A 16 3.69 -3.07 -8.44
C GLU A 16 4.26 -2.25 -7.29
N LEU A 17 3.50 -1.24 -6.86
CA LEU A 17 3.89 -0.36 -5.76
C LEU A 17 4.09 -1.18 -4.49
N VAL A 18 3.17 -2.10 -4.18
CA VAL A 18 3.28 -2.99 -3.01
C VAL A 18 4.54 -3.84 -3.11
N LYS A 19 4.73 -4.55 -4.24
CA LYS A 19 5.82 -5.46 -4.48
C LYS A 19 7.12 -4.72 -4.30
N LEU A 20 7.36 -3.66 -5.07
CA LEU A 20 8.61 -2.92 -5.05
C LEU A 20 8.83 -2.28 -3.70
N GLN A 21 7.78 -1.80 -3.02
CA GLN A 21 7.93 -1.26 -1.68
C GLN A 21 8.48 -2.34 -0.75
N GLY A 22 7.86 -3.54 -0.73
CA GLY A 22 8.34 -4.63 0.12
C GLY A 22 9.74 -5.11 -0.28
N GLU A 23 9.99 -5.29 -1.57
CA GLU A 23 11.29 -5.69 -2.08
C GLU A 23 12.36 -4.64 -1.76
N ARG A 24 11.98 -3.36 -1.65
CA ARG A 24 12.84 -2.29 -1.15
C ARG A 24 13.02 -2.39 0.35
N VAL A 25 11.98 -2.69 1.14
CA VAL A 25 12.08 -2.80 2.61
C VAL A 25 13.09 -3.89 2.95
N ARG A 26 12.99 -5.07 2.33
CA ARG A 26 13.96 -6.14 2.58
C ARG A 26 15.38 -5.67 2.24
N GLY A 27 15.54 -4.97 1.13
CA GLY A 27 16.79 -4.34 0.77
C GLY A 27 17.25 -3.34 1.82
N LEU A 28 16.39 -2.44 2.30
CA LEU A 28 16.80 -1.40 3.24
C LEU A 28 17.22 -2.00 4.59
N LYS A 29 16.50 -2.99 5.11
CA LYS A 29 16.91 -3.76 6.29
C LYS A 29 18.26 -4.43 6.08
N GLN A 30 18.52 -5.01 4.90
CA GLN A 30 19.80 -5.62 4.57
C GLN A 30 20.91 -4.56 4.50
N GLN A 31 20.64 -3.41 3.89
CA GLN A 31 21.50 -2.25 3.75
C GLN A 31 21.75 -1.55 5.11
N LYS A 32 21.16 -2.06 6.19
CA LYS A 32 21.19 -1.52 7.53
C LYS A 32 20.79 -0.05 7.52
N ALA A 33 19.80 0.28 6.70
CA ALA A 33 19.23 1.61 6.62
C ALA A 33 18.67 2.02 7.96
N SER A 34 18.40 3.33 8.08
CA SER A 34 17.90 3.97 9.28
C SER A 34 16.58 3.31 9.70
N ALA A 35 16.47 2.96 10.98
CA ALA A 35 15.28 2.32 11.53
C ALA A 35 14.02 3.13 11.27
N GLU A 36 14.15 4.46 11.26
CA GLU A 36 13.12 5.43 10.97
C GLU A 36 12.54 5.18 9.57
N LEU A 37 13.41 5.23 8.55
CA LEU A 37 13.05 5.02 7.16
C LEU A 37 12.39 3.66 7.00
N ILE A 38 12.87 2.64 7.68
CA ILE A 38 12.28 1.32 7.59
C ILE A 38 10.85 1.37 8.16
N GLU A 39 10.61 1.97 9.33
CA GLU A 39 9.27 2.05 9.89
C GLU A 39 8.36 2.99 9.08
N GLU A 40 8.89 4.00 8.39
CA GLU A 40 8.19 4.77 7.37
C GLU A 40 7.74 3.87 6.24
N GLU A 41 8.69 3.12 5.66
CA GLU A 41 8.47 2.34 4.47
C GLU A 41 7.55 1.15 4.73
N VAL A 42 7.60 0.58 5.93
CA VAL A 42 6.71 -0.46 6.43
C VAL A 42 5.31 0.12 6.61
N ALA A 43 5.15 1.30 7.20
CA ALA A 43 3.87 2.00 7.33
C ALA A 43 3.27 2.27 5.95
N LYS A 44 4.09 2.76 5.02
CA LYS A 44 3.73 2.93 3.62
C LYS A 44 3.26 1.61 3.05
N LEU A 45 4.06 0.55 3.15
CA LEU A 45 3.72 -0.77 2.63
C LEU A 45 2.37 -1.25 3.19
N LEU A 46 2.12 -1.07 4.49
CA LEU A 46 0.87 -1.39 5.17
C LEU A 46 -0.30 -0.62 4.55
N LYS A 47 -0.29 0.71 4.66
CA LYS A 47 -1.42 1.53 4.20
C LYS A 47 -1.65 1.38 2.69
N LEU A 48 -0.59 1.16 1.91
CA LEU A 48 -0.66 0.84 0.49
C LEU A 48 -1.41 -0.48 0.30
N LYS A 49 -1.01 -1.54 1.01
CA LYS A 49 -1.63 -2.86 0.93
C LYS A 49 -3.10 -2.85 1.34
N ALA A 50 -3.54 -1.89 2.16
CA ALA A 50 -4.94 -1.80 2.56
C ALA A 50 -5.85 -1.56 1.35
N GLN A 51 -5.40 -0.72 0.41
CA GLN A 51 -6.14 -0.36 -0.79
C GLN A 51 -6.51 -1.60 -1.61
N LEU A 52 -5.57 -2.53 -1.76
CA LEU A 52 -5.73 -3.77 -2.52
C LEU A 52 -6.77 -4.73 -1.92
N GLY A 53 -7.28 -4.49 -0.71
CA GLY A 53 -8.31 -5.33 -0.09
C GLY A 53 -7.69 -6.38 0.83
N PRO A 54 -7.63 -6.14 2.16
CA PRO A 54 -7.13 -7.14 3.10
C PRO A 54 -8.10 -8.32 3.17
N ASP A 55 -7.57 -9.54 3.19
CA ASP A 55 -8.38 -10.75 3.26
C ASP A 55 -9.12 -10.82 4.59
N GLU A 56 -10.22 -11.56 4.61
CA GLU A 56 -11.31 -11.38 5.57
C GLU A 56 -11.74 -12.73 6.10
N SER A 57 -11.07 -13.20 7.16
CA SER A 57 -11.28 -14.53 7.73
C SER A 57 -11.26 -14.41 9.26
N LYS A 58 -10.08 -14.43 9.87
CA LYS A 58 -9.90 -14.35 11.31
C LYS A 58 -10.39 -12.98 11.78
N GLN A 59 -11.41 -12.98 12.66
CA GLN A 59 -12.13 -11.80 13.15
C GLN A 59 -12.27 -10.71 12.09
N LYS A 60 -13.04 -10.97 11.02
CA LYS A 60 -13.56 -9.85 10.24
C LYS A 60 -14.82 -9.33 10.93
N PHE A 61 -15.21 -8.08 10.66
CA PHE A 61 -16.43 -7.48 11.18
C PHE A 61 -16.81 -6.36 10.23
N VAL A 62 -17.77 -6.59 9.33
CA VAL A 62 -18.02 -5.74 8.17
C VAL A 62 -19.51 -5.58 7.92
N LEU A 63 -19.96 -4.37 7.56
CA LEU A 63 -21.33 -4.11 7.11
C LEU A 63 -21.28 -3.49 5.71
N LYS A 64 -21.29 -2.16 5.59
CA LYS A 64 -21.42 -1.41 4.34
C LYS A 64 -20.46 -0.23 4.40
N THR A 65 -19.19 -0.49 4.11
CA THR A 65 -18.11 0.46 4.34
C THR A 65 -17.10 0.37 3.18
N PRO A 66 -17.16 1.25 2.17
CA PRO A 66 -16.08 1.34 1.20
C PRO A 66 -14.78 1.82 1.85
N LYS A 67 -14.87 2.65 2.89
CA LYS A 67 -13.78 3.35 3.55
C LYS A 67 -12.78 3.92 2.52
N SER A 68 -13.31 4.60 1.49
CA SER A 68 -12.60 5.05 0.31
C SER A 68 -13.16 6.40 -0.12
N GLY A 69 -12.40 7.19 -0.88
CA GLY A 69 -12.79 8.53 -1.31
C GLY A 69 -12.00 8.89 -2.57
N PRO A 70 -12.60 8.86 -3.77
CA PRO A 70 -11.87 9.09 -5.01
C PRO A 70 -11.54 10.58 -5.17
N SER A 71 -12.58 11.41 -5.13
CA SER A 71 -12.51 12.86 -5.12
C SER A 71 -13.82 13.31 -4.48
N SER A 72 -14.92 13.13 -5.22
CA SER A 72 -16.27 13.57 -4.81
C SER A 72 -16.41 15.10 -4.73
N GLY A 73 -15.46 15.86 -5.31
CA GLY A 73 -15.62 17.26 -5.62
C GLY A 73 -15.57 17.35 -7.13
#